data_2CPH
#
_entry.id   2CPH
#
_entity_poly.entity_id   1
_entity_poly.type   'polypeptide(L)'
_entity_poly.pdbx_seq_one_letter_code
;GSSGSSGQVPKKQTTSKILVRNIPFQANQREIRELFSTFGELKTVRLPKKMTGTGAHRGFGFVDFITKQDAKKAFNALCH
STHLYGRRLVLEWADSEVTVQSGPSSG
;
_entity_poly.pdbx_strand_id   A
#
# COMPACT_ATOMS: atom_id res chain seq x y z
N GLY A 1 14.87 11.87 -3.19
CA GLY A 1 15.06 12.17 -1.78
C GLY A 1 13.77 12.54 -1.09
N SER A 2 13.09 11.55 -0.53
CA SER A 2 11.82 11.78 0.16
C SER A 2 11.92 11.34 1.62
N SER A 3 12.26 12.28 2.49
CA SER A 3 12.39 12.00 3.91
C SER A 3 11.28 12.66 4.70
N GLY A 4 10.21 11.91 4.97
CA GLY A 4 9.09 12.45 5.72
C GLY A 4 8.94 11.80 7.08
N SER A 5 9.96 11.93 7.91
CA SER A 5 9.94 11.34 9.25
C SER A 5 9.61 12.41 10.30
N SER A 6 8.31 12.64 10.50
CA SER A 6 7.85 13.62 11.47
C SER A 6 6.43 13.32 11.92
N GLY A 7 5.98 14.02 12.96
CA GLY A 7 4.64 13.80 13.48
C GLY A 7 4.61 13.67 14.99
N GLN A 8 3.46 13.96 15.59
CA GLN A 8 3.31 13.86 17.03
C GLN A 8 3.83 12.53 17.55
N VAL A 9 3.77 12.35 18.87
CA VAL A 9 4.24 11.12 19.50
C VAL A 9 3.74 9.89 18.74
N PRO A 10 4.55 8.83 18.73
CA PRO A 10 4.21 7.58 18.05
C PRO A 10 3.08 6.82 18.75
N LYS A 11 2.16 6.29 17.95
CA LYS A 11 1.02 5.55 18.49
C LYS A 11 1.33 4.05 18.55
N LYS A 12 0.83 3.39 19.58
CA LYS A 12 1.05 1.96 19.75
C LYS A 12 1.01 1.24 18.40
N GLN A 13 -0.12 1.34 17.72
CA GLN A 13 -0.28 0.70 16.42
C GLN A 13 0.24 1.59 15.30
N THR A 14 1.09 1.03 14.45
CA THR A 14 1.66 1.78 13.34
C THR A 14 0.78 1.68 12.09
N THR A 15 0.86 2.68 11.24
CA THR A 15 0.08 2.71 10.00
C THR A 15 0.42 1.52 9.12
N SER A 16 -0.49 0.56 9.04
CA SER A 16 -0.29 -0.63 8.22
C SER A 16 -1.02 -0.50 6.88
N LYS A 17 -0.35 0.07 5.90
CA LYS A 17 -0.93 0.24 4.57
C LYS A 17 0.13 0.06 3.48
N ILE A 18 -0.02 -1.00 2.71
CA ILE A 18 0.92 -1.29 1.62
C ILE A 18 0.40 -0.75 0.29
N LEU A 19 1.05 0.29 -0.21
CA LEU A 19 0.66 0.90 -1.48
C LEU A 19 1.63 0.52 -2.58
N VAL A 20 1.23 -0.40 -3.44
CA VAL A 20 2.07 -0.85 -4.55
C VAL A 20 1.92 0.07 -5.77
N ARG A 21 3.02 0.69 -6.18
CA ARG A 21 3.01 1.59 -7.32
C ARG A 21 3.78 0.99 -8.49
N ASN A 22 3.76 1.68 -9.63
CA ASN A 22 4.44 1.22 -10.82
C ASN A 22 3.92 -0.14 -11.27
N ILE A 23 2.60 -0.30 -11.21
CA ILE A 23 1.97 -1.55 -11.61
C ILE A 23 1.74 -1.60 -13.12
N PRO A 24 1.99 -2.75 -13.73
CA PRO A 24 1.82 -2.96 -15.17
C PRO A 24 0.35 -2.96 -15.58
N PHE A 25 0.09 -2.53 -16.81
CA PHE A 25 -1.28 -2.48 -17.32
C PHE A 25 -1.88 -3.88 -17.40
N GLN A 26 -1.04 -4.89 -17.23
CA GLN A 26 -1.49 -6.28 -17.29
C GLN A 26 -1.98 -6.73 -15.91
N ALA A 27 -1.47 -6.10 -14.87
CA ALA A 27 -1.86 -6.45 -13.50
C ALA A 27 -3.31 -6.05 -13.22
N ASN A 28 -4.01 -6.89 -12.47
CA ASN A 28 -5.41 -6.63 -12.15
C ASN A 28 -5.66 -6.85 -10.65
N GLN A 29 -6.84 -6.45 -10.19
CA GLN A 29 -7.20 -6.59 -8.79
C GLN A 29 -6.81 -7.97 -8.27
N ARG A 30 -7.40 -9.01 -8.86
CA ARG A 30 -7.11 -10.38 -8.46
C ARG A 30 -5.61 -10.64 -8.45
N GLU A 31 -4.91 -10.11 -9.44
CA GLU A 31 -3.47 -10.28 -9.54
C GLU A 31 -2.78 -9.90 -8.23
N ILE A 32 -3.00 -8.66 -7.79
CA ILE A 32 -2.41 -8.17 -6.55
C ILE A 32 -2.99 -8.88 -5.33
N ARG A 33 -4.32 -8.97 -5.29
CA ARG A 33 -5.01 -9.62 -4.19
C ARG A 33 -4.24 -10.85 -3.72
N GLU A 34 -4.12 -11.85 -4.60
CA GLU A 34 -3.41 -13.08 -4.27
C GLU A 34 -1.92 -12.81 -4.09
N LEU A 35 -1.33 -12.09 -5.03
CA LEU A 35 0.08 -11.75 -4.98
C LEU A 35 0.52 -11.47 -3.55
N PHE A 36 -0.35 -10.79 -2.79
CA PHE A 36 -0.05 -10.46 -1.40
C PHE A 36 -0.71 -11.45 -0.45
N SER A 37 -1.95 -11.81 -0.75
CA SER A 37 -2.70 -12.75 0.09
C SER A 37 -1.84 -13.96 0.44
N THR A 38 -1.14 -14.49 -0.57
CA THR A 38 -0.29 -15.66 -0.38
C THR A 38 0.56 -15.51 0.88
N PHE A 39 0.94 -14.28 1.19
CA PHE A 39 1.76 -14.00 2.37
C PHE A 39 0.90 -14.01 3.63
N GLY A 40 -0.33 -13.55 3.51
CA GLY A 40 -1.23 -13.51 4.65
C GLY A 40 -2.59 -12.93 4.30
N GLU A 41 -3.52 -12.98 5.25
CA GLU A 41 -4.87 -12.46 5.04
C GLU A 41 -4.82 -10.95 4.75
N LEU A 42 -5.53 -10.53 3.71
CA LEU A 42 -5.57 -9.13 3.33
C LEU A 42 -6.92 -8.51 3.70
N LYS A 43 -6.88 -7.38 4.41
CA LYS A 43 -8.09 -6.70 4.82
C LYS A 43 -8.97 -6.37 3.62
N THR A 44 -8.38 -5.73 2.61
CA THR A 44 -9.12 -5.36 1.41
C THR A 44 -8.17 -4.88 0.32
N VAL A 45 -8.31 -5.44 -0.88
CA VAL A 45 -7.47 -5.05 -2.01
C VAL A 45 -8.19 -4.10 -2.94
N ARG A 46 -7.75 -2.84 -2.96
CA ARG A 46 -8.36 -1.83 -3.80
C ARG A 46 -7.50 -1.56 -5.04
N LEU A 47 -8.14 -1.55 -6.20
CA LEU A 47 -7.44 -1.31 -7.46
C LEU A 47 -8.27 -0.44 -8.39
N PRO A 48 -7.58 0.40 -9.19
CA PRO A 48 -8.25 1.30 -10.14
C PRO A 48 -8.88 0.56 -11.30
N LYS A 49 -10.13 0.91 -11.62
CA LYS A 49 -10.86 0.27 -12.71
C LYS A 49 -11.12 1.27 -13.83
N LYS A 50 -10.91 0.83 -15.07
CA LYS A 50 -11.13 1.68 -16.24
C LYS A 50 -12.47 2.40 -16.13
N MET A 51 -12.45 3.72 -16.32
CA MET A 51 -13.66 4.52 -16.26
C MET A 51 -13.81 5.38 -17.50
N THR A 52 -15.05 5.68 -17.87
CA THR A 52 -15.33 6.49 -19.05
C THR A 52 -14.35 7.64 -19.16
N GLY A 53 -13.28 7.44 -19.94
CA GLY A 53 -12.29 8.48 -20.11
C GLY A 53 -10.92 7.92 -20.43
N THR A 54 -9.94 8.81 -20.59
CA THR A 54 -8.57 8.39 -20.91
C THR A 54 -7.95 7.63 -19.75
N GLY A 55 -7.22 6.56 -20.07
CA GLY A 55 -6.58 5.76 -19.05
C GLY A 55 -7.53 4.77 -18.41
N ALA A 56 -7.17 3.49 -18.44
CA ALA A 56 -7.99 2.45 -17.86
C ALA A 56 -7.55 2.13 -16.43
N HIS A 57 -6.43 1.42 -16.31
CA HIS A 57 -5.90 1.05 -15.00
C HIS A 57 -4.56 1.73 -14.74
N ARG A 58 -4.55 2.67 -13.81
CA ARG A 58 -3.33 3.40 -13.47
C ARG A 58 -2.29 2.46 -12.86
N GLY A 59 -1.15 3.03 -12.49
CA GLY A 59 -0.09 2.22 -11.89
C GLY A 59 0.01 2.41 -10.40
N PHE A 60 -1.06 2.08 -9.68
CA PHE A 60 -1.09 2.23 -8.23
C PHE A 60 -2.15 1.32 -7.62
N GLY A 61 -1.80 0.65 -6.52
CA GLY A 61 -2.73 -0.24 -5.86
C GLY A 61 -2.60 -0.18 -4.35
N PHE A 62 -3.73 -0.32 -3.66
CA PHE A 62 -3.75 -0.28 -2.21
C PHE A 62 -4.00 -1.68 -1.62
N VAL A 63 -3.13 -2.10 -0.72
CA VAL A 63 -3.26 -3.41 -0.10
C VAL A 63 -3.22 -3.30 1.43
N ASP A 64 -4.28 -3.78 2.07
CA ASP A 64 -4.37 -3.73 3.53
C ASP A 64 -4.29 -5.14 4.12
N PHE A 65 -3.52 -5.27 5.21
CA PHE A 65 -3.35 -6.56 5.87
C PHE A 65 -4.14 -6.60 7.18
N ILE A 66 -4.33 -7.81 7.70
CA ILE A 66 -5.08 -8.00 8.94
C ILE A 66 -4.30 -7.44 10.13
N THR A 67 -3.00 -7.74 10.17
CA THR A 67 -2.15 -7.28 11.26
C THR A 67 -0.89 -6.61 10.72
N LYS A 68 -0.24 -5.81 11.56
CA LYS A 68 0.97 -5.11 11.17
C LYS A 68 2.04 -6.10 10.71
N GLN A 69 2.23 -7.16 11.48
CA GLN A 69 3.22 -8.18 11.14
C GLN A 69 3.07 -8.63 9.69
N ASP A 70 1.96 -9.29 9.38
CA ASP A 70 1.71 -9.77 8.03
C ASP A 70 2.04 -8.68 7.00
N ALA A 71 1.79 -7.43 7.37
CA ALA A 71 2.06 -6.30 6.47
C ALA A 71 3.56 -6.04 6.37
N LYS A 72 4.27 -6.22 7.49
CA LYS A 72 5.71 -6.01 7.52
C LYS A 72 6.44 -7.09 6.73
N LYS A 73 6.13 -8.34 7.03
CA LYS A 73 6.75 -9.47 6.35
C LYS A 73 6.46 -9.43 4.85
N ALA A 74 5.23 -9.09 4.49
CA ALA A 74 4.83 -9.02 3.10
C ALA A 74 5.47 -7.81 2.41
N PHE A 75 5.27 -6.63 2.98
CA PHE A 75 5.83 -5.41 2.44
C PHE A 75 7.28 -5.61 2.02
N ASN A 76 8.08 -6.14 2.93
CA ASN A 76 9.49 -6.37 2.66
C ASN A 76 9.66 -7.57 1.71
N ALA A 77 8.94 -8.65 1.99
CA ALA A 77 9.01 -9.85 1.16
C ALA A 77 8.96 -9.49 -0.32
N LEU A 78 8.19 -8.47 -0.66
CA LEU A 78 8.05 -8.04 -2.04
C LEU A 78 8.93 -6.83 -2.33
N CYS A 79 8.79 -5.80 -1.51
CA CYS A 79 9.58 -4.58 -1.67
C CYS A 79 10.99 -4.90 -2.16
N HIS A 80 11.66 -5.82 -1.46
CA HIS A 80 13.02 -6.21 -1.82
C HIS A 80 13.19 -6.22 -3.34
N SER A 81 12.41 -7.06 -4.02
CA SER A 81 12.48 -7.16 -5.46
C SER A 81 11.28 -7.92 -6.02
N THR A 82 10.36 -7.18 -6.66
CA THR A 82 9.17 -7.78 -7.23
C THR A 82 9.03 -7.43 -8.71
N HIS A 83 9.13 -8.44 -9.56
CA HIS A 83 9.01 -8.23 -11.01
C HIS A 83 7.71 -8.84 -11.53
N LEU A 84 6.87 -8.00 -12.14
CA LEU A 84 5.60 -8.45 -12.69
C LEU A 84 5.43 -7.97 -14.11
N TYR A 85 5.33 -8.91 -15.04
CA TYR A 85 5.15 -8.58 -16.46
C TYR A 85 6.35 -7.80 -16.98
N GLY A 86 7.53 -8.08 -16.42
CA GLY A 86 8.73 -7.38 -16.84
C GLY A 86 8.83 -5.99 -16.27
N ARG A 87 8.22 -5.78 -15.10
CA ARG A 87 8.24 -4.47 -14.46
C ARG A 87 8.55 -4.61 -12.97
N ARG A 88 9.45 -3.75 -12.48
CA ARG A 88 9.84 -3.77 -11.08
C ARG A 88 8.88 -2.94 -10.23
N LEU A 89 7.95 -3.60 -9.57
CA LEU A 89 6.97 -2.92 -8.73
C LEU A 89 7.66 -2.17 -7.60
N VAL A 90 7.04 -1.08 -7.16
CA VAL A 90 7.59 -0.27 -6.08
C VAL A 90 6.66 -0.24 -4.88
N LEU A 91 7.04 -0.95 -3.82
CA LEU A 91 6.24 -1.01 -2.61
C LEU A 91 6.60 0.13 -1.65
N GLU A 92 5.60 0.89 -1.23
CA GLU A 92 5.81 2.01 -0.33
C GLU A 92 4.65 2.15 0.65
N TRP A 93 4.94 2.62 1.86
CA TRP A 93 3.92 2.79 2.88
C TRP A 93 3.14 4.08 2.64
N ALA A 94 1.88 3.94 2.25
CA ALA A 94 1.02 5.10 1.99
C ALA A 94 1.19 6.16 3.08
N ASP A 95 1.45 7.39 2.65
CA ASP A 95 1.62 8.50 3.59
C ASP A 95 0.27 9.03 4.06
N SER A 96 0.11 9.12 5.38
CA SER A 96 -1.13 9.61 5.96
C SER A 96 -0.97 11.05 6.43
N GLU A 97 -2.09 11.76 6.55
CA GLU A 97 -2.08 13.15 6.99
C GLU A 97 -2.34 13.25 8.49
N VAL A 98 -1.59 14.11 9.16
CA VAL A 98 -1.74 14.31 10.60
C VAL A 98 -2.98 15.14 10.92
N THR A 99 -3.95 14.52 11.57
CA THR A 99 -5.19 15.21 11.93
C THR A 99 -5.44 15.13 13.44
N VAL A 100 -5.49 16.28 14.09
CA VAL A 100 -5.72 16.34 15.52
C VAL A 100 -7.21 16.48 15.83
N GLN A 101 -7.73 15.53 16.61
CA GLN A 101 -9.14 15.54 16.98
C GLN A 101 -9.39 16.53 18.12
N SER A 102 -10.65 16.95 18.25
CA SER A 102 -11.02 17.89 19.31
C SER A 102 -11.71 17.17 20.46
N GLY A 103 -12.88 16.60 20.18
CA GLY A 103 -13.61 15.88 21.21
C GLY A 103 -12.95 14.56 21.58
N PRO A 104 -13.07 14.18 22.86
CA PRO A 104 -12.49 12.93 23.37
C PRO A 104 -13.21 11.70 22.83
N SER A 105 -12.78 10.53 23.30
CA SER A 105 -13.38 9.27 22.86
C SER A 105 -14.22 8.65 23.98
N SER A 106 -15.49 9.03 24.03
CA SER A 106 -16.40 8.52 25.05
C SER A 106 -16.76 7.06 24.78
N GLY A 107 -15.97 6.15 25.35
CA GLY A 107 -16.21 4.74 25.16
C GLY A 107 -14.98 3.99 24.67
N GLY A 1 20.64 2.87 -9.15
CA GLY A 1 19.26 2.41 -9.21
C GLY A 1 18.37 3.11 -8.20
N SER A 2 17.64 2.32 -7.41
CA SER A 2 16.75 2.87 -6.40
C SER A 2 17.52 3.29 -5.15
N SER A 3 17.90 4.56 -5.10
CA SER A 3 18.65 5.08 -3.96
C SER A 3 18.05 4.61 -2.64
N GLY A 4 16.78 4.94 -2.44
CA GLY A 4 16.10 4.55 -1.22
C GLY A 4 16.36 5.51 -0.07
N SER A 5 15.48 6.49 0.09
CA SER A 5 15.61 7.48 1.14
C SER A 5 14.92 7.02 2.42
N SER A 6 13.65 6.68 2.30
CA SER A 6 12.86 6.22 3.44
C SER A 6 13.16 7.07 4.68
N GLY A 7 13.28 8.38 4.46
CA GLY A 7 13.56 9.27 5.57
C GLY A 7 12.30 9.88 6.15
N GLN A 8 11.59 9.11 6.96
CA GLN A 8 10.36 9.57 7.58
C GLN A 8 9.83 8.55 8.58
N VAL A 9 9.32 9.04 9.71
CA VAL A 9 8.78 8.17 10.75
C VAL A 9 7.55 8.80 11.40
N PRO A 10 6.60 7.94 11.82
CA PRO A 10 5.38 8.38 12.47
C PRO A 10 5.61 8.93 13.87
N LYS A 11 4.62 9.60 14.42
CA LYS A 11 4.73 10.18 15.75
C LYS A 11 4.20 9.21 16.81
N LYS A 12 5.00 8.18 17.11
CA LYS A 12 4.61 7.19 18.10
C LYS A 12 3.34 6.45 17.67
N GLN A 13 3.19 6.25 16.37
CA GLN A 13 2.02 5.56 15.84
C GLN A 13 2.41 4.66 14.68
N THR A 14 1.92 3.42 14.71
CA THR A 14 2.22 2.45 13.67
C THR A 14 0.99 2.18 12.80
N THR A 15 1.20 2.09 11.49
CA THR A 15 0.11 1.83 10.56
C THR A 15 0.47 0.74 9.57
N SER A 16 -0.53 -0.02 9.13
CA SER A 16 -0.31 -1.09 8.17
C SER A 16 -0.94 -0.78 6.82
N LYS A 17 -0.20 -0.07 5.98
CA LYS A 17 -0.69 0.31 4.65
C LYS A 17 0.36 0.03 3.59
N ILE A 18 0.03 -0.86 2.65
CA ILE A 18 0.95 -1.20 1.57
C ILE A 18 0.45 -0.67 0.24
N LEU A 19 1.14 0.36 -0.27
CA LEU A 19 0.77 0.97 -1.54
C LEU A 19 1.79 0.63 -2.63
N VAL A 20 1.38 -0.23 -3.55
CA VAL A 20 2.26 -0.64 -4.65
C VAL A 20 2.08 0.26 -5.86
N ARG A 21 3.18 0.77 -6.40
CA ARG A 21 3.15 1.64 -7.56
C ARG A 21 3.90 1.01 -8.74
N ASN A 22 3.76 1.62 -9.91
CA ASN A 22 4.43 1.13 -11.11
C ASN A 22 3.89 -0.26 -11.49
N ILE A 23 2.58 -0.42 -11.42
CA ILE A 23 1.95 -1.69 -11.76
C ILE A 23 1.67 -1.79 -13.26
N PRO A 24 1.93 -2.96 -13.83
CA PRO A 24 1.71 -3.22 -15.26
C PRO A 24 0.22 -3.26 -15.62
N PHE A 25 -0.12 -2.75 -16.80
CA PHE A 25 -1.49 -2.72 -17.26
C PHE A 25 -2.11 -4.12 -17.19
N GLN A 26 -1.31 -5.12 -17.54
CA GLN A 26 -1.78 -6.51 -17.52
C GLN A 26 -2.28 -6.90 -16.13
N ALA A 27 -1.52 -6.52 -15.12
CA ALA A 27 -1.87 -6.83 -13.74
C ALA A 27 -3.25 -6.28 -13.39
N ASN A 28 -4.04 -7.07 -12.66
CA ASN A 28 -5.39 -6.65 -12.27
C ASN A 28 -5.61 -6.90 -10.78
N GLN A 29 -6.78 -6.51 -10.29
CA GLN A 29 -7.13 -6.69 -8.89
C GLN A 29 -6.75 -8.09 -8.42
N ARG A 30 -7.41 -9.10 -8.98
CA ARG A 30 -7.15 -10.49 -8.61
C ARG A 30 -5.65 -10.74 -8.46
N GLU A 31 -4.86 -10.21 -9.39
CA GLU A 31 -3.42 -10.38 -9.35
C GLU A 31 -2.85 -9.89 -8.02
N ILE A 32 -3.09 -8.62 -7.71
CA ILE A 32 -2.59 -8.04 -6.47
C ILE A 32 -3.10 -8.82 -5.26
N ARG A 33 -4.38 -9.17 -5.28
CA ARG A 33 -4.99 -9.92 -4.19
C ARG A 33 -4.13 -11.12 -3.81
N GLU A 34 -4.10 -12.11 -4.69
CA GLU A 34 -3.31 -13.33 -4.46
C GLU A 34 -1.85 -12.99 -4.23
N LEU A 35 -1.36 -11.98 -4.95
CA LEU A 35 0.03 -11.55 -4.84
C LEU A 35 0.44 -11.41 -3.38
N PHE A 36 -0.32 -10.61 -2.64
CA PHE A 36 -0.05 -10.39 -1.22
C PHE A 36 -0.70 -11.46 -0.36
N SER A 37 -1.98 -11.71 -0.60
CA SER A 37 -2.73 -12.71 0.15
C SER A 37 -1.85 -13.91 0.47
N THR A 38 -1.03 -14.32 -0.50
CA THR A 38 -0.14 -15.46 -0.32
C THR A 38 0.58 -15.40 1.01
N PHE A 39 1.14 -14.23 1.33
CA PHE A 39 1.85 -14.04 2.59
C PHE A 39 0.90 -14.17 3.77
N GLY A 40 -0.27 -13.56 3.65
CA GLY A 40 -1.25 -13.62 4.73
C GLY A 40 -2.59 -13.03 4.32
N GLU A 41 -3.59 -13.18 5.19
CA GLU A 41 -4.92 -12.65 4.91
C GLU A 41 -4.88 -11.14 4.71
N LEU A 42 -5.66 -10.66 3.74
CA LEU A 42 -5.71 -9.23 3.44
C LEU A 42 -7.03 -8.62 3.92
N LYS A 43 -7.01 -7.34 4.24
CA LYS A 43 -8.19 -6.64 4.70
C LYS A 43 -9.06 -6.21 3.51
N THR A 44 -8.43 -5.63 2.50
CA THR A 44 -9.15 -5.18 1.31
C THR A 44 -8.18 -4.66 0.26
N VAL A 45 -8.43 -5.04 -1.00
CA VAL A 45 -7.57 -4.62 -2.11
C VAL A 45 -8.27 -3.56 -2.95
N ARG A 46 -7.73 -2.33 -2.91
CA ARG A 46 -8.30 -1.23 -3.67
C ARG A 46 -7.47 -0.95 -4.92
N LEU A 47 -8.09 -1.04 -6.08
CA LEU A 47 -7.42 -0.79 -7.34
C LEU A 47 -8.21 0.17 -8.21
N PRO A 48 -7.49 1.03 -8.95
CA PRO A 48 -8.11 2.03 -9.84
C PRO A 48 -8.76 1.39 -11.06
N LYS A 49 -10.08 1.57 -11.17
CA LYS A 49 -10.82 1.01 -12.30
C LYS A 49 -11.45 2.12 -13.14
N LYS A 50 -10.86 2.37 -14.31
CA LYS A 50 -11.36 3.40 -15.22
C LYS A 50 -12.45 2.84 -16.12
N MET A 51 -13.42 3.68 -16.45
CA MET A 51 -14.53 3.28 -17.31
C MET A 51 -14.35 3.84 -18.72
N THR A 52 -14.33 5.17 -18.82
CA THR A 52 -14.17 5.82 -20.11
C THR A 52 -12.78 5.58 -20.69
N GLY A 53 -12.70 5.42 -22.01
CA GLY A 53 -11.44 5.18 -22.66
C GLY A 53 -11.20 3.71 -22.96
N THR A 54 -9.94 3.32 -23.06
CA THR A 54 -9.58 1.93 -23.34
C THR A 54 -8.57 1.41 -22.34
N GLY A 55 -9.03 1.11 -21.13
CA GLY A 55 -8.15 0.59 -20.10
C GLY A 55 -7.08 1.60 -19.71
N ALA A 56 -7.42 2.50 -18.79
CA ALA A 56 -6.48 3.51 -18.32
C ALA A 56 -6.12 3.29 -16.87
N HIS A 57 -5.91 2.03 -16.49
CA HIS A 57 -5.55 1.68 -15.12
C HIS A 57 -4.14 2.15 -14.79
N ARG A 58 -4.03 3.12 -13.89
CA ARG A 58 -2.73 3.65 -13.49
C ARG A 58 -1.90 2.58 -12.77
N GLY A 59 -0.61 2.85 -12.63
CA GLY A 59 0.28 1.91 -11.96
C GLY A 59 0.33 2.13 -10.47
N PHE A 60 -0.82 2.02 -9.80
CA PHE A 60 -0.89 2.21 -8.36
C PHE A 60 -2.02 1.40 -7.76
N GLY A 61 -1.75 0.78 -6.61
CA GLY A 61 -2.75 -0.03 -5.94
C GLY A 61 -2.56 -0.07 -4.45
N PHE A 62 -3.68 -0.01 -3.70
CA PHE A 62 -3.64 -0.04 -2.25
C PHE A 62 -3.95 -1.44 -1.72
N VAL A 63 -3.12 -1.91 -0.80
CA VAL A 63 -3.31 -3.23 -0.21
C VAL A 63 -3.29 -3.16 1.31
N ASP A 64 -4.33 -3.71 1.94
CA ASP A 64 -4.42 -3.71 3.39
C ASP A 64 -4.28 -5.13 3.94
N PHE A 65 -3.66 -5.24 5.12
CA PHE A 65 -3.46 -6.54 5.75
C PHE A 65 -4.24 -6.63 7.06
N ILE A 66 -4.53 -7.85 7.48
CA ILE A 66 -5.27 -8.08 8.71
C ILE A 66 -4.46 -7.63 9.93
N THR A 67 -3.19 -8.02 9.97
CA THR A 67 -2.32 -7.65 11.07
C THR A 67 -1.02 -7.02 10.56
N LYS A 68 -0.48 -6.08 11.33
CA LYS A 68 0.75 -5.40 10.96
C LYS A 68 1.85 -6.41 10.61
N GLN A 69 2.10 -7.34 11.52
CA GLN A 69 3.12 -8.35 11.31
C GLN A 69 3.17 -8.78 9.84
N ASP A 70 2.09 -9.37 9.36
CA ASP A 70 2.01 -9.82 7.98
C ASP A 70 2.43 -8.71 7.03
N ALA A 71 1.88 -7.52 7.21
CA ALA A 71 2.20 -6.38 6.38
C ALA A 71 3.71 -6.15 6.32
N LYS A 72 4.37 -6.31 7.45
CA LYS A 72 5.81 -6.13 7.54
C LYS A 72 6.55 -7.21 6.73
N LYS A 73 6.28 -8.46 7.08
CA LYS A 73 6.92 -9.59 6.40
C LYS A 73 6.79 -9.45 4.89
N ALA A 74 5.55 -9.44 4.41
CA ALA A 74 5.29 -9.31 2.98
C ALA A 74 5.93 -8.04 2.42
N PHE A 75 5.55 -6.90 2.97
CA PHE A 75 6.09 -5.61 2.52
C PHE A 75 7.57 -5.74 2.18
N ASN A 76 8.37 -6.16 3.16
CA ASN A 76 9.80 -6.31 2.97
C ASN A 76 10.09 -7.44 1.96
N ALA A 77 9.32 -8.51 2.04
CA ALA A 77 9.49 -9.64 1.14
C ALA A 77 9.46 -9.20 -0.32
N LEU A 78 8.41 -8.49 -0.70
CA LEU A 78 8.26 -8.01 -2.06
C LEU A 78 9.09 -6.75 -2.29
N CYS A 79 8.90 -5.75 -1.43
CA CYS A 79 9.64 -4.50 -1.53
C CYS A 79 11.08 -4.76 -1.96
N HIS A 80 11.68 -5.80 -1.40
CA HIS A 80 13.06 -6.15 -1.73
C HIS A 80 13.24 -6.29 -3.24
N SER A 81 12.42 -7.14 -3.85
CA SER A 81 12.49 -7.37 -5.29
C SER A 81 11.18 -7.94 -5.82
N THR A 82 10.43 -7.12 -6.54
CA THR A 82 9.15 -7.54 -7.10
C THR A 82 9.11 -7.33 -8.61
N HIS A 83 9.03 -8.42 -9.36
CA HIS A 83 8.98 -8.34 -10.81
C HIS A 83 7.68 -8.94 -11.35
N LEU A 84 6.90 -8.11 -12.03
CA LEU A 84 5.62 -8.55 -12.59
C LEU A 84 5.46 -8.05 -14.03
N TYR A 85 5.18 -8.98 -14.93
CA TYR A 85 5.00 -8.64 -16.35
C TYR A 85 6.18 -7.81 -16.86
N GLY A 86 7.38 -8.15 -16.40
CA GLY A 86 8.57 -7.44 -16.83
C GLY A 86 8.60 -6.02 -16.30
N ARG A 87 8.11 -5.83 -15.08
CA ARG A 87 8.09 -4.51 -14.47
C ARG A 87 8.52 -4.59 -13.00
N ARG A 88 9.07 -3.50 -12.49
CA ARG A 88 9.53 -3.44 -11.11
C ARG A 88 8.56 -2.64 -10.25
N LEU A 89 7.73 -3.34 -9.48
CA LEU A 89 6.75 -2.68 -8.62
C LEU A 89 7.44 -1.98 -7.45
N VAL A 90 6.86 -0.87 -7.01
CA VAL A 90 7.41 -0.09 -5.91
C VAL A 90 6.48 -0.10 -4.71
N LEU A 91 6.86 -0.85 -3.67
CA LEU A 91 6.05 -0.94 -2.46
C LEU A 91 6.44 0.14 -1.46
N GLU A 92 5.48 0.96 -1.07
CA GLU A 92 5.73 2.04 -0.11
C GLU A 92 4.60 2.14 0.91
N TRP A 93 4.88 2.78 2.04
CA TRP A 93 3.88 2.94 3.09
C TRP A 93 3.06 4.21 2.88
N ALA A 94 1.78 4.04 2.58
CA ALA A 94 0.89 5.17 2.35
C ALA A 94 0.90 6.12 3.54
N ASP A 95 1.00 7.42 3.26
CA ASP A 95 1.02 8.44 4.30
C ASP A 95 -0.39 8.83 4.70
N SER A 96 -1.00 8.04 5.58
CA SER A 96 -2.36 8.31 6.04
C SER A 96 -2.35 9.29 7.22
N GLU A 97 -2.93 10.47 6.99
CA GLU A 97 -2.99 11.48 8.04
C GLU A 97 -4.04 11.14 9.09
N VAL A 98 -3.64 11.19 10.35
CA VAL A 98 -4.55 10.87 11.46
C VAL A 98 -5.55 12.00 11.67
N THR A 99 -6.74 11.65 12.14
CA THR A 99 -7.80 12.62 12.39
C THR A 99 -8.25 12.58 13.85
N VAL A 100 -7.71 13.49 14.65
CA VAL A 100 -8.06 13.55 16.07
C VAL A 100 -7.59 14.86 16.69
N GLN A 101 -8.47 15.54 17.40
CA GLN A 101 -8.14 16.80 18.05
C GLN A 101 -7.58 16.56 19.45
N SER A 102 -6.86 17.55 19.97
CA SER A 102 -6.27 17.44 21.30
C SER A 102 -7.26 16.86 22.30
N GLY A 103 -6.76 16.50 23.48
CA GLY A 103 -7.63 15.94 24.50
C GLY A 103 -7.03 14.70 25.13
N PRO A 104 -6.13 14.88 26.10
CA PRO A 104 -5.47 13.78 26.80
C PRO A 104 -6.42 13.01 27.71
N SER A 105 -6.74 11.78 27.31
CA SER A 105 -7.65 10.95 28.09
C SER A 105 -6.95 10.39 29.33
N SER A 106 -7.67 10.38 30.45
CA SER A 106 -7.12 9.87 31.71
C SER A 106 -8.20 9.22 32.55
N GLY A 107 -7.78 8.50 33.58
CA GLY A 107 -8.73 7.84 34.45
C GLY A 107 -9.84 7.13 33.69
N GLY A 1 13.72 32.76 -3.81
CA GLY A 1 12.48 32.50 -3.09
C GLY A 1 12.71 31.80 -1.77
N SER A 2 11.61 31.45 -1.10
CA SER A 2 11.70 30.77 0.20
C SER A 2 10.41 30.01 0.48
N SER A 3 10.43 29.23 1.57
CA SER A 3 9.27 28.43 1.96
C SER A 3 9.40 27.97 3.40
N GLY A 4 8.36 27.28 3.88
CA GLY A 4 8.37 26.79 5.25
C GLY A 4 6.99 26.77 5.86
N SER A 5 6.53 25.59 6.26
CA SER A 5 5.21 25.43 6.87
C SER A 5 5.12 24.13 7.65
N SER A 6 3.96 23.90 8.26
CA SER A 6 3.74 22.68 9.05
C SER A 6 4.16 21.44 8.26
N GLY A 7 5.42 21.04 8.44
CA GLY A 7 5.91 19.86 7.74
C GLY A 7 5.55 18.57 8.44
N GLN A 8 6.55 17.86 8.94
CA GLN A 8 6.32 16.60 9.64
C GLN A 8 5.12 16.71 10.57
N VAL A 9 4.45 15.58 10.79
CA VAL A 9 3.27 15.54 11.66
C VAL A 9 3.55 14.70 12.91
N PRO A 10 2.98 15.13 14.04
CA PRO A 10 3.14 14.45 15.33
C PRO A 10 2.42 13.11 15.36
N LYS A 11 1.28 13.05 14.69
CA LYS A 11 0.49 11.82 14.65
C LYS A 11 1.39 10.59 14.62
N LYS A 12 1.22 9.72 15.62
CA LYS A 12 2.02 8.51 15.72
C LYS A 12 1.13 7.27 15.68
N GLN A 13 0.83 6.80 14.47
CA GLN A 13 -0.02 5.62 14.30
C GLN A 13 0.63 4.63 13.34
N THR A 14 0.92 3.43 13.84
CA THR A 14 1.55 2.39 13.03
C THR A 14 0.53 1.74 12.10
N THR A 15 0.02 2.52 11.15
CA THR A 15 -0.96 2.02 10.20
C THR A 15 -0.45 0.79 9.46
N SER A 16 -1.36 0.00 8.91
CA SER A 16 -0.98 -1.20 8.18
C SER A 16 -1.55 -1.17 6.76
N LYS A 17 -0.81 -0.56 5.85
CA LYS A 17 -1.23 -0.45 4.46
C LYS A 17 -0.02 -0.51 3.52
N ILE A 18 -0.21 -1.14 2.37
CA ILE A 18 0.87 -1.26 1.38
C ILE A 18 0.43 -0.70 0.04
N LEU A 19 1.02 0.43 -0.34
CA LEU A 19 0.71 1.08 -1.61
C LEU A 19 1.76 0.74 -2.66
N VAL A 20 1.39 -0.14 -3.59
CA VAL A 20 2.30 -0.54 -4.67
C VAL A 20 2.20 0.41 -5.85
N ARG A 21 3.35 0.81 -6.37
CA ARG A 21 3.40 1.72 -7.51
C ARG A 21 4.12 1.07 -8.69
N ASN A 22 3.94 1.66 -9.88
CA ASN A 22 4.57 1.14 -11.09
C ASN A 22 3.97 -0.21 -11.47
N ILE A 23 2.65 -0.33 -11.35
CA ILE A 23 1.96 -1.56 -11.68
C ILE A 23 1.61 -1.61 -13.17
N PRO A 24 1.89 -2.75 -13.81
CA PRO A 24 1.63 -2.95 -15.24
C PRO A 24 0.13 -3.05 -15.53
N PHE A 25 -0.31 -2.39 -16.60
CA PHE A 25 -1.71 -2.41 -17.00
C PHE A 25 -2.28 -3.82 -16.92
N GLN A 26 -1.41 -4.81 -17.05
CA GLN A 26 -1.82 -6.21 -16.99
C GLN A 26 -2.30 -6.59 -15.59
N ALA A 27 -1.49 -6.23 -14.58
CA ALA A 27 -1.83 -6.53 -13.20
C ALA A 27 -3.27 -6.14 -12.89
N ASN A 28 -4.04 -7.09 -12.39
CA ASN A 28 -5.43 -6.84 -12.04
C ASN A 28 -5.66 -6.93 -10.53
N GLN A 29 -6.75 -6.35 -10.06
CA GLN A 29 -7.07 -6.37 -8.64
C GLN A 29 -6.85 -7.75 -8.05
N ARG A 30 -7.13 -8.78 -8.85
CA ARG A 30 -6.96 -10.16 -8.40
C ARG A 30 -5.48 -10.51 -8.26
N GLU A 31 -4.71 -10.21 -9.29
CA GLU A 31 -3.27 -10.50 -9.27
C GLU A 31 -2.62 -9.99 -7.98
N ILE A 32 -2.93 -8.75 -7.63
CA ILE A 32 -2.39 -8.15 -6.42
C ILE A 32 -2.90 -8.86 -5.17
N ARG A 33 -4.21 -8.97 -5.07
CA ARG A 33 -4.84 -9.63 -3.92
C ARG A 33 -4.09 -10.90 -3.56
N GLU A 34 -4.00 -11.83 -4.52
CA GLU A 34 -3.30 -13.09 -4.28
C GLU A 34 -1.81 -12.86 -4.06
N LEU A 35 -1.22 -12.00 -4.87
CA LEU A 35 0.20 -11.68 -4.77
C LEU A 35 0.60 -11.47 -3.32
N PHE A 36 -0.20 -10.68 -2.60
CA PHE A 36 0.08 -10.39 -1.20
C PHE A 36 -0.54 -11.45 -0.30
N SER A 37 -1.77 -11.86 -0.62
CA SER A 37 -2.46 -12.87 0.17
C SER A 37 -1.53 -14.03 0.51
N THR A 38 -0.78 -14.49 -0.48
CA THR A 38 0.15 -15.60 -0.29
C THR A 38 0.86 -15.49 1.06
N PHE A 39 1.15 -14.27 1.48
CA PHE A 39 1.83 -14.04 2.76
C PHE A 39 0.84 -14.17 3.92
N GLY A 40 -0.36 -13.64 3.74
CA GLY A 40 -1.37 -13.72 4.78
C GLY A 40 -2.70 -13.12 4.35
N GLU A 41 -3.72 -13.31 5.16
CA GLU A 41 -5.05 -12.79 4.85
C GLU A 41 -5.01 -11.27 4.71
N LEU A 42 -5.74 -10.76 3.72
CA LEU A 42 -5.79 -9.33 3.46
C LEU A 42 -7.15 -8.75 3.87
N LYS A 43 -7.17 -7.46 4.20
CA LYS A 43 -8.40 -6.79 4.60
C LYS A 43 -9.26 -6.47 3.39
N THR A 44 -8.66 -5.81 2.39
CA THR A 44 -9.39 -5.44 1.18
C THR A 44 -8.44 -4.81 0.16
N VAL A 45 -8.65 -5.15 -1.10
CA VAL A 45 -7.82 -4.63 -2.18
C VAL A 45 -8.56 -3.56 -2.97
N ARG A 46 -7.93 -2.39 -3.14
CA ARG A 46 -8.53 -1.29 -3.87
C ARG A 46 -7.70 -0.93 -5.10
N LEU A 47 -8.21 -1.27 -6.27
CA LEU A 47 -7.52 -1.00 -7.53
C LEU A 47 -8.46 -0.37 -8.55
N PRO A 48 -7.93 0.56 -9.34
CA PRO A 48 -8.72 1.26 -10.37
C PRO A 48 -9.08 0.34 -11.53
N LYS A 49 -10.20 0.64 -12.19
CA LYS A 49 -10.66 -0.16 -13.32
C LYS A 49 -10.86 0.71 -14.56
N LYS A 50 -10.37 0.23 -15.69
CA LYS A 50 -10.49 0.96 -16.95
C LYS A 50 -11.94 1.37 -17.20
N MET A 51 -12.15 2.65 -17.50
CA MET A 51 -13.48 3.17 -17.76
C MET A 51 -13.79 3.14 -19.25
N THR A 52 -15.05 3.37 -19.59
CA THR A 52 -15.49 3.37 -20.98
C THR A 52 -14.39 3.91 -21.89
N GLY A 53 -13.72 4.97 -21.45
CA GLY A 53 -12.66 5.56 -22.24
C GLY A 53 -11.44 4.67 -22.34
N THR A 54 -10.27 5.27 -22.47
CA THR A 54 -9.02 4.52 -22.58
C THR A 54 -7.97 5.06 -21.60
N GLY A 55 -7.19 4.15 -21.02
CA GLY A 55 -6.16 4.56 -20.09
C GLY A 55 -6.74 5.14 -18.80
N ALA A 56 -7.18 4.27 -17.91
CA ALA A 56 -7.75 4.70 -16.64
C ALA A 56 -6.97 4.13 -15.46
N HIS A 57 -6.83 2.81 -15.43
CA HIS A 57 -6.11 2.14 -14.35
C HIS A 57 -4.69 2.70 -14.24
N ARG A 58 -4.40 3.34 -13.11
CA ARG A 58 -3.07 3.91 -12.87
C ARG A 58 -2.10 2.85 -12.37
N GLY A 59 -0.82 3.17 -12.39
CA GLY A 59 0.20 2.24 -11.94
C GLY A 59 0.35 2.26 -10.43
N PHE A 60 -0.77 2.33 -9.71
CA PHE A 60 -0.75 2.36 -8.26
C PHE A 60 -1.92 1.56 -7.68
N GLY A 61 -1.66 0.88 -6.57
CA GLY A 61 -2.70 0.08 -5.93
C GLY A 61 -2.59 0.08 -4.43
N PHE A 62 -3.72 -0.06 -3.75
CA PHE A 62 -3.75 -0.08 -2.29
C PHE A 62 -4.06 -1.47 -1.77
N VAL A 63 -3.23 -1.95 -0.84
CA VAL A 63 -3.43 -3.27 -0.26
C VAL A 63 -3.44 -3.21 1.26
N ASP A 64 -4.54 -3.66 1.86
CA ASP A 64 -4.67 -3.65 3.31
C ASP A 64 -4.54 -5.06 3.88
N PHE A 65 -3.93 -5.16 5.05
CA PHE A 65 -3.72 -6.45 5.70
C PHE A 65 -4.53 -6.55 6.99
N ILE A 66 -4.71 -7.76 7.49
CA ILE A 66 -5.46 -7.99 8.72
C ILE A 66 -4.69 -7.49 9.93
N THR A 67 -3.38 -7.68 9.91
CA THR A 67 -2.53 -7.26 11.02
C THR A 67 -1.30 -6.51 10.51
N LYS A 68 -0.39 -6.17 11.42
CA LYS A 68 0.82 -5.46 11.06
C LYS A 68 1.91 -6.44 10.63
N GLN A 69 2.07 -7.51 11.39
CA GLN A 69 3.07 -8.53 11.09
C GLN A 69 3.08 -8.87 9.61
N ASP A 70 2.00 -9.50 9.14
CA ASP A 70 1.88 -9.87 7.75
C ASP A 70 2.33 -8.74 6.83
N ALA A 71 1.78 -7.54 7.07
CA ALA A 71 2.12 -6.37 6.27
C ALA A 71 3.64 -6.19 6.19
N LYS A 72 4.28 -6.08 7.34
CA LYS A 72 5.73 -5.90 7.40
C LYS A 72 6.44 -6.98 6.59
N LYS A 73 6.32 -8.22 7.04
CA LYS A 73 6.94 -9.35 6.36
C LYS A 73 6.84 -9.19 4.84
N ALA A 74 5.63 -9.35 4.32
CA ALA A 74 5.39 -9.22 2.89
C ALA A 74 6.09 -8.00 2.32
N PHE A 75 5.75 -6.82 2.85
CA PHE A 75 6.35 -5.57 2.39
C PHE A 75 7.84 -5.75 2.14
N ASN A 76 8.53 -6.39 3.08
CA ASN A 76 9.97 -6.62 2.96
C ASN A 76 10.25 -7.79 2.01
N ALA A 77 9.32 -8.73 1.94
CA ALA A 77 9.47 -9.89 1.08
C ALA A 77 9.30 -9.50 -0.39
N LEU A 78 8.56 -8.43 -0.63
CA LEU A 78 8.33 -7.95 -1.98
C LEU A 78 9.21 -6.75 -2.31
N CYS A 79 9.08 -5.71 -1.50
CA CYS A 79 9.88 -4.50 -1.70
C CYS A 79 11.28 -4.83 -2.17
N HIS A 80 11.95 -5.71 -1.44
CA HIS A 80 13.31 -6.12 -1.79
C HIS A 80 13.49 -6.20 -3.29
N SER A 81 12.57 -6.91 -3.96
CA SER A 81 12.62 -7.07 -5.40
C SER A 81 11.38 -7.80 -5.92
N THR A 82 10.52 -7.06 -6.62
CA THR A 82 9.30 -7.63 -7.16
C THR A 82 9.21 -7.42 -8.67
N HIS A 83 8.96 -8.49 -9.41
CA HIS A 83 8.85 -8.41 -10.86
C HIS A 83 7.50 -8.95 -11.34
N LEU A 84 6.81 -8.17 -12.17
CA LEU A 84 5.51 -8.56 -12.69
C LEU A 84 5.35 -8.13 -14.14
N TYR A 85 5.26 -9.09 -15.04
CA TYR A 85 5.11 -8.80 -16.46
C TYR A 85 6.32 -8.04 -17.00
N GLY A 86 7.50 -8.46 -16.56
CA GLY A 86 8.72 -7.83 -17.01
C GLY A 86 8.87 -6.41 -16.49
N ARG A 87 8.10 -6.09 -15.45
CA ARG A 87 8.14 -4.76 -14.85
C ARG A 87 8.44 -4.84 -13.36
N ARG A 88 8.82 -3.72 -12.77
CA ARG A 88 9.13 -3.66 -11.35
C ARG A 88 8.02 -2.96 -10.57
N LEU A 89 7.83 -3.37 -9.32
CA LEU A 89 6.80 -2.78 -8.47
C LEU A 89 7.42 -2.11 -7.25
N VAL A 90 7.02 -0.87 -7.01
CA VAL A 90 7.53 -0.10 -5.88
C VAL A 90 6.68 -0.35 -4.63
N LEU A 91 7.34 -0.71 -3.53
CA LEU A 91 6.65 -0.97 -2.27
C LEU A 91 6.74 0.24 -1.35
N GLU A 92 5.59 0.82 -1.03
CA GLU A 92 5.54 1.98 -0.15
C GLU A 92 4.38 1.88 0.83
N TRP A 93 4.42 2.69 1.87
CA TRP A 93 3.36 2.68 2.89
C TRP A 93 2.42 3.87 2.70
N ALA A 94 1.18 3.71 3.15
CA ALA A 94 0.18 4.76 3.03
C ALA A 94 -0.34 5.18 4.40
N ASP A 95 -0.34 6.48 4.65
CA ASP A 95 -0.82 7.01 5.93
C ASP A 95 -2.34 6.97 5.99
N SER A 96 -2.87 6.61 7.16
CA SER A 96 -4.31 6.53 7.36
C SER A 96 -4.85 7.84 7.93
N GLU A 97 -6.02 8.26 7.45
CA GLU A 97 -6.64 9.49 7.91
C GLU A 97 -7.25 9.30 9.30
N VAL A 98 -6.91 10.21 10.22
CA VAL A 98 -7.42 10.14 11.58
C VAL A 98 -8.61 11.08 11.76
N THR A 99 -9.79 10.50 11.96
CA THR A 99 -11.00 11.27 12.16
C THR A 99 -11.67 10.94 13.48
N VAL A 100 -11.41 11.77 14.49
CA VAL A 100 -11.98 11.57 15.82
C VAL A 100 -12.60 12.86 16.36
N GLN A 101 -13.85 12.78 16.77
CA GLN A 101 -14.55 13.95 17.31
C GLN A 101 -14.41 14.01 18.83
N SER A 102 -14.75 12.91 19.50
CA SER A 102 -14.66 12.84 20.94
C SER A 102 -13.35 13.44 21.45
N GLY A 103 -13.39 14.02 22.64
CA GLY A 103 -12.20 14.63 23.21
C GLY A 103 -11.95 14.18 24.64
N PRO A 104 -11.34 13.01 24.80
CA PRO A 104 -11.03 12.45 26.12
C PRO A 104 -9.94 13.23 26.84
N SER A 105 -9.85 13.05 28.15
CA SER A 105 -8.85 13.73 28.96
C SER A 105 -7.84 12.74 29.53
N SER A 106 -8.34 11.72 30.20
CA SER A 106 -7.48 10.70 30.79
C SER A 106 -6.89 9.79 29.73
N GLY A 107 -7.76 9.27 28.86
CA GLY A 107 -7.31 8.39 27.80
C GLY A 107 -7.23 6.94 28.23
N GLY A 1 -14.24 38.14 9.26
CA GLY A 1 -13.23 37.22 8.78
C GLY A 1 -13.39 35.83 9.39
N SER A 2 -12.34 35.02 9.29
CA SER A 2 -12.37 33.67 9.83
C SER A 2 -10.96 33.08 9.88
N SER A 3 -10.53 32.71 11.08
CA SER A 3 -9.20 32.14 11.26
C SER A 3 -9.28 30.83 12.06
N GLY A 4 -8.43 29.88 11.70
CA GLY A 4 -8.41 28.59 12.38
C GLY A 4 -7.91 27.46 11.50
N SER A 5 -6.59 27.32 11.44
CA SER A 5 -5.97 26.27 10.63
C SER A 5 -5.65 25.05 11.47
N SER A 6 -6.21 25.00 12.68
CA SER A 6 -5.97 23.89 13.59
C SER A 6 -7.09 22.86 13.51
N GLY A 7 -6.73 21.59 13.40
CA GLY A 7 -7.72 20.53 13.31
C GLY A 7 -7.17 19.19 13.73
N GLN A 8 -7.11 18.25 12.78
CA GLN A 8 -6.59 16.92 13.06
C GLN A 8 -5.17 16.97 13.59
N VAL A 9 -4.83 16.04 14.49
CA VAL A 9 -3.50 15.99 15.07
C VAL A 9 -2.78 14.71 14.67
N PRO A 10 -1.48 14.84 14.35
CA PRO A 10 -0.64 13.71 13.95
C PRO A 10 -0.37 12.75 15.09
N LYS A 11 -0.40 11.46 14.80
CA LYS A 11 -0.16 10.43 15.80
C LYS A 11 1.21 9.78 15.60
N LYS A 12 1.78 9.26 16.68
CA LYS A 12 3.08 8.60 16.62
C LYS A 12 2.93 7.11 16.37
N GLN A 13 1.68 6.65 16.29
CA GLN A 13 1.40 5.24 16.07
C GLN A 13 1.98 4.77 14.74
N THR A 14 1.88 3.47 14.47
CA THR A 14 2.40 2.91 13.23
C THR A 14 1.28 2.30 12.40
N THR A 15 1.22 2.67 11.13
CA THR A 15 0.20 2.15 10.22
C THR A 15 0.72 0.97 9.43
N SER A 16 -0.19 0.17 8.88
CA SER A 16 0.19 -0.99 8.10
C SER A 16 -0.58 -1.03 6.77
N LYS A 17 -0.04 -0.34 5.77
CA LYS A 17 -0.66 -0.29 4.45
C LYS A 17 0.39 -0.39 3.35
N ILE A 18 0.27 -1.41 2.51
CA ILE A 18 1.20 -1.61 1.41
C ILE A 18 0.70 -0.96 0.14
N LEU A 19 1.47 0.00 -0.38
CA LEU A 19 1.09 0.70 -1.61
C LEU A 19 2.02 0.32 -2.76
N VAL A 20 1.53 -0.55 -3.64
CA VAL A 20 2.30 -1.01 -4.79
C VAL A 20 2.16 -0.05 -5.97
N ARG A 21 3.24 0.64 -6.31
CA ARG A 21 3.22 1.59 -7.43
C ARG A 21 3.96 1.02 -8.63
N ASN A 22 3.77 1.66 -9.79
CA ASN A 22 4.41 1.22 -11.02
C ASN A 22 3.85 -0.12 -11.48
N ILE A 23 2.53 -0.25 -11.44
CA ILE A 23 1.86 -1.48 -11.86
C ILE A 23 1.56 -1.47 -13.34
N PRO A 24 1.84 -2.61 -14.01
CA PRO A 24 1.60 -2.75 -15.45
C PRO A 24 0.12 -2.79 -15.79
N PHE A 25 -0.19 -3.21 -17.02
CA PHE A 25 -1.58 -3.28 -17.48
C PHE A 25 -2.15 -4.67 -17.23
N GLN A 26 -1.44 -5.69 -17.69
CA GLN A 26 -1.88 -7.07 -17.52
C GLN A 26 -2.28 -7.34 -16.07
N ALA A 27 -1.71 -6.56 -15.16
CA ALA A 27 -2.02 -6.71 -13.73
C ALA A 27 -3.46 -6.37 -13.43
N ASN A 28 -4.11 -7.20 -12.63
CA ASN A 28 -5.51 -6.97 -12.27
C ASN A 28 -5.70 -7.07 -10.75
N GLN A 29 -6.85 -6.59 -10.28
CA GLN A 29 -7.15 -6.63 -8.85
C GLN A 29 -6.86 -8.01 -8.27
N ARG A 30 -7.34 -9.05 -8.95
CA ARG A 30 -7.15 -10.41 -8.50
C ARG A 30 -5.65 -10.75 -8.40
N GLU A 31 -4.89 -10.27 -9.38
CA GLU A 31 -3.45 -10.52 -9.41
C GLU A 31 -2.79 -10.03 -8.13
N ILE A 32 -3.12 -8.82 -7.73
CA ILE A 32 -2.56 -8.23 -6.52
C ILE A 32 -3.08 -8.94 -5.27
N ARG A 33 -4.39 -9.14 -5.22
CA ARG A 33 -5.01 -9.81 -4.08
C ARG A 33 -4.26 -11.09 -3.73
N GLU A 34 -4.01 -11.92 -4.72
CA GLU A 34 -3.29 -13.17 -4.52
C GLU A 34 -1.81 -12.92 -4.26
N LEU A 35 -1.26 -11.92 -4.93
CA LEU A 35 0.15 -11.57 -4.76
C LEU A 35 0.50 -11.38 -3.29
N PHE A 36 -0.34 -10.64 -2.58
CA PHE A 36 -0.11 -10.38 -1.16
C PHE A 36 -0.79 -11.45 -0.31
N SER A 37 -2.07 -11.71 -0.58
CA SER A 37 -2.82 -12.71 0.17
C SER A 37 -1.94 -13.90 0.53
N THR A 38 -1.10 -14.31 -0.42
CA THR A 38 -0.21 -15.44 -0.21
C THR A 38 0.49 -15.34 1.14
N PHE A 39 1.07 -14.19 1.42
CA PHE A 39 1.78 -13.96 2.68
C PHE A 39 0.83 -14.12 3.87
N GLY A 40 -0.41 -13.67 3.68
CA GLY A 40 -1.40 -13.76 4.76
C GLY A 40 -2.73 -13.16 4.36
N GLU A 41 -3.71 -13.26 5.25
CA GLU A 41 -5.04 -12.73 4.99
C GLU A 41 -4.99 -11.21 4.80
N LEU A 42 -5.74 -10.72 3.83
CA LEU A 42 -5.79 -9.29 3.54
C LEU A 42 -7.08 -8.67 4.05
N LYS A 43 -7.06 -7.36 4.26
CA LYS A 43 -8.23 -6.64 4.73
C LYS A 43 -9.08 -6.14 3.57
N THR A 44 -8.43 -5.52 2.60
CA THR A 44 -9.12 -4.99 1.43
C THR A 44 -8.14 -4.60 0.33
N VAL A 45 -8.52 -4.88 -0.92
CA VAL A 45 -7.66 -4.56 -2.05
C VAL A 45 -8.30 -3.49 -2.94
N ARG A 46 -7.73 -2.29 -2.90
CA ARG A 46 -8.25 -1.18 -3.69
C ARG A 46 -7.44 -1.00 -4.97
N LEU A 47 -8.11 -1.10 -6.11
CA LEU A 47 -7.44 -0.96 -7.41
C LEU A 47 -8.33 -0.20 -8.38
N PRO A 48 -7.70 0.62 -9.25
CA PRO A 48 -8.41 1.42 -10.25
C PRO A 48 -9.02 0.55 -11.35
N LYS A 49 -9.97 1.12 -12.08
CA LYS A 49 -10.64 0.41 -13.16
C LYS A 49 -10.30 1.03 -14.51
N LYS A 50 -9.91 0.20 -15.46
CA LYS A 50 -9.55 0.67 -16.80
C LYS A 50 -10.77 0.65 -17.71
N MET A 51 -11.30 1.84 -18.00
CA MET A 51 -12.46 1.96 -18.87
C MET A 51 -12.05 2.37 -20.27
N THR A 52 -13.00 2.29 -21.21
CA THR A 52 -12.72 2.66 -22.60
C THR A 52 -12.41 4.14 -22.72
N GLY A 53 -11.21 4.53 -22.31
CA GLY A 53 -10.80 5.92 -22.39
C GLY A 53 -11.22 6.71 -21.16
N THR A 54 -11.04 8.02 -21.22
CA THR A 54 -11.39 8.90 -20.11
C THR A 54 -10.78 8.40 -18.80
N GLY A 55 -9.57 7.84 -18.90
CA GLY A 55 -8.90 7.33 -17.72
C GLY A 55 -8.75 5.83 -17.74
N ALA A 56 -7.54 5.36 -17.43
CA ALA A 56 -7.27 3.92 -17.41
C ALA A 56 -6.81 3.47 -16.03
N HIS A 57 -6.45 2.19 -15.92
CA HIS A 57 -6.00 1.63 -14.66
C HIS A 57 -4.64 2.22 -14.26
N ARG A 58 -4.64 3.08 -13.26
CA ARG A 58 -3.42 3.71 -12.78
C ARG A 58 -2.41 2.66 -12.32
N GLY A 59 -1.14 3.01 -12.37
CA GLY A 59 -0.10 2.08 -11.94
C GLY A 59 0.13 2.11 -10.45
N PHE A 60 -0.96 2.18 -9.68
CA PHE A 60 -0.87 2.21 -8.23
C PHE A 60 -2.00 1.40 -7.61
N GLY A 61 -1.73 0.83 -6.43
CA GLY A 61 -2.73 0.03 -5.74
C GLY A 61 -2.51 0.00 -4.25
N PHE A 62 -3.61 -0.02 -3.49
CA PHE A 62 -3.54 -0.06 -2.03
C PHE A 62 -3.85 -1.46 -1.51
N VAL A 63 -2.97 -1.97 -0.66
CA VAL A 63 -3.16 -3.30 -0.08
C VAL A 63 -3.07 -3.25 1.45
N ASP A 64 -4.08 -3.79 2.11
CA ASP A 64 -4.13 -3.82 3.57
C ASP A 64 -4.14 -5.25 4.09
N PHE A 65 -3.52 -5.46 5.24
CA PHE A 65 -3.46 -6.78 5.86
C PHE A 65 -4.25 -6.83 7.16
N ILE A 66 -4.70 -8.01 7.54
CA ILE A 66 -5.46 -8.18 8.78
C ILE A 66 -4.64 -7.77 9.99
N THR A 67 -3.38 -8.22 10.03
CA THR A 67 -2.50 -7.91 11.14
C THR A 67 -1.20 -7.27 10.64
N LYS A 68 -0.80 -6.17 11.27
CA LYS A 68 0.42 -5.46 10.90
C LYS A 68 1.52 -6.45 10.54
N GLN A 69 1.82 -7.37 11.47
CA GLN A 69 2.86 -8.36 11.24
C GLN A 69 2.91 -8.78 9.78
N ASP A 70 1.80 -9.32 9.28
CA ASP A 70 1.72 -9.76 7.89
C ASP A 70 2.19 -8.66 6.95
N ALA A 71 1.61 -7.47 7.10
CA ALA A 71 1.97 -6.33 6.26
C ALA A 71 3.48 -6.09 6.28
N LYS A 72 4.06 -6.10 7.47
CA LYS A 72 5.50 -5.89 7.62
C LYS A 72 6.29 -6.92 6.82
N LYS A 73 6.19 -8.17 7.21
CA LYS A 73 6.91 -9.25 6.53
C LYS A 73 6.78 -9.10 5.01
N ALA A 74 5.57 -9.31 4.49
CA ALA A 74 5.32 -9.19 3.06
C ALA A 74 5.98 -7.94 2.49
N PHE A 75 5.51 -6.77 2.94
CA PHE A 75 6.06 -5.51 2.47
C PHE A 75 7.56 -5.62 2.22
N ASN A 76 8.28 -6.11 3.22
CA ASN A 76 9.73 -6.26 3.12
C ASN A 76 10.09 -7.30 2.05
N ALA A 77 9.49 -8.47 2.16
CA ALA A 77 9.75 -9.56 1.21
C ALA A 77 9.67 -9.05 -0.23
N LEU A 78 8.54 -8.44 -0.58
CA LEU A 78 8.35 -7.91 -1.92
C LEU A 78 9.24 -6.70 -2.17
N CYS A 79 9.09 -5.69 -1.33
CA CYS A 79 9.89 -4.47 -1.44
C CYS A 79 11.30 -4.79 -1.92
N HIS A 80 11.80 -5.96 -1.51
CA HIS A 80 13.15 -6.38 -1.88
C HIS A 80 13.30 -6.44 -3.40
N SER A 81 12.35 -7.10 -4.06
CA SER A 81 12.38 -7.23 -5.51
C SER A 81 11.07 -7.81 -6.03
N THR A 82 10.28 -6.99 -6.70
CA THR A 82 9.00 -7.41 -7.25
C THR A 82 8.92 -7.15 -8.75
N HIS A 83 8.93 -8.21 -9.54
CA HIS A 83 8.85 -8.08 -10.99
C HIS A 83 7.57 -8.71 -11.52
N LEU A 84 6.81 -7.92 -12.28
CA LEU A 84 5.56 -8.39 -12.86
C LEU A 84 5.41 -7.92 -14.30
N TYR A 85 5.33 -8.89 -15.22
CA TYR A 85 5.19 -8.58 -16.64
C TYR A 85 6.37 -7.76 -17.14
N GLY A 86 7.52 -7.91 -16.47
CA GLY A 86 8.71 -7.18 -16.87
C GLY A 86 8.70 -5.74 -16.37
N ARG A 87 8.20 -5.55 -15.15
CA ARG A 87 8.14 -4.22 -14.55
C ARG A 87 8.40 -4.27 -13.06
N ARG A 88 9.48 -3.63 -12.63
CA ARG A 88 9.84 -3.62 -11.22
C ARG A 88 8.85 -2.78 -10.41
N LEU A 89 7.96 -3.46 -9.69
CA LEU A 89 6.96 -2.78 -8.88
C LEU A 89 7.60 -2.13 -7.67
N VAL A 90 7.03 -1.00 -7.24
CA VAL A 90 7.54 -0.27 -6.08
C VAL A 90 6.62 -0.44 -4.88
N LEU A 91 7.23 -0.62 -3.71
CA LEU A 91 6.46 -0.80 -2.48
C LEU A 91 6.82 0.28 -1.45
N GLU A 92 5.86 1.13 -1.13
CA GLU A 92 6.08 2.20 -0.16
C GLU A 92 5.00 2.20 0.92
N TRP A 93 5.38 2.62 2.12
CA TRP A 93 4.44 2.67 3.24
C TRP A 93 3.48 3.85 3.10
N ALA A 94 2.23 3.56 2.76
CA ALA A 94 1.23 4.61 2.61
C ALA A 94 1.22 5.56 3.80
N ASP A 95 1.09 6.85 3.53
CA ASP A 95 1.07 7.85 4.59
C ASP A 95 -0.34 8.39 4.80
N SER A 96 -1.17 7.62 5.50
CA SER A 96 -2.54 8.01 5.77
C SER A 96 -2.66 8.67 7.14
N GLU A 97 -3.77 9.36 7.36
CA GLU A 97 -4.00 10.04 8.64
C GLU A 97 -4.84 9.17 9.57
N VAL A 98 -4.38 9.02 10.80
CA VAL A 98 -5.08 8.22 11.80
C VAL A 98 -6.18 9.03 12.47
N THR A 99 -7.42 8.59 12.29
CA THR A 99 -8.56 9.28 12.89
C THR A 99 -8.78 8.83 14.33
N VAL A 100 -8.67 9.77 15.26
CA VAL A 100 -8.86 9.47 16.67
C VAL A 100 -10.22 8.84 16.93
N GLN A 101 -10.22 7.59 17.40
CA GLN A 101 -11.44 6.87 17.69
C GLN A 101 -11.75 6.88 19.18
N SER A 102 -13.02 7.04 19.52
CA SER A 102 -13.45 7.07 20.91
C SER A 102 -14.61 6.10 21.14
N GLY A 103 -14.93 5.87 22.42
CA GLY A 103 -16.02 4.97 22.75
C GLY A 103 -15.97 4.52 24.20
N PRO A 104 -16.18 5.46 25.13
CA PRO A 104 -16.16 5.18 26.57
C PRO A 104 -17.35 4.33 27.00
N SER A 105 -17.28 3.82 28.24
CA SER A 105 -18.36 2.99 28.77
C SER A 105 -18.58 3.28 30.25
N SER A 106 -19.84 3.39 30.65
CA SER A 106 -20.20 3.67 32.04
C SER A 106 -20.57 2.39 32.77
N GLY A 107 -20.44 2.41 34.09
CA GLY A 107 -20.78 1.23 34.89
C GLY A 107 -21.85 1.53 35.91
N GLY A 1 33.08 -6.72 -3.20
CA GLY A 1 32.38 -5.44 -3.22
C GLY A 1 31.88 -5.03 -1.86
N SER A 2 31.57 -3.74 -1.71
CA SER A 2 31.09 -3.22 -0.43
C SER A 2 30.21 -1.99 -0.66
N SER A 3 29.20 -1.83 0.19
CA SER A 3 28.29 -0.69 0.09
C SER A 3 27.70 -0.34 1.45
N GLY A 4 26.89 0.72 1.48
CA GLY A 4 26.28 1.14 2.73
C GLY A 4 24.85 1.62 2.55
N SER A 5 24.30 2.22 3.59
CA SER A 5 22.93 2.72 3.54
C SER A 5 22.66 3.68 4.69
N SER A 6 21.50 4.35 4.64
CA SER A 6 21.12 5.30 5.68
C SER A 6 19.61 5.40 5.79
N GLY A 7 19.14 5.82 6.97
CA GLY A 7 17.71 5.95 7.18
C GLY A 7 17.38 6.75 8.44
N GLN A 8 16.12 7.13 8.58
CA GLN A 8 15.68 7.91 9.73
C GLN A 8 14.69 7.12 10.58
N VAL A 9 14.58 7.48 11.85
CA VAL A 9 13.67 6.80 12.76
C VAL A 9 12.49 7.69 13.12
N PRO A 10 11.50 7.76 12.21
CA PRO A 10 10.29 8.56 12.40
C PRO A 10 9.39 8.01 13.49
N LYS A 11 8.82 8.90 14.31
CA LYS A 11 7.94 8.50 15.40
C LYS A 11 6.50 8.92 15.10
N LYS A 12 5.67 7.93 14.78
CA LYS A 12 4.27 8.19 14.48
C LYS A 12 3.48 6.89 14.39
N GLN A 13 2.15 7.00 14.42
CA GLN A 13 1.28 5.83 14.34
C GLN A 13 1.75 4.88 13.25
N THR A 14 2.08 3.64 13.64
CA THR A 14 2.54 2.64 12.70
C THR A 14 1.38 2.06 11.89
N THR A 15 0.95 2.80 10.87
CA THR A 15 -0.16 2.38 10.03
C THR A 15 0.21 1.11 9.26
N SER A 16 -0.80 0.47 8.68
CA SER A 16 -0.58 -0.76 7.91
C SER A 16 -1.27 -0.67 6.55
N LYS A 17 -0.56 -0.11 5.57
CA LYS A 17 -1.09 0.03 4.22
C LYS A 17 0.01 -0.10 3.18
N ILE A 18 -0.04 -1.16 2.40
CA ILE A 18 0.96 -1.40 1.36
C ILE A 18 0.50 -0.84 0.02
N LEU A 19 1.12 0.26 -0.40
CA LEU A 19 0.78 0.89 -1.67
C LEU A 19 1.82 0.57 -2.74
N VAL A 20 1.47 -0.33 -3.65
CA VAL A 20 2.36 -0.72 -4.73
C VAL A 20 2.16 0.16 -5.96
N ARG A 21 3.26 0.68 -6.48
CA ARG A 21 3.21 1.54 -7.67
C ARG A 21 3.92 0.88 -8.85
N ASN A 22 3.86 1.54 -10.00
CA ASN A 22 4.50 1.02 -11.20
C ASN A 22 3.91 -0.33 -11.59
N ILE A 23 2.59 -0.45 -11.48
CA ILE A 23 1.91 -1.68 -11.82
C ILE A 23 1.54 -1.73 -13.30
N PRO A 24 1.80 -2.88 -13.94
CA PRO A 24 1.51 -3.07 -15.36
C PRO A 24 0.01 -3.13 -15.65
N PHE A 25 -0.40 -2.63 -16.81
CA PHE A 25 -1.80 -2.63 -17.20
C PHE A 25 -2.39 -4.04 -17.10
N GLN A 26 -1.53 -5.04 -17.24
CA GLN A 26 -1.97 -6.44 -17.17
C GLN A 26 -2.44 -6.78 -15.76
N ALA A 27 -1.74 -6.26 -14.76
CA ALA A 27 -2.08 -6.52 -13.37
C ALA A 27 -3.54 -6.16 -13.09
N ASN A 28 -4.23 -7.05 -12.37
CA ASN A 28 -5.63 -6.82 -12.04
C ASN A 28 -5.87 -7.00 -10.55
N GLN A 29 -6.94 -6.39 -10.04
CA GLN A 29 -7.28 -6.48 -8.63
C GLN A 29 -7.02 -7.89 -8.10
N ARG A 30 -7.36 -8.89 -8.90
CA ARG A 30 -7.17 -10.28 -8.51
C ARG A 30 -5.68 -10.62 -8.41
N GLU A 31 -4.92 -10.20 -9.42
CA GLU A 31 -3.48 -10.45 -9.45
C GLU A 31 -2.82 -9.96 -8.17
N ILE A 32 -3.09 -8.70 -7.82
CA ILE A 32 -2.51 -8.11 -6.62
C ILE A 32 -3.00 -8.83 -5.36
N ARG A 33 -4.31 -9.04 -5.27
CA ARG A 33 -4.89 -9.71 -4.12
C ARG A 33 -4.13 -10.99 -3.80
N GLU A 34 -3.90 -11.82 -4.82
CA GLU A 34 -3.18 -13.07 -4.63
C GLU A 34 -1.69 -12.82 -4.43
N LEU A 35 -1.19 -11.76 -5.06
CA LEU A 35 0.23 -11.41 -4.94
C LEU A 35 0.62 -11.20 -3.48
N PHE A 36 -0.26 -10.56 -2.72
CA PHE A 36 0.00 -10.30 -1.31
C PHE A 36 -0.65 -11.36 -0.43
N SER A 37 -1.90 -11.67 -0.71
CA SER A 37 -2.65 -12.66 0.06
C SER A 37 -1.78 -13.89 0.32
N THR A 38 -1.07 -14.33 -0.71
CA THR A 38 -0.20 -15.51 -0.60
C THR A 38 0.59 -15.48 0.70
N PHE A 39 1.02 -14.29 1.10
CA PHE A 39 1.79 -14.12 2.33
C PHE A 39 0.90 -14.28 3.55
N GLY A 40 -0.31 -13.75 3.47
CA GLY A 40 -1.24 -13.85 4.59
C GLY A 40 -2.62 -13.34 4.24
N GLU A 41 -3.52 -13.32 5.22
CA GLU A 41 -4.89 -12.86 5.00
C GLU A 41 -4.91 -11.35 4.78
N LEU A 42 -5.68 -10.93 3.78
CA LEU A 42 -5.79 -9.51 3.46
C LEU A 42 -7.13 -8.95 3.94
N LYS A 43 -7.18 -7.64 4.16
CA LYS A 43 -8.39 -6.98 4.61
C LYS A 43 -9.24 -6.52 3.43
N THR A 44 -8.61 -5.84 2.48
CA THR A 44 -9.30 -5.34 1.29
C THR A 44 -8.31 -4.75 0.29
N VAL A 45 -8.45 -5.16 -0.97
CA VAL A 45 -7.58 -4.67 -2.03
C VAL A 45 -8.25 -3.58 -2.84
N ARG A 46 -7.59 -2.44 -2.98
CA ARG A 46 -8.13 -1.32 -3.74
C ARG A 46 -7.24 -0.99 -4.93
N LEU A 47 -7.85 -0.89 -6.10
CA LEU A 47 -7.10 -0.57 -7.32
C LEU A 47 -7.88 0.42 -8.19
N PRO A 48 -7.15 1.36 -8.81
CA PRO A 48 -7.76 2.38 -9.68
C PRO A 48 -8.29 1.78 -10.98
N LYS A 49 -9.60 1.86 -11.19
CA LYS A 49 -10.22 1.34 -12.38
C LYS A 49 -11.05 2.41 -13.08
N LYS A 50 -10.57 2.85 -14.24
CA LYS A 50 -11.27 3.88 -15.01
C LYS A 50 -12.16 3.25 -16.08
N MET A 51 -13.47 3.32 -15.86
CA MET A 51 -14.42 2.77 -16.81
C MET A 51 -14.61 3.69 -18.01
N THR A 52 -13.55 3.84 -18.80
CA THR A 52 -13.59 4.70 -19.98
C THR A 52 -13.49 3.88 -21.26
N GLY A 53 -14.47 3.00 -21.47
CA GLY A 53 -14.48 2.17 -22.66
C GLY A 53 -13.52 1.00 -22.55
N THR A 54 -12.36 1.12 -23.17
CA THR A 54 -11.36 0.06 -23.15
C THR A 54 -10.93 -0.25 -21.73
N GLY A 55 -11.12 0.71 -20.82
CA GLY A 55 -10.75 0.52 -19.44
C GLY A 55 -9.29 0.84 -19.17
N ALA A 56 -9.04 1.93 -18.45
CA ALA A 56 -7.68 2.32 -18.13
C ALA A 56 -7.36 2.07 -16.67
N HIS A 57 -6.24 1.40 -16.42
CA HIS A 57 -5.81 1.09 -15.06
C HIS A 57 -4.52 1.82 -14.71
N ARG A 58 -4.54 2.58 -13.61
CA ARG A 58 -3.38 3.33 -13.17
C ARG A 58 -2.31 2.39 -12.63
N GLY A 59 -1.08 2.90 -12.53
CA GLY A 59 0.02 2.10 -12.02
C GLY A 59 0.20 2.24 -10.52
N PHE A 60 -0.87 1.96 -9.77
CA PHE A 60 -0.82 2.06 -8.32
C PHE A 60 -1.96 1.27 -7.68
N GLY A 61 -1.68 0.63 -6.55
CA GLY A 61 -2.68 -0.15 -5.87
C GLY A 61 -2.47 -0.19 -4.37
N PHE A 62 -3.57 -0.20 -3.61
CA PHE A 62 -3.49 -0.22 -2.16
C PHE A 62 -3.86 -1.60 -1.62
N VAL A 63 -3.04 -2.13 -0.72
CA VAL A 63 -3.29 -3.44 -0.13
C VAL A 63 -3.26 -3.37 1.40
N ASP A 64 -4.35 -3.83 2.02
CA ASP A 64 -4.45 -3.81 3.47
C ASP A 64 -4.34 -5.22 4.04
N PHE A 65 -3.62 -5.35 5.15
CA PHE A 65 -3.43 -6.65 5.80
C PHE A 65 -4.16 -6.71 7.13
N ILE A 66 -4.69 -7.88 7.45
CA ILE A 66 -5.42 -8.08 8.71
C ILE A 66 -4.63 -7.53 9.89
N THR A 67 -3.37 -7.95 9.99
CA THR A 67 -2.50 -7.50 11.08
C THR A 67 -1.24 -6.83 10.54
N LYS A 68 -0.50 -6.17 11.43
CA LYS A 68 0.73 -5.50 11.03
C LYS A 68 1.80 -6.50 10.63
N GLN A 69 2.15 -7.39 11.54
CA GLN A 69 3.16 -8.41 11.28
C GLN A 69 3.10 -8.86 9.83
N ASP A 70 1.95 -9.37 9.42
CA ASP A 70 1.77 -9.85 8.05
C ASP A 70 2.18 -8.79 7.05
N ALA A 71 1.73 -7.56 7.27
CA ALA A 71 2.06 -6.45 6.38
C ALA A 71 3.57 -6.28 6.24
N LYS A 72 4.24 -6.02 7.36
CA LYS A 72 5.68 -5.84 7.38
C LYS A 72 6.38 -7.02 6.69
N LYS A 73 5.96 -8.24 7.04
CA LYS A 73 6.54 -9.43 6.47
C LYS A 73 6.55 -9.36 4.93
N ALA A 74 5.36 -9.20 4.36
CA ALA A 74 5.23 -9.11 2.91
C ALA A 74 5.86 -7.83 2.38
N PHE A 75 5.34 -6.69 2.81
CA PHE A 75 5.85 -5.40 2.37
C PHE A 75 7.37 -5.42 2.27
N ASN A 76 8.01 -6.08 3.23
CA ASN A 76 9.47 -6.18 3.24
C ASN A 76 9.95 -7.16 2.19
N ALA A 77 9.51 -8.41 2.30
CA ALA A 77 9.90 -9.45 1.35
C ALA A 77 9.79 -8.95 -0.09
N LEU A 78 8.64 -8.38 -0.43
CA LEU A 78 8.41 -7.87 -1.77
C LEU A 78 9.28 -6.64 -2.04
N CYS A 79 9.14 -5.63 -1.19
CA CYS A 79 9.92 -4.40 -1.34
C CYS A 79 11.35 -4.71 -1.80
N HIS A 80 11.91 -5.78 -1.25
CA HIS A 80 13.27 -6.19 -1.60
C HIS A 80 13.45 -6.27 -3.11
N SER A 81 12.56 -7.00 -3.77
CA SER A 81 12.62 -7.16 -5.21
C SER A 81 11.37 -7.86 -5.74
N THR A 82 10.49 -7.09 -6.37
CA THR A 82 9.25 -7.63 -6.91
C THR A 82 9.13 -7.35 -8.41
N HIS A 83 8.87 -8.39 -9.19
CA HIS A 83 8.73 -8.26 -10.63
C HIS A 83 7.37 -8.78 -11.11
N LEU A 84 6.76 -8.05 -12.03
CA LEU A 84 5.45 -8.44 -12.56
C LEU A 84 5.32 -8.05 -14.03
N TYR A 85 5.20 -9.04 -14.90
CA TYR A 85 5.07 -8.80 -16.33
C TYR A 85 6.27 -8.03 -16.86
N GLY A 86 7.43 -8.27 -16.27
CA GLY A 86 8.64 -7.60 -16.69
C GLY A 86 8.71 -6.16 -16.21
N ARG A 87 7.94 -5.85 -15.16
CA ARG A 87 7.91 -4.51 -14.59
C ARG A 87 8.26 -4.53 -13.11
N ARG A 88 9.25 -3.73 -12.73
CA ARG A 88 9.68 -3.66 -11.34
C ARG A 88 8.69 -2.84 -10.50
N LEU A 89 7.93 -3.52 -9.66
CA LEU A 89 6.95 -2.86 -8.81
C LEU A 89 7.63 -2.14 -7.64
N VAL A 90 7.07 -0.99 -7.25
CA VAL A 90 7.62 -0.21 -6.16
C VAL A 90 6.70 -0.23 -4.95
N LEU A 91 7.19 -0.78 -3.85
CA LEU A 91 6.41 -0.85 -2.62
C LEU A 91 6.76 0.28 -1.67
N GLU A 92 5.77 1.12 -1.36
CA GLU A 92 5.98 2.24 -0.46
C GLU A 92 4.82 2.39 0.51
N TRP A 93 5.13 2.71 1.76
CA TRP A 93 4.10 2.88 2.80
C TRP A 93 3.25 4.10 2.50
N ALA A 94 1.94 3.88 2.34
CA ALA A 94 1.02 4.96 2.06
C ALA A 94 1.10 6.05 3.13
N ASP A 95 1.09 7.30 2.70
CA ASP A 95 1.17 8.43 3.62
C ASP A 95 -0.22 8.88 4.05
N SER A 96 -0.63 8.47 5.24
CA SER A 96 -1.95 8.82 5.76
C SER A 96 -1.83 9.86 6.88
N GLU A 97 -2.88 10.66 7.05
CA GLU A 97 -2.89 11.69 8.09
C GLU A 97 -3.80 11.28 9.25
N VAL A 98 -3.35 11.53 10.47
CA VAL A 98 -4.12 11.19 11.65
C VAL A 98 -5.20 12.24 11.92
N THR A 99 -6.41 11.96 11.48
CA THR A 99 -7.53 12.88 11.68
C THR A 99 -8.12 12.73 13.07
N VAL A 100 -8.99 13.67 13.44
CA VAL A 100 -9.63 13.65 14.75
C VAL A 100 -11.14 13.59 14.62
N GLN A 101 -11.83 13.52 15.76
CA GLN A 101 -13.29 13.46 15.77
C GLN A 101 -13.84 13.88 17.13
N SER A 102 -14.79 14.80 17.11
CA SER A 102 -15.40 15.29 18.35
C SER A 102 -16.91 15.06 18.34
N GLY A 103 -17.36 14.12 19.16
CA GLY A 103 -18.77 13.80 19.24
C GLY A 103 -19.03 12.35 19.56
N PRO A 104 -19.05 12.01 20.85
CA PRO A 104 -19.29 10.64 21.31
C PRO A 104 -20.73 10.19 21.08
N SER A 105 -21.01 8.93 21.38
CA SER A 105 -22.34 8.38 21.19
C SER A 105 -23.08 8.30 22.52
N SER A 106 -24.40 8.48 22.46
CA SER A 106 -25.23 8.45 23.66
C SER A 106 -26.69 8.21 23.30
N GLY A 107 -27.49 7.85 24.31
CA GLY A 107 -28.90 7.59 24.08
C GLY A 107 -29.34 6.24 24.59
N GLY A 1 20.85 22.27 -4.10
CA GLY A 1 20.72 20.84 -3.85
C GLY A 1 19.72 20.54 -2.76
N SER A 2 18.86 19.55 -3.00
CA SER A 2 17.84 19.17 -2.03
C SER A 2 18.24 17.88 -1.30
N SER A 3 18.07 17.88 0.01
CA SER A 3 18.40 16.71 0.82
C SER A 3 17.15 15.97 1.27
N GLY A 4 16.26 16.69 1.96
CA GLY A 4 15.03 16.08 2.43
C GLY A 4 15.13 15.62 3.87
N SER A 5 14.14 15.96 4.67
CA SER A 5 14.12 15.59 6.09
C SER A 5 13.56 14.18 6.25
N SER A 6 14.05 13.26 5.45
CA SER A 6 13.60 11.86 5.51
C SER A 6 12.14 11.75 5.10
N GLY A 7 11.77 12.48 4.05
CA GLY A 7 10.40 12.45 3.58
C GLY A 7 9.48 13.35 4.38
N GLN A 8 9.02 12.86 5.52
CA GLN A 8 8.12 13.64 6.38
C GLN A 8 8.21 13.15 7.82
N VAL A 9 7.69 13.96 8.75
CA VAL A 9 7.71 13.61 10.16
C VAL A 9 7.21 12.19 10.39
N PRO A 10 7.80 11.51 11.37
CA PRO A 10 7.43 10.13 11.71
C PRO A 10 6.05 10.03 12.34
N LYS A 11 5.37 8.92 12.09
CA LYS A 11 4.04 8.72 12.64
C LYS A 11 4.09 7.96 13.97
N LYS A 12 3.34 8.44 14.95
CA LYS A 12 3.31 7.81 16.27
C LYS A 12 2.54 6.50 16.22
N GLN A 13 1.59 6.40 15.30
CA GLN A 13 0.78 5.19 15.16
C GLN A 13 1.31 4.32 14.02
N THR A 14 1.72 3.10 14.37
CA THR A 14 2.25 2.17 13.37
C THR A 14 1.15 1.71 12.41
N THR A 15 0.88 2.53 11.40
CA THR A 15 -0.15 2.21 10.42
C THR A 15 0.23 0.97 9.61
N SER A 16 -0.76 0.32 9.03
CA SER A 16 -0.53 -0.89 8.23
C SER A 16 -1.19 -0.75 6.86
N LYS A 17 -0.47 -0.17 5.92
CA LYS A 17 -0.98 0.02 4.56
C LYS A 17 0.15 -0.08 3.54
N ILE A 18 -0.02 -0.96 2.56
CA ILE A 18 0.98 -1.16 1.52
C ILE A 18 0.50 -0.59 0.19
N LEU A 19 1.24 0.39 -0.33
CA LEU A 19 0.89 1.02 -1.59
C LEU A 19 1.89 0.65 -2.68
N VAL A 20 1.49 -0.27 -3.56
CA VAL A 20 2.36 -0.71 -4.65
C VAL A 20 2.22 0.20 -5.85
N ARG A 21 3.35 0.75 -6.30
CA ARG A 21 3.36 1.65 -7.45
C ARG A 21 4.08 1.00 -8.64
N ASN A 22 4.07 1.68 -9.78
CA ASN A 22 4.71 1.17 -10.98
C ASN A 22 4.05 -0.12 -11.45
N ILE A 23 2.75 -0.22 -11.23
CA ILE A 23 1.98 -1.40 -11.64
C ILE A 23 1.67 -1.37 -13.13
N PRO A 24 1.93 -2.49 -13.80
CA PRO A 24 1.68 -2.62 -15.25
C PRO A 24 0.18 -2.63 -15.58
N PHE A 25 -0.13 -2.72 -16.86
CA PHE A 25 -1.52 -2.74 -17.31
C PHE A 25 -2.18 -4.08 -16.97
N GLN A 26 -1.55 -5.17 -17.40
CA GLN A 26 -2.07 -6.50 -17.14
C GLN A 26 -2.50 -6.65 -15.68
N ALA A 27 -1.63 -6.21 -14.77
CA ALA A 27 -1.92 -6.29 -13.35
C ALA A 27 -3.38 -5.97 -13.06
N ASN A 28 -4.06 -6.90 -12.40
CA ASN A 28 -5.47 -6.72 -12.06
C ASN A 28 -5.71 -6.96 -10.58
N GLN A 29 -6.91 -6.62 -10.11
CA GLN A 29 -7.27 -6.80 -8.72
C GLN A 29 -6.88 -8.19 -8.22
N ARG A 30 -7.18 -9.20 -9.04
CA ARG A 30 -6.86 -10.58 -8.70
C ARG A 30 -5.36 -10.77 -8.54
N GLU A 31 -4.60 -10.26 -9.49
CA GLU A 31 -3.14 -10.37 -9.45
C GLU A 31 -2.60 -9.95 -8.09
N ILE A 32 -2.93 -8.72 -7.68
CA ILE A 32 -2.48 -8.20 -6.40
C ILE A 32 -3.10 -8.96 -5.24
N ARG A 33 -4.37 -9.29 -5.36
CA ARG A 33 -5.08 -10.03 -4.33
C ARG A 33 -4.22 -11.17 -3.79
N GLU A 34 -3.97 -12.17 -4.64
CA GLU A 34 -3.17 -13.32 -4.26
C GLU A 34 -1.73 -12.90 -3.97
N LEU A 35 -1.17 -12.07 -4.84
CA LEU A 35 0.19 -11.59 -4.68
C LEU A 35 0.52 -11.38 -3.21
N PHE A 36 -0.39 -10.75 -2.48
CA PHE A 36 -0.21 -10.48 -1.06
C PHE A 36 -0.88 -11.55 -0.21
N SER A 37 -2.14 -11.84 -0.52
CA SER A 37 -2.90 -12.85 0.22
C SER A 37 -2.01 -14.02 0.60
N THR A 38 -1.15 -14.43 -0.32
CA THR A 38 -0.24 -15.55 -0.08
C THR A 38 0.51 -15.38 1.23
N PHE A 39 1.05 -14.18 1.44
CA PHE A 39 1.80 -13.89 2.66
C PHE A 39 0.90 -13.96 3.88
N GLY A 40 -0.34 -13.49 3.73
CA GLY A 40 -1.28 -13.52 4.83
C GLY A 40 -2.67 -13.05 4.41
N GLU A 41 -3.61 -13.09 5.35
CA GLU A 41 -4.97 -12.66 5.09
C GLU A 41 -5.05 -11.16 4.82
N LEU A 42 -5.87 -10.77 3.86
CA LEU A 42 -6.03 -9.36 3.52
C LEU A 42 -7.37 -8.83 4.01
N LYS A 43 -7.46 -7.51 4.14
CA LYS A 43 -8.69 -6.86 4.60
C LYS A 43 -9.50 -6.33 3.42
N THR A 44 -8.80 -5.75 2.45
CA THR A 44 -9.44 -5.20 1.27
C THR A 44 -8.42 -4.86 0.18
N VAL A 45 -8.73 -5.24 -1.04
CA VAL A 45 -7.84 -4.99 -2.18
C VAL A 45 -8.44 -3.96 -3.12
N ARG A 46 -7.90 -2.75 -3.10
CA ARG A 46 -8.39 -1.68 -3.96
C ARG A 46 -7.43 -1.46 -5.13
N LEU A 47 -7.99 -1.42 -6.34
CA LEU A 47 -7.20 -1.21 -7.55
C LEU A 47 -7.93 -0.30 -8.54
N PRO A 48 -7.16 0.52 -9.26
CA PRO A 48 -7.71 1.45 -10.26
C PRO A 48 -8.27 0.73 -11.48
N LYS A 49 -9.57 0.84 -11.69
CA LYS A 49 -10.23 0.20 -12.83
C LYS A 49 -10.82 1.24 -13.76
N LYS A 50 -10.53 1.12 -15.05
CA LYS A 50 -11.05 2.04 -16.05
C LYS A 50 -12.57 2.08 -16.02
N MET A 51 -13.11 3.28 -15.83
CA MET A 51 -14.56 3.47 -15.79
C MET A 51 -15.12 3.67 -17.18
N THR A 52 -15.72 2.62 -17.74
CA THR A 52 -16.31 2.68 -19.06
C THR A 52 -15.50 3.59 -19.98
N GLY A 53 -14.18 3.50 -19.88
CA GLY A 53 -13.31 4.33 -20.70
C GLY A 53 -12.70 5.47 -19.92
N THR A 54 -13.53 6.41 -19.48
CA THR A 54 -13.07 7.56 -18.73
C THR A 54 -12.08 7.15 -17.65
N GLY A 55 -10.81 7.48 -17.86
CA GLY A 55 -9.78 7.13 -16.88
C GLY A 55 -9.24 5.73 -17.09
N ALA A 56 -7.93 5.58 -16.97
CA ALA A 56 -7.27 4.30 -17.14
C ALA A 56 -6.54 3.87 -15.87
N HIS A 57 -6.33 2.56 -15.73
CA HIS A 57 -5.64 2.03 -14.55
C HIS A 57 -4.22 2.57 -14.47
N ARG A 58 -3.91 3.21 -13.35
CA ARG A 58 -2.58 3.78 -13.14
C ARG A 58 -1.70 2.81 -12.35
N GLY A 59 -0.40 3.10 -12.31
CA GLY A 59 0.53 2.26 -11.57
C GLY A 59 0.51 2.52 -10.09
N PHE A 60 -0.58 2.15 -9.43
CA PHE A 60 -0.72 2.35 -8.00
C PHE A 60 -1.85 1.50 -7.43
N GLY A 61 -1.56 0.75 -6.37
CA GLY A 61 -2.56 -0.10 -5.76
C GLY A 61 -2.53 -0.03 -4.25
N PHE A 62 -3.70 -0.13 -3.63
CA PHE A 62 -3.80 -0.08 -2.17
C PHE A 62 -4.12 -1.46 -1.60
N VAL A 63 -3.19 -1.98 -0.79
CA VAL A 63 -3.38 -3.30 -0.18
C VAL A 63 -3.36 -3.20 1.34
N ASP A 64 -4.42 -3.68 1.97
CA ASP A 64 -4.52 -3.64 3.43
C ASP A 64 -4.41 -5.05 4.01
N PHE A 65 -3.72 -5.16 5.14
CA PHE A 65 -3.53 -6.45 5.80
C PHE A 65 -4.31 -6.51 7.11
N ILE A 66 -4.61 -7.72 7.57
CA ILE A 66 -5.34 -7.91 8.81
C ILE A 66 -4.53 -7.44 10.01
N THR A 67 -3.21 -7.62 9.93
CA THR A 67 -2.32 -7.22 11.01
C THR A 67 -1.06 -6.57 10.47
N LYS A 68 -0.32 -5.88 11.35
CA LYS A 68 0.91 -5.23 10.95
C LYS A 68 2.02 -6.24 10.67
N GLN A 69 2.15 -7.22 11.55
CA GLN A 69 3.16 -8.26 11.39
C GLN A 69 3.19 -8.78 9.96
N ASP A 70 2.07 -9.36 9.53
CA ASP A 70 1.96 -9.90 8.17
C ASP A 70 2.27 -8.82 7.13
N ALA A 71 1.77 -7.62 7.37
CA ALA A 71 2.00 -6.50 6.46
C ALA A 71 3.48 -6.26 6.25
N LYS A 72 4.24 -6.21 7.33
CA LYS A 72 5.67 -5.98 7.27
C LYS A 72 6.36 -7.08 6.47
N LYS A 73 6.23 -8.32 6.95
CA LYS A 73 6.84 -9.47 6.29
C LYS A 73 6.71 -9.34 4.77
N ALA A 74 5.47 -9.34 4.29
CA ALA A 74 5.21 -9.22 2.85
C ALA A 74 5.79 -7.92 2.30
N PHE A 75 5.55 -6.83 3.00
CA PHE A 75 6.04 -5.52 2.57
C PHE A 75 7.52 -5.59 2.21
N ASN A 76 8.33 -6.06 3.14
CA ASN A 76 9.77 -6.17 2.92
C ASN A 76 10.08 -7.28 1.91
N ALA A 77 9.51 -8.45 2.15
CA ALA A 77 9.71 -9.60 1.26
C ALA A 77 9.58 -9.18 -0.20
N LEU A 78 8.43 -8.60 -0.54
CA LEU A 78 8.17 -8.17 -1.90
C LEU A 78 8.97 -6.92 -2.24
N CYS A 79 8.90 -5.93 -1.35
CA CYS A 79 9.62 -4.67 -1.54
C CYS A 79 10.98 -4.91 -2.17
N HIS A 80 11.73 -5.87 -1.60
CA HIS A 80 13.06 -6.19 -2.10
C HIS A 80 13.11 -6.09 -3.62
N SER A 81 12.31 -6.91 -4.29
CA SER A 81 12.26 -6.92 -5.76
C SER A 81 11.07 -7.72 -6.25
N THR A 82 10.15 -7.04 -6.93
CA THR A 82 8.96 -7.69 -7.47
C THR A 82 8.81 -7.42 -8.96
N HIS A 83 9.11 -8.44 -9.78
CA HIS A 83 9.00 -8.30 -11.22
C HIS A 83 7.68 -8.87 -11.73
N LEU A 84 6.86 -8.01 -12.33
CA LEU A 84 5.57 -8.42 -12.85
C LEU A 84 5.39 -7.94 -14.29
N TYR A 85 5.30 -8.89 -15.22
CA TYR A 85 5.12 -8.57 -16.63
C TYR A 85 6.30 -7.74 -17.15
N GLY A 86 7.49 -8.02 -16.60
CA GLY A 86 8.67 -7.30 -17.03
C GLY A 86 8.75 -5.90 -16.46
N ARG A 87 8.30 -5.75 -15.22
CA ARG A 87 8.31 -4.45 -14.56
C ARG A 87 8.60 -4.60 -13.07
N ARG A 88 9.45 -3.71 -12.55
CA ARG A 88 9.82 -3.74 -11.14
C ARG A 88 8.89 -2.85 -10.31
N LEU A 89 7.99 -3.47 -9.57
CA LEU A 89 7.05 -2.73 -8.74
C LEU A 89 7.76 -2.06 -7.57
N VAL A 90 7.11 -1.07 -6.97
CA VAL A 90 7.68 -0.34 -5.84
C VAL A 90 6.72 -0.31 -4.67
N LEU A 91 7.05 -1.04 -3.61
CA LEU A 91 6.23 -1.09 -2.41
C LEU A 91 6.64 -0.03 -1.40
N GLU A 92 5.71 0.86 -1.07
CA GLU A 92 5.99 1.92 -0.11
C GLU A 92 4.78 2.17 0.80
N TRP A 93 5.05 2.55 2.03
CA TRP A 93 3.98 2.82 3.00
C TRP A 93 3.22 4.10 2.63
N ALA A 94 2.09 3.92 1.95
CA ALA A 94 1.27 5.04 1.54
C ALA A 94 1.21 6.11 2.63
N ASP A 95 0.96 7.35 2.23
CA ASP A 95 0.89 8.47 3.18
C ASP A 95 -0.52 8.58 3.75
N SER A 96 -0.61 8.57 5.07
CA SER A 96 -1.91 8.67 5.75
C SER A 96 -2.25 10.13 6.03
N GLU A 97 -3.49 10.51 5.73
CA GLU A 97 -3.95 11.88 5.95
C GLU A 97 -4.16 12.14 7.44
N VAL A 98 -3.53 13.18 7.95
CA VAL A 98 -3.65 13.55 9.36
C VAL A 98 -4.98 14.24 9.63
N THR A 99 -5.62 13.87 10.73
CA THR A 99 -6.90 14.46 11.10
C THR A 99 -6.89 14.94 12.56
N VAL A 100 -7.55 16.06 12.81
CA VAL A 100 -7.61 16.62 14.15
C VAL A 100 -9.01 17.15 14.46
N GLN A 101 -9.28 17.39 15.74
CA GLN A 101 -10.58 17.90 16.17
C GLN A 101 -10.42 18.96 17.25
N SER A 102 -10.77 20.20 16.90
CA SER A 102 -10.66 21.31 17.85
C SER A 102 -12.04 21.73 18.37
N GLY A 103 -12.37 21.27 19.57
CA GLY A 103 -13.65 21.60 20.15
C GLY A 103 -13.73 23.04 20.61
N PRO A 104 -14.96 23.56 20.70
CA PRO A 104 -15.19 24.95 21.13
C PRO A 104 -14.89 25.17 22.61
N SER A 105 -14.74 26.43 22.99
CA SER A 105 -14.44 26.76 24.38
C SER A 105 -15.54 27.65 24.98
N SER A 106 -16.33 27.06 25.88
CA SER A 106 -17.41 27.80 26.52
C SER A 106 -17.46 27.50 28.01
N GLY A 107 -17.78 28.52 28.81
CA GLY A 107 -17.86 28.34 30.25
C GLY A 107 -18.01 29.65 30.99
N GLY A 1 5.33 35.50 -3.87
CA GLY A 1 4.62 34.25 -3.90
C GLY A 1 5.48 33.10 -4.38
N SER A 2 6.03 32.34 -3.42
CA SER A 2 6.90 31.21 -3.75
C SER A 2 7.26 30.44 -2.49
N SER A 3 6.80 29.20 -2.40
CA SER A 3 7.08 28.35 -1.24
C SER A 3 6.82 26.88 -1.57
N GLY A 4 7.38 25.99 -0.76
CA GLY A 4 7.20 24.56 -0.98
C GLY A 4 8.18 23.73 -0.18
N SER A 5 7.70 23.14 0.91
CA SER A 5 8.55 22.31 1.76
C SER A 5 7.78 21.09 2.26
N SER A 6 8.51 20.13 2.82
CA SER A 6 7.90 18.91 3.34
C SER A 6 8.81 18.24 4.37
N GLY A 7 8.20 17.64 5.38
CA GLY A 7 8.97 16.97 6.42
C GLY A 7 8.36 15.63 6.82
N GLN A 8 9.05 14.93 7.71
CA GLN A 8 8.57 13.63 8.18
C GLN A 8 8.04 13.72 9.60
N VAL A 9 6.82 13.23 9.81
CA VAL A 9 6.20 13.26 11.13
C VAL A 9 6.45 11.97 11.88
N PRO A 10 6.59 12.07 13.21
CA PRO A 10 6.84 10.92 14.09
C PRO A 10 5.63 9.99 14.19
N LYS A 11 5.79 8.77 13.70
CA LYS A 11 4.71 7.79 13.74
C LYS A 11 4.63 7.12 15.11
N LYS A 12 3.55 7.40 15.83
CA LYS A 12 3.35 6.83 17.15
C LYS A 12 3.02 5.33 17.05
N GLN A 13 2.10 4.99 16.17
CA GLN A 13 1.70 3.60 15.97
C GLN A 13 2.02 3.13 14.56
N THR A 14 2.17 1.82 14.39
CA THR A 14 2.49 1.24 13.10
C THR A 14 1.23 1.01 12.27
N THR A 15 1.09 1.78 11.18
CA THR A 15 -0.07 1.66 10.31
C THR A 15 0.14 0.57 9.28
N SER A 16 -0.85 -0.31 9.14
CA SER A 16 -0.78 -1.40 8.18
C SER A 16 -1.41 -1.01 6.85
N LYS A 17 -0.61 -0.39 5.99
CA LYS A 17 -1.08 0.05 4.68
C LYS A 17 0.02 -0.05 3.64
N ILE A 18 -0.16 -0.95 2.68
CA ILE A 18 0.83 -1.14 1.61
C ILE A 18 0.31 -0.62 0.29
N LEU A 19 1.02 0.34 -0.29
CA LEU A 19 0.64 0.93 -1.57
C LEU A 19 1.64 0.57 -2.66
N VAL A 20 1.21 -0.20 -3.64
CA VAL A 20 2.07 -0.62 -4.74
C VAL A 20 1.90 0.31 -5.94
N ARG A 21 3.02 0.80 -6.47
CA ARG A 21 2.99 1.68 -7.62
C ARG A 21 3.77 1.08 -8.79
N ASN A 22 3.62 1.69 -9.96
CA ASN A 22 4.31 1.22 -11.17
C ASN A 22 3.80 -0.16 -11.57
N ILE A 23 2.48 -0.35 -11.48
CA ILE A 23 1.87 -1.63 -11.85
C ILE A 23 1.57 -1.68 -13.34
N PRO A 24 1.86 -2.84 -13.96
CA PRO A 24 1.62 -3.06 -15.39
C PRO A 24 0.13 -3.13 -15.73
N PHE A 25 -0.18 -2.99 -17.01
CA PHE A 25 -1.57 -3.04 -17.46
C PHE A 25 -2.15 -4.43 -17.29
N GLN A 26 -1.36 -5.44 -17.64
CA GLN A 26 -1.80 -6.83 -17.54
C GLN A 26 -2.22 -7.15 -16.11
N ALA A 27 -1.55 -6.53 -15.14
CA ALA A 27 -1.85 -6.75 -13.74
C ALA A 27 -3.14 -6.05 -13.33
N ASN A 28 -3.98 -6.75 -12.58
CA ASN A 28 -5.25 -6.19 -12.13
C ASN A 28 -5.44 -6.41 -10.63
N GLN A 29 -6.51 -5.85 -10.09
CA GLN A 29 -6.81 -5.98 -8.67
C GLN A 29 -6.61 -7.42 -8.20
N ARG A 30 -7.17 -8.36 -8.95
CA ARG A 30 -7.06 -9.78 -8.62
C ARG A 30 -5.59 -10.17 -8.44
N GLU A 31 -4.79 -9.92 -9.47
CA GLU A 31 -3.37 -10.26 -9.43
C GLU A 31 -2.74 -9.80 -8.12
N ILE A 32 -3.03 -8.56 -7.73
CA ILE A 32 -2.49 -8.01 -6.49
C ILE A 32 -3.00 -8.77 -5.28
N ARG A 33 -4.32 -8.90 -5.17
CA ARG A 33 -4.93 -9.61 -4.05
C ARG A 33 -4.19 -10.91 -3.77
N GLU A 34 -4.04 -11.74 -4.80
CA GLU A 34 -3.34 -13.01 -4.66
C GLU A 34 -1.86 -12.80 -4.37
N LEU A 35 -1.28 -11.83 -5.05
CA LEU A 35 0.14 -11.52 -4.87
C LEU A 35 0.50 -11.42 -3.38
N PHE A 36 -0.25 -10.60 -2.66
CA PHE A 36 -0.02 -10.43 -1.23
C PHE A 36 -0.67 -11.53 -0.42
N SER A 37 -1.94 -11.81 -0.73
CA SER A 37 -2.69 -12.85 -0.03
C SER A 37 -1.79 -14.04 0.28
N THR A 38 -0.86 -14.34 -0.63
CA THR A 38 0.06 -15.45 -0.45
C THR A 38 0.83 -15.32 0.86
N PHE A 39 1.35 -14.14 1.12
CA PHE A 39 2.11 -13.87 2.33
C PHE A 39 1.22 -13.94 3.56
N GLY A 40 -0.04 -13.56 3.39
CA GLY A 40 -0.99 -13.58 4.49
C GLY A 40 -2.35 -13.05 4.10
N GLU A 41 -3.34 -13.27 4.96
CA GLU A 41 -4.70 -12.82 4.69
C GLU A 41 -4.76 -11.30 4.59
N LEU A 42 -5.50 -10.80 3.61
CA LEU A 42 -5.64 -9.36 3.40
C LEU A 42 -7.02 -8.88 3.85
N LYS A 43 -7.12 -7.59 4.13
CA LYS A 43 -8.38 -6.99 4.57
C LYS A 43 -9.21 -6.54 3.38
N THR A 44 -8.56 -5.90 2.41
CA THR A 44 -9.23 -5.41 1.21
C THR A 44 -8.24 -4.84 0.21
N VAL A 45 -8.56 -4.96 -1.07
CA VAL A 45 -7.70 -4.45 -2.13
C VAL A 45 -8.43 -3.41 -2.99
N ARG A 46 -7.86 -2.22 -3.06
CA ARG A 46 -8.45 -1.15 -3.84
C ARG A 46 -7.54 -0.74 -5.00
N LEU A 47 -7.97 -1.03 -6.22
CA LEU A 47 -7.19 -0.69 -7.41
C LEU A 47 -8.05 0.04 -8.43
N PRO A 48 -7.44 1.01 -9.14
CA PRO A 48 -8.13 1.80 -10.16
C PRO A 48 -8.46 0.98 -11.39
N LYS A 49 -9.65 1.20 -11.96
CA LYS A 49 -10.09 0.49 -13.14
C LYS A 49 -10.39 1.46 -14.28
N LYS A 50 -9.61 1.36 -15.36
CA LYS A 50 -9.80 2.23 -16.51
C LYS A 50 -10.46 1.47 -17.67
N MET A 51 -11.31 2.16 -18.42
CA MET A 51 -12.00 1.55 -19.54
C MET A 51 -11.03 1.23 -20.68
N THR A 52 -11.43 0.34 -21.57
CA THR A 52 -10.60 -0.05 -22.70
C THR A 52 -10.46 1.09 -23.70
N GLY A 53 -9.26 1.65 -23.79
CA GLY A 53 -9.01 2.74 -24.71
C GLY A 53 -7.59 3.24 -24.66
N THR A 54 -7.40 4.53 -24.95
CA THR A 54 -6.08 5.13 -24.92
C THR A 54 -5.38 4.91 -23.58
N GLY A 55 -4.45 3.96 -23.55
CA GLY A 55 -3.73 3.66 -22.33
C GLY A 55 -4.46 2.66 -21.46
N ALA A 56 -3.93 2.41 -20.27
CA ALA A 56 -4.53 1.47 -19.34
C ALA A 56 -4.78 2.11 -17.98
N HIS A 57 -5.24 1.31 -17.02
CA HIS A 57 -5.51 1.81 -15.68
C HIS A 57 -4.30 2.50 -15.10
N ARG A 58 -4.48 3.16 -13.95
CA ARG A 58 -3.39 3.87 -13.30
C ARG A 58 -2.52 2.90 -12.51
N GLY A 59 -1.20 3.12 -12.56
CA GLY A 59 -0.27 2.26 -11.86
C GLY A 59 -0.22 2.54 -10.37
N PHE A 60 -1.27 2.14 -9.67
CA PHE A 60 -1.35 2.36 -8.23
C PHE A 60 -2.43 1.47 -7.60
N GLY A 61 -2.07 0.82 -6.50
CA GLY A 61 -3.01 -0.05 -5.82
C GLY A 61 -2.81 -0.07 -4.32
N PHE A 62 -3.92 -0.08 -3.58
CA PHE A 62 -3.85 -0.09 -2.11
C PHE A 62 -4.13 -1.49 -1.57
N VAL A 63 -3.30 -1.92 -0.64
CA VAL A 63 -3.45 -3.24 -0.02
C VAL A 63 -3.49 -3.14 1.49
N ASP A 64 -4.38 -3.91 2.11
CA ASP A 64 -4.52 -3.93 3.56
C ASP A 64 -4.33 -5.33 4.12
N PHE A 65 -3.70 -5.41 5.28
CA PHE A 65 -3.45 -6.70 5.92
C PHE A 65 -4.25 -6.83 7.22
N ILE A 66 -4.50 -8.07 7.63
CA ILE A 66 -5.26 -8.32 8.85
C ILE A 66 -4.46 -7.91 10.08
N THR A 67 -3.17 -8.26 10.09
CA THR A 67 -2.30 -7.94 11.21
C THR A 67 -1.13 -7.06 10.76
N LYS A 68 -0.34 -6.60 11.71
CA LYS A 68 0.82 -5.76 11.42
C LYS A 68 2.03 -6.61 11.08
N GLN A 69 2.14 -7.76 11.71
CA GLN A 69 3.25 -8.68 11.47
C GLN A 69 3.30 -9.10 10.01
N ASP A 70 2.15 -9.48 9.47
CA ASP A 70 2.06 -9.91 8.08
C ASP A 70 2.37 -8.74 7.13
N ALA A 71 1.77 -7.59 7.40
CA ALA A 71 1.98 -6.40 6.57
C ALA A 71 3.47 -6.17 6.33
N LYS A 72 4.22 -5.99 7.41
CA LYS A 72 5.65 -5.75 7.31
C LYS A 72 6.34 -6.88 6.55
N LYS A 73 6.09 -8.11 6.98
CA LYS A 73 6.68 -9.28 6.34
C LYS A 73 6.52 -9.22 4.83
N ALA A 74 5.27 -9.05 4.38
CA ALA A 74 4.99 -8.96 2.95
C ALA A 74 5.63 -7.73 2.33
N PHE A 75 5.62 -6.63 3.07
CA PHE A 75 6.19 -5.38 2.59
C PHE A 75 7.67 -5.55 2.25
N ASN A 76 8.45 -5.97 3.24
CA ASN A 76 9.88 -6.19 3.04
C ASN A 76 10.14 -7.30 2.03
N ALA A 77 9.45 -8.43 2.23
CA ALA A 77 9.60 -9.57 1.33
C ALA A 77 9.51 -9.14 -0.13
N LEU A 78 8.39 -8.50 -0.47
CA LEU A 78 8.18 -8.04 -1.84
C LEU A 78 9.07 -6.85 -2.16
N CYS A 79 8.95 -5.79 -1.35
CA CYS A 79 9.74 -4.58 -1.55
C CYS A 79 11.12 -4.93 -2.08
N HIS A 80 11.83 -5.82 -1.38
CA HIS A 80 13.17 -6.22 -1.78
C HIS A 80 13.27 -6.33 -3.29
N SER A 81 12.54 -7.28 -3.86
CA SER A 81 12.55 -7.48 -5.30
C SER A 81 11.25 -8.09 -5.79
N THR A 82 10.45 -7.29 -6.49
CA THR A 82 9.17 -7.74 -7.01
C THR A 82 9.09 -7.57 -8.52
N HIS A 83 8.89 -8.68 -9.23
CA HIS A 83 8.79 -8.66 -10.68
C HIS A 83 7.42 -9.14 -11.15
N LEU A 84 6.78 -8.34 -12.00
CA LEU A 84 5.47 -8.68 -12.52
C LEU A 84 5.33 -8.26 -13.98
N TYR A 85 5.23 -9.25 -14.87
CA TYR A 85 5.09 -8.97 -16.30
C TYR A 85 6.33 -8.26 -16.83
N GLY A 86 7.49 -8.61 -16.30
CA GLY A 86 8.73 -8.00 -16.73
C GLY A 86 8.86 -6.56 -16.28
N ARG A 87 8.25 -6.25 -15.13
CA ARG A 87 8.30 -4.90 -14.59
C ARG A 87 8.36 -4.92 -13.06
N ARG A 88 9.16 -4.03 -12.49
CA ARG A 88 9.31 -3.95 -11.04
C ARG A 88 8.23 -3.07 -10.44
N LEU A 89 7.81 -3.41 -9.21
CA LEU A 89 6.79 -2.65 -8.51
C LEU A 89 7.37 -1.90 -7.32
N VAL A 90 7.02 -0.63 -7.21
CA VAL A 90 7.52 0.20 -6.10
C VAL A 90 6.58 0.12 -4.90
N LEU A 91 7.06 -0.49 -3.83
CA LEU A 91 6.27 -0.64 -2.61
C LEU A 91 6.64 0.44 -1.59
N GLU A 92 5.67 1.27 -1.24
CA GLU A 92 5.90 2.34 -0.27
C GLU A 92 4.72 2.47 0.69
N TRP A 93 5.01 2.82 1.94
CA TRP A 93 3.98 2.98 2.96
C TRP A 93 3.15 4.22 2.70
N ALA A 94 1.94 4.03 2.16
CA ALA A 94 1.04 5.15 1.88
C ALA A 94 1.08 6.18 2.99
N ASP A 95 0.89 7.45 2.64
CA ASP A 95 0.90 8.53 3.61
C ASP A 95 -0.19 8.32 4.65
N SER A 96 0.17 8.46 5.93
CA SER A 96 -0.77 8.28 7.02
C SER A 96 -1.75 9.45 7.08
N GLU A 97 -3.03 9.15 6.91
CA GLU A 97 -4.06 10.18 6.94
C GLU A 97 -4.79 10.18 8.29
N VAL A 98 -4.96 11.37 8.86
CA VAL A 98 -5.64 11.51 10.14
C VAL A 98 -7.04 12.07 9.98
N THR A 99 -8.02 11.37 10.54
CA THR A 99 -9.41 11.80 10.45
C THR A 99 -10.13 11.62 11.79
N VAL A 100 -10.45 12.73 12.43
CA VAL A 100 -11.13 12.70 13.72
C VAL A 100 -10.68 11.51 14.56
N GLN A 101 -9.38 11.22 14.52
CA GLN A 101 -8.82 10.11 15.27
C GLN A 101 -8.13 10.61 16.54
N SER A 102 -8.73 10.32 17.69
CA SER A 102 -8.17 10.74 18.97
C SER A 102 -8.15 9.57 19.96
N GLY A 103 -9.25 8.83 20.01
CA GLY A 103 -9.34 7.70 20.92
C GLY A 103 -9.73 8.11 22.32
N PRO A 104 -11.05 8.27 22.55
CA PRO A 104 -11.57 8.66 23.86
C PRO A 104 -11.42 7.56 24.91
N SER A 105 -11.18 7.96 26.15
CA SER A 105 -11.01 7.00 27.24
C SER A 105 -12.31 6.85 28.03
N SER A 106 -12.76 7.95 28.62
CA SER A 106 -14.00 7.93 29.41
C SER A 106 -15.21 7.70 28.52
N GLY A 107 -16.36 7.52 29.15
CA GLY A 107 -17.59 7.29 28.39
C GLY A 107 -18.83 7.55 29.22
N GLY A 1 17.28 26.95 -1.33
CA GLY A 1 16.45 26.12 -2.19
C GLY A 1 15.92 24.89 -1.49
N SER A 2 14.71 24.47 -1.85
CA SER A 2 14.09 23.31 -1.24
C SER A 2 13.03 22.72 -2.16
N SER A 3 13.14 21.41 -2.43
CA SER A 3 12.20 20.72 -3.30
C SER A 3 11.57 19.54 -2.58
N GLY A 4 10.24 19.50 -2.56
CA GLY A 4 9.53 18.42 -1.91
C GLY A 4 8.56 18.91 -0.86
N SER A 5 7.34 18.37 -0.88
CA SER A 5 6.32 18.78 0.08
C SER A 5 5.73 17.55 0.78
N SER A 6 5.28 16.58 -0.02
CA SER A 6 4.69 15.36 0.52
C SER A 6 5.70 14.60 1.39
N GLY A 7 5.57 14.73 2.69
CA GLY A 7 6.48 14.05 3.60
C GLY A 7 6.09 14.25 5.06
N GLN A 8 4.81 14.13 5.36
CA GLN A 8 4.32 14.30 6.72
C GLN A 8 3.80 12.98 7.28
N VAL A 9 4.67 12.26 7.99
CA VAL A 9 4.29 10.98 8.58
C VAL A 9 4.61 10.95 10.07
N PRO A 10 3.75 10.27 10.84
CA PRO A 10 3.92 10.15 12.30
C PRO A 10 5.11 9.27 12.68
N LYS A 11 5.50 9.33 13.94
CA LYS A 11 6.62 8.54 14.43
C LYS A 11 6.14 7.41 15.33
N LYS A 12 5.35 7.75 16.35
CA LYS A 12 4.82 6.77 17.28
C LYS A 12 3.77 5.89 16.60
N GLN A 13 2.80 6.53 15.96
CA GLN A 13 1.74 5.80 15.27
C GLN A 13 2.30 4.89 14.18
N THR A 14 1.63 3.78 13.94
CA THR A 14 2.07 2.82 12.93
C THR A 14 0.89 2.27 12.14
N THR A 15 0.78 2.68 10.88
CA THR A 15 -0.30 2.24 10.02
C THR A 15 0.11 1.00 9.23
N SER A 16 -0.86 0.14 8.93
CA SER A 16 -0.61 -1.08 8.18
C SER A 16 -1.25 -1.01 6.80
N LYS A 17 -0.53 -0.44 5.84
CA LYS A 17 -1.04 -0.31 4.47
C LYS A 17 0.11 -0.42 3.47
N ILE A 18 -0.09 -1.26 2.45
CA ILE A 18 0.92 -1.45 1.42
C ILE A 18 0.47 -0.86 0.09
N LEU A 19 1.11 0.24 -0.31
CA LEU A 19 0.78 0.91 -1.56
C LEU A 19 1.82 0.61 -2.63
N VAL A 20 1.42 -0.18 -3.62
CA VAL A 20 2.32 -0.55 -4.71
C VAL A 20 2.15 0.38 -5.90
N ARG A 21 3.27 0.81 -6.49
CA ARG A 21 3.24 1.71 -7.64
C ARG A 21 3.94 1.07 -8.83
N ASN A 22 3.73 1.67 -10.00
CA ASN A 22 4.35 1.16 -11.23
C ASN A 22 3.72 -0.17 -11.65
N ILE A 23 2.43 -0.31 -11.36
CA ILE A 23 1.71 -1.53 -11.70
C ILE A 23 1.38 -1.57 -13.19
N PRO A 24 1.72 -2.70 -13.84
CA PRO A 24 1.47 -2.90 -15.27
C PRO A 24 -0.02 -3.03 -15.59
N PHE A 25 -0.44 -2.44 -16.70
CA PHE A 25 -1.83 -2.49 -17.12
C PHE A 25 -2.38 -3.90 -16.99
N GLN A 26 -1.53 -4.89 -17.20
CA GLN A 26 -1.94 -6.29 -17.10
C GLN A 26 -2.36 -6.63 -15.69
N ALA A 27 -1.60 -6.16 -14.70
CA ALA A 27 -1.91 -6.41 -13.30
C ALA A 27 -3.32 -5.94 -12.95
N ASN A 28 -4.09 -6.81 -12.31
CA ASN A 28 -5.45 -6.48 -11.92
C ASN A 28 -5.68 -6.78 -10.44
N GLN A 29 -6.83 -6.34 -9.92
CA GLN A 29 -7.17 -6.56 -8.52
C GLN A 29 -6.76 -7.97 -8.08
N ARG A 30 -7.17 -8.97 -8.84
CA ARG A 30 -6.85 -10.35 -8.52
C ARG A 30 -5.35 -10.52 -8.33
N GLU A 31 -4.59 -10.41 -9.41
CA GLU A 31 -3.14 -10.56 -9.35
C GLU A 31 -2.60 -10.01 -8.03
N ILE A 32 -2.95 -8.77 -7.72
CA ILE A 32 -2.50 -8.13 -6.50
C ILE A 32 -2.99 -8.88 -5.26
N ARG A 33 -4.29 -9.17 -5.23
CA ARG A 33 -4.88 -9.89 -4.11
C ARG A 33 -4.07 -11.12 -3.76
N GLU A 34 -3.90 -12.00 -4.75
CA GLU A 34 -3.15 -13.23 -4.55
C GLU A 34 -1.67 -12.93 -4.25
N LEU A 35 -1.15 -11.92 -4.93
CA LEU A 35 0.25 -11.52 -4.74
C LEU A 35 0.58 -11.40 -3.26
N PHE A 36 -0.20 -10.60 -2.54
CA PHE A 36 0.01 -10.40 -1.12
C PHE A 36 -0.69 -11.48 -0.30
N SER A 37 -1.97 -11.71 -0.60
CA SER A 37 -2.75 -12.71 0.11
C SER A 37 -1.91 -13.96 0.40
N THR A 38 -1.00 -14.27 -0.51
CA THR A 38 -0.13 -15.43 -0.35
C THR A 38 0.59 -15.40 1.00
N PHE A 39 1.14 -14.24 1.34
CA PHE A 39 1.86 -14.08 2.60
C PHE A 39 0.91 -14.25 3.78
N GLY A 40 -0.29 -13.70 3.66
CA GLY A 40 -1.27 -13.80 4.72
C GLY A 40 -2.62 -13.24 4.33
N GLU A 41 -3.59 -13.34 5.23
CA GLU A 41 -4.94 -12.85 4.97
C GLU A 41 -4.92 -11.34 4.72
N LEU A 42 -5.75 -10.89 3.78
CA LEU A 42 -5.83 -9.48 3.45
C LEU A 42 -7.13 -8.87 3.98
N LYS A 43 -7.14 -7.55 4.13
CA LYS A 43 -8.32 -6.84 4.63
C LYS A 43 -9.19 -6.36 3.47
N THR A 44 -8.55 -5.77 2.46
CA THR A 44 -9.26 -5.25 1.30
C THR A 44 -8.28 -4.86 0.19
N VAL A 45 -8.65 -5.17 -1.05
CA VAL A 45 -7.81 -4.85 -2.20
C VAL A 45 -8.42 -3.72 -3.01
N ARG A 46 -7.81 -2.54 -2.93
CA ARG A 46 -8.29 -1.38 -3.67
C ARG A 46 -7.44 -1.13 -4.91
N LEU A 47 -8.08 -1.06 -6.06
CA LEU A 47 -7.38 -0.83 -7.32
C LEU A 47 -8.11 0.21 -8.17
N PRO A 48 -7.34 1.05 -8.86
CA PRO A 48 -7.89 2.10 -9.73
C PRO A 48 -8.57 1.53 -10.98
N LYS A 49 -9.53 2.28 -11.51
CA LYS A 49 -10.26 1.85 -12.70
C LYS A 49 -10.16 2.90 -13.80
N LYS A 50 -9.97 2.45 -15.03
CA LYS A 50 -9.86 3.34 -16.18
C LYS A 50 -11.24 3.60 -16.80
N MET A 51 -11.32 4.65 -17.61
CA MET A 51 -12.58 5.00 -18.27
C MET A 51 -12.58 4.54 -19.71
N THR A 52 -13.53 3.67 -20.06
CA THR A 52 -13.63 3.16 -21.42
C THR A 52 -13.39 4.25 -22.45
N GLY A 53 -12.14 4.36 -22.92
CA GLY A 53 -11.80 5.37 -23.90
C GLY A 53 -10.34 5.33 -24.27
N THR A 54 -9.54 6.19 -23.63
CA THR A 54 -8.11 6.25 -23.91
C THR A 54 -7.30 6.28 -22.62
N GLY A 55 -6.37 5.34 -22.49
CA GLY A 55 -5.53 5.28 -21.30
C GLY A 55 -5.97 4.19 -20.34
N ALA A 56 -5.00 3.61 -19.64
CA ALA A 56 -5.30 2.54 -18.70
C ALA A 56 -5.36 3.08 -17.27
N HIS A 57 -5.70 2.21 -16.32
CA HIS A 57 -5.79 2.60 -14.92
C HIS A 57 -4.47 3.16 -14.42
N ARG A 58 -4.51 3.84 -13.28
CA ARG A 58 -3.31 4.43 -12.70
C ARG A 58 -2.34 3.35 -12.23
N GLY A 59 -1.05 3.61 -12.37
CA GLY A 59 -0.05 2.64 -11.96
C GLY A 59 0.16 2.63 -10.46
N PHE A 60 -0.88 2.28 -9.72
CA PHE A 60 -0.81 2.24 -8.26
C PHE A 60 -1.91 1.35 -7.69
N GLY A 61 -1.63 0.75 -6.54
CA GLY A 61 -2.60 -0.12 -5.90
C GLY A 61 -2.53 -0.07 -4.38
N PHE A 62 -3.67 -0.24 -3.73
CA PHE A 62 -3.73 -0.21 -2.27
C PHE A 62 -4.08 -1.58 -1.72
N VAL A 63 -3.22 -2.11 -0.85
CA VAL A 63 -3.45 -3.41 -0.24
C VAL A 63 -3.44 -3.32 1.28
N ASP A 64 -4.56 -3.67 1.89
CA ASP A 64 -4.69 -3.63 3.35
C ASP A 64 -4.49 -5.02 3.95
N PHE A 65 -3.89 -5.06 5.13
CA PHE A 65 -3.65 -6.33 5.81
C PHE A 65 -4.44 -6.41 7.12
N ILE A 66 -4.63 -7.63 7.60
CA ILE A 66 -5.37 -7.84 8.84
C ILE A 66 -4.58 -7.34 10.06
N THR A 67 -3.27 -7.54 10.02
CA THR A 67 -2.41 -7.10 11.11
C THR A 67 -1.13 -6.46 10.57
N LYS A 68 -0.23 -6.09 11.48
CA LYS A 68 1.03 -5.48 11.10
C LYS A 68 2.08 -6.54 10.76
N GLN A 69 2.08 -7.62 11.53
CA GLN A 69 3.03 -8.71 11.30
C GLN A 69 3.10 -9.08 9.83
N ASP A 70 1.99 -9.59 9.30
CA ASP A 70 1.92 -9.98 7.89
C ASP A 70 2.26 -8.80 6.98
N ALA A 71 1.69 -7.64 7.30
CA ALA A 71 1.93 -6.43 6.50
C ALA A 71 3.42 -6.25 6.22
N LYS A 72 4.20 -6.10 7.29
CA LYS A 72 5.64 -5.92 7.17
C LYS A 72 6.28 -7.11 6.46
N LYS A 73 6.12 -8.29 7.04
CA LYS A 73 6.67 -9.51 6.47
C LYS A 73 6.58 -9.50 4.95
N ALA A 74 5.36 -9.31 4.45
CA ALA A 74 5.13 -9.27 3.00
C ALA A 74 5.74 -8.01 2.38
N PHE A 75 5.29 -6.85 2.84
CA PHE A 75 5.78 -5.59 2.33
C PHE A 75 7.29 -5.67 2.04
N ASN A 76 8.07 -6.04 3.04
CA ASN A 76 9.51 -6.15 2.89
C ASN A 76 9.86 -7.28 1.92
N ALA A 77 9.21 -8.42 2.08
CA ALA A 77 9.45 -9.56 1.21
C ALA A 77 9.42 -9.16 -0.26
N LEU A 78 8.45 -8.33 -0.61
CA LEU A 78 8.31 -7.86 -1.99
C LEU A 78 9.23 -6.67 -2.27
N CYS A 79 9.10 -5.63 -1.45
CA CYS A 79 9.92 -4.44 -1.60
C CYS A 79 11.32 -4.79 -2.08
N HIS A 80 11.92 -5.79 -1.42
CA HIS A 80 13.27 -6.24 -1.78
C HIS A 80 13.44 -6.28 -3.29
N SER A 81 12.70 -7.16 -3.94
CA SER A 81 12.76 -7.31 -5.39
C SER A 81 11.52 -8.00 -5.94
N THR A 82 10.65 -7.22 -6.58
CA THR A 82 9.42 -7.77 -7.15
C THR A 82 9.33 -7.48 -8.64
N HIS A 83 9.17 -8.54 -9.43
CA HIS A 83 9.06 -8.40 -10.88
C HIS A 83 7.74 -8.94 -11.39
N LEU A 84 7.05 -8.16 -12.21
CA LEU A 84 5.77 -8.55 -12.77
C LEU A 84 5.65 -8.13 -14.23
N TYR A 85 5.24 -9.07 -15.08
CA TYR A 85 5.08 -8.79 -16.50
C TYR A 85 6.29 -8.03 -17.04
N GLY A 86 7.45 -8.24 -16.42
CA GLY A 86 8.65 -7.58 -16.86
C GLY A 86 8.76 -6.16 -16.33
N ARG A 87 8.17 -5.92 -15.17
CA ARG A 87 8.19 -4.59 -14.56
C ARG A 87 8.45 -4.68 -13.06
N ARG A 88 9.33 -3.82 -12.57
CA ARG A 88 9.68 -3.80 -11.15
C ARG A 88 8.71 -2.93 -10.36
N LEU A 89 7.90 -3.57 -9.53
CA LEU A 89 6.92 -2.86 -8.71
C LEU A 89 7.60 -2.14 -7.56
N VAL A 90 7.02 -1.00 -7.15
CA VAL A 90 7.57 -0.22 -6.06
C VAL A 90 6.74 -0.40 -4.78
N LEU A 91 7.41 -0.67 -3.68
CA LEU A 91 6.73 -0.85 -2.39
C LEU A 91 6.84 0.41 -1.54
N GLU A 92 5.70 1.03 -1.26
CA GLU A 92 5.67 2.25 -0.45
C GLU A 92 4.50 2.21 0.52
N TRP A 93 4.77 2.60 1.76
CA TRP A 93 3.74 2.63 2.80
C TRP A 93 2.79 3.80 2.61
N ALA A 94 1.50 3.51 2.49
CA ALA A 94 0.49 4.54 2.30
C ALA A 94 0.60 5.61 3.39
N ASP A 95 0.70 6.86 2.98
CA ASP A 95 0.81 7.98 3.92
C ASP A 95 -0.55 8.33 4.48
N SER A 96 -0.76 8.03 5.76
CA SER A 96 -2.02 8.32 6.43
C SER A 96 -2.07 9.76 6.92
N GLU A 97 -3.27 10.32 6.97
CA GLU A 97 -3.44 11.70 7.43
C GLU A 97 -3.61 11.76 8.94
N VAL A 98 -2.86 12.63 9.58
CA VAL A 98 -2.92 12.79 11.03
C VAL A 98 -3.58 14.12 11.42
N THR A 99 -4.43 14.07 12.44
CA THR A 99 -5.12 15.26 12.90
C THR A 99 -4.98 15.43 14.40
N VAL A 100 -3.75 15.26 14.90
CA VAL A 100 -3.48 15.39 16.33
C VAL A 100 -3.00 16.80 16.67
N GLN A 101 -3.73 17.46 17.56
CA GLN A 101 -3.38 18.82 17.97
C GLN A 101 -2.47 18.79 19.20
N SER A 102 -1.50 19.70 19.23
CA SER A 102 -0.56 19.80 20.34
C SER A 102 -1.03 20.80 21.38
N GLY A 103 -0.46 20.73 22.57
CA GLY A 103 -0.84 21.65 23.64
C GLY A 103 0.16 21.66 24.78
N PRO A 104 0.22 22.78 25.50
CA PRO A 104 1.14 22.94 26.63
C PRO A 104 0.74 22.08 27.83
N SER A 105 -0.34 21.32 27.66
CA SER A 105 -0.83 20.45 28.73
C SER A 105 0.11 19.25 28.94
N SER A 106 0.18 18.78 30.18
CA SER A 106 1.04 17.66 30.51
C SER A 106 0.73 17.14 31.92
N GLY A 107 1.04 15.86 32.15
CA GLY A 107 0.78 15.26 33.44
C GLY A 107 -0.69 14.97 33.67
N GLY A 1 -2.21 29.93 -6.05
CA GLY A 1 -0.87 29.91 -5.51
C GLY A 1 -0.72 28.97 -4.34
N SER A 2 -0.49 27.68 -4.63
CA SER A 2 -0.33 26.68 -3.59
C SER A 2 0.75 25.67 -3.97
N SER A 3 1.79 25.59 -3.15
CA SER A 3 2.89 24.67 -3.39
C SER A 3 3.26 23.89 -2.14
N GLY A 4 3.30 22.57 -2.25
CA GLY A 4 3.64 21.74 -1.11
C GLY A 4 2.56 21.75 -0.05
N SER A 5 2.17 20.57 0.42
CA SER A 5 1.14 20.46 1.45
C SER A 5 1.73 20.65 2.84
N SER A 6 2.67 21.58 2.95
CA SER A 6 3.31 21.87 4.23
C SER A 6 3.54 20.58 5.02
N GLY A 7 4.16 19.59 4.36
CA GLY A 7 4.43 18.33 5.01
C GLY A 7 5.90 17.96 4.99
N GLN A 8 6.71 18.67 5.77
CA GLN A 8 8.13 18.43 5.84
C GLN A 8 8.51 17.71 7.13
N VAL A 9 7.57 16.93 7.66
CA VAL A 9 7.80 16.19 8.89
C VAL A 9 7.47 14.71 8.71
N PRO A 10 8.31 13.84 9.31
CA PRO A 10 8.13 12.40 9.23
C PRO A 10 6.91 11.90 10.01
N LYS A 11 6.42 10.73 9.65
CA LYS A 11 5.26 10.15 10.31
C LYS A 11 5.58 9.79 11.76
N LYS A 12 4.55 9.73 12.59
CA LYS A 12 4.71 9.40 14.00
C LYS A 12 3.98 8.10 14.34
N GLN A 13 2.77 7.94 13.80
CA GLN A 13 1.98 6.75 14.05
C GLN A 13 2.45 5.59 13.19
N THR A 14 2.31 4.36 13.71
CA THR A 14 2.72 3.18 13.00
C THR A 14 1.54 2.52 12.29
N THR A 15 1.29 2.93 11.05
CA THR A 15 0.20 2.39 10.27
C THR A 15 0.65 1.17 9.47
N SER A 16 -0.32 0.39 8.98
CA SER A 16 -0.02 -0.81 8.21
C SER A 16 -0.81 -0.81 6.90
N LYS A 17 -0.25 -0.16 5.88
CA LYS A 17 -0.90 -0.09 4.57
C LYS A 17 0.14 -0.17 3.46
N ILE A 18 0.11 -1.27 2.71
CA ILE A 18 1.04 -1.46 1.60
C ILE A 18 0.48 -0.88 0.30
N LEU A 19 1.18 0.11 -0.25
CA LEU A 19 0.75 0.75 -1.49
C LEU A 19 1.72 0.43 -2.62
N VAL A 20 1.34 -0.52 -3.47
CA VAL A 20 2.19 -0.91 -4.60
C VAL A 20 1.97 0.01 -5.79
N ARG A 21 3.05 0.60 -6.29
CA ARG A 21 2.99 1.50 -7.42
C ARG A 21 3.76 0.95 -8.61
N ASN A 22 3.62 1.60 -9.76
CA ASN A 22 4.31 1.18 -10.98
C ASN A 22 3.76 -0.16 -11.46
N ILE A 23 2.46 -0.37 -11.27
CA ILE A 23 1.82 -1.61 -11.69
C ILE A 23 1.64 -1.65 -13.20
N PRO A 24 1.90 -2.81 -13.80
CA PRO A 24 1.77 -3.02 -15.25
C PRO A 24 0.31 -3.00 -15.71
N PHE A 25 0.11 -2.89 -17.01
CA PHE A 25 -1.24 -2.86 -17.57
C PHE A 25 -1.91 -4.22 -17.44
N GLN A 26 -1.12 -5.28 -17.61
CA GLN A 26 -1.65 -6.64 -17.50
C GLN A 26 -2.14 -6.93 -16.08
N ALA A 27 -1.36 -6.49 -15.10
CA ALA A 27 -1.72 -6.70 -13.70
C ALA A 27 -3.11 -6.16 -13.40
N ASN A 28 -3.90 -6.95 -12.67
CA ASN A 28 -5.26 -6.55 -12.32
C ASN A 28 -5.48 -6.63 -10.81
N GLN A 29 -6.65 -6.20 -10.36
CA GLN A 29 -6.98 -6.23 -8.94
C GLN A 29 -6.77 -7.63 -8.36
N ARG A 30 -7.42 -8.61 -8.96
CA ARG A 30 -7.30 -10.00 -8.50
C ARG A 30 -5.84 -10.39 -8.33
N GLU A 31 -5.01 -10.03 -9.31
CA GLU A 31 -3.59 -10.35 -9.27
C GLU A 31 -2.95 -9.85 -7.97
N ILE A 32 -3.05 -8.54 -7.74
CA ILE A 32 -2.48 -7.95 -6.54
C ILE A 32 -3.00 -8.64 -5.29
N ARG A 33 -4.30 -8.92 -5.25
CA ARG A 33 -4.92 -9.58 -4.12
C ARG A 33 -4.17 -10.87 -3.77
N GLU A 34 -4.22 -11.83 -4.67
CA GLU A 34 -3.54 -13.12 -4.47
C GLU A 34 -2.04 -12.92 -4.30
N LEU A 35 -1.51 -11.90 -4.97
CA LEU A 35 -0.08 -11.60 -4.91
C LEU A 35 0.39 -11.47 -3.46
N PHE A 36 -0.35 -10.69 -2.68
CA PHE A 36 -0.01 -10.48 -1.28
C PHE A 36 -0.60 -11.59 -0.40
N SER A 37 -1.78 -12.07 -0.79
CA SER A 37 -2.45 -13.13 -0.06
C SER A 37 -1.51 -14.30 0.20
N THR A 38 -0.67 -14.60 -0.78
CA THR A 38 0.29 -15.70 -0.67
C THR A 38 1.10 -15.58 0.62
N PHE A 39 1.21 -14.37 1.15
CA PHE A 39 1.96 -14.13 2.38
C PHE A 39 1.07 -14.28 3.60
N GLY A 40 -0.14 -13.74 3.51
CA GLY A 40 -1.08 -13.82 4.61
C GLY A 40 -2.47 -13.34 4.24
N GLU A 41 -3.38 -13.33 5.21
CA GLU A 41 -4.75 -12.90 4.97
C GLU A 41 -4.79 -11.39 4.69
N LEU A 42 -5.53 -11.02 3.65
CA LEU A 42 -5.66 -9.62 3.26
C LEU A 42 -7.03 -9.08 3.66
N LYS A 43 -7.07 -7.80 4.02
CA LYS A 43 -8.31 -7.15 4.43
C LYS A 43 -9.11 -6.70 3.21
N THR A 44 -8.53 -5.79 2.43
CA THR A 44 -9.20 -5.29 1.24
C THR A 44 -8.19 -4.73 0.25
N VAL A 45 -8.47 -4.89 -1.04
CA VAL A 45 -7.58 -4.39 -2.08
C VAL A 45 -8.25 -3.29 -2.89
N ARG A 46 -7.50 -2.22 -3.16
CA ARG A 46 -8.02 -1.10 -3.93
C ARG A 46 -7.17 -0.83 -5.16
N LEU A 47 -7.78 -0.93 -6.33
CA LEU A 47 -7.07 -0.72 -7.59
C LEU A 47 -7.95 0.03 -8.59
N PRO A 48 -7.32 0.83 -9.45
CA PRO A 48 -8.03 1.61 -10.47
C PRO A 48 -8.61 0.74 -11.56
N LYS A 49 -9.83 1.07 -12.00
CA LYS A 49 -10.50 0.31 -13.05
C LYS A 49 -10.30 0.97 -14.41
N LYS A 50 -10.01 0.16 -15.42
CA LYS A 50 -9.80 0.67 -16.77
C LYS A 50 -10.94 1.58 -17.19
N MET A 51 -10.68 2.88 -17.22
CA MET A 51 -11.69 3.86 -17.61
C MET A 51 -11.38 4.45 -18.98
N THR A 52 -12.43 4.73 -19.75
CA THR A 52 -12.26 5.29 -21.08
C THR A 52 -11.33 6.49 -21.06
N GLY A 53 -10.84 6.87 -22.23
CA GLY A 53 -9.94 8.01 -22.33
C GLY A 53 -8.53 7.68 -21.85
N THR A 54 -7.58 8.56 -22.16
CA THR A 54 -6.20 8.35 -21.76
C THR A 54 -6.08 8.23 -20.24
N GLY A 55 -5.50 7.12 -19.78
CA GLY A 55 -5.34 6.91 -18.36
C GLY A 55 -6.49 6.13 -17.75
N ALA A 56 -6.51 4.82 -18.02
CA ALA A 56 -7.56 3.96 -17.49
C ALA A 56 -7.19 3.42 -16.12
N HIS A 57 -6.28 2.46 -16.09
CA HIS A 57 -5.84 1.84 -14.84
C HIS A 57 -4.46 2.36 -14.45
N ARG A 58 -4.41 3.22 -13.44
CA ARG A 58 -3.14 3.78 -12.97
C ARG A 58 -2.28 2.70 -12.34
N GLY A 59 -1.03 3.06 -12.05
CA GLY A 59 -0.12 2.10 -11.43
C GLY A 59 0.04 2.33 -9.94
N PHE A 60 -1.04 2.16 -9.21
CA PHE A 60 -1.01 2.35 -7.75
C PHE A 60 -2.19 1.63 -7.09
N GLY A 61 -1.89 0.75 -6.15
CA GLY A 61 -2.93 0.02 -5.45
C GLY A 61 -2.67 -0.07 -3.96
N PHE A 62 -3.75 -0.14 -3.18
CA PHE A 62 -3.64 -0.23 -1.73
C PHE A 62 -3.97 -1.64 -1.25
N VAL A 63 -3.11 -2.18 -0.38
CA VAL A 63 -3.32 -3.52 0.16
C VAL A 63 -3.26 -3.51 1.68
N ASP A 64 -4.40 -3.79 2.31
CA ASP A 64 -4.47 -3.82 3.76
C ASP A 64 -4.33 -5.24 4.29
N PHE A 65 -3.63 -5.38 5.41
CA PHE A 65 -3.42 -6.69 6.01
C PHE A 65 -4.18 -6.82 7.34
N ILE A 66 -4.55 -8.04 7.68
CA ILE A 66 -5.28 -8.29 8.92
C ILE A 66 -4.45 -7.88 10.14
N THR A 67 -3.15 -8.15 10.08
CA THR A 67 -2.26 -7.81 11.18
C THR A 67 -1.06 -7.01 10.69
N LYS A 68 -0.70 -5.98 11.44
CA LYS A 68 0.44 -5.13 11.08
C LYS A 68 1.63 -5.97 10.65
N GLN A 69 1.90 -7.04 11.39
CA GLN A 69 3.01 -7.93 11.08
C GLN A 69 2.95 -8.40 9.64
N ASP A 70 1.92 -9.16 9.31
CA ASP A 70 1.76 -9.67 7.95
C ASP A 70 2.10 -8.61 6.92
N ALA A 71 1.61 -7.39 7.15
CA ALA A 71 1.87 -6.28 6.24
C ALA A 71 3.35 -5.92 6.21
N LYS A 72 4.00 -6.02 7.37
CA LYS A 72 5.43 -5.71 7.47
C LYS A 72 6.27 -6.76 6.76
N LYS A 73 6.17 -8.00 7.22
CA LYS A 73 6.92 -9.10 6.63
C LYS A 73 6.74 -9.13 5.12
N ALA A 74 5.53 -8.84 4.66
CA ALA A 74 5.23 -8.83 3.24
C ALA A 74 5.90 -7.66 2.55
N PHE A 75 5.58 -6.45 3.01
CA PHE A 75 6.15 -5.24 2.44
C PHE A 75 7.62 -5.45 2.06
N ASN A 76 8.41 -5.92 3.02
CA ASN A 76 9.83 -6.17 2.78
C ASN A 76 10.02 -7.30 1.77
N ALA A 77 9.29 -8.39 1.96
CA ALA A 77 9.37 -9.53 1.06
C ALA A 77 9.25 -9.10 -0.40
N LEU A 78 8.21 -8.34 -0.70
CA LEU A 78 7.97 -7.87 -2.05
C LEU A 78 8.90 -6.70 -2.39
N CYS A 79 8.86 -5.67 -1.56
CA CYS A 79 9.71 -4.49 -1.76
C CYS A 79 11.11 -4.90 -2.23
N HIS A 80 11.69 -5.86 -1.52
CA HIS A 80 13.03 -6.33 -1.86
C HIS A 80 13.23 -6.40 -3.37
N SER A 81 12.36 -7.15 -4.04
CA SER A 81 12.44 -7.30 -5.49
C SER A 81 11.24 -8.08 -6.03
N THR A 82 10.31 -7.38 -6.66
CA THR A 82 9.12 -8.00 -7.22
C THR A 82 9.02 -7.76 -8.72
N HIS A 83 8.96 -8.82 -9.50
CA HIS A 83 8.86 -8.72 -10.94
C HIS A 83 7.49 -9.19 -11.43
N LEU A 84 6.75 -8.29 -12.06
CA LEU A 84 5.41 -8.61 -12.57
C LEU A 84 5.27 -8.19 -14.02
N TYR A 85 5.11 -9.16 -14.91
CA TYR A 85 4.96 -8.88 -16.34
C TYR A 85 6.15 -8.10 -16.87
N GLY A 86 7.35 -8.46 -16.40
CA GLY A 86 8.55 -7.77 -16.83
C GLY A 86 8.62 -6.34 -16.34
N ARG A 87 8.13 -6.11 -15.13
CA ARG A 87 8.14 -4.78 -14.54
C ARG A 87 8.41 -4.85 -13.03
N ARG A 88 9.10 -3.83 -12.51
CA ARG A 88 9.42 -3.78 -11.09
C ARG A 88 8.44 -2.89 -10.35
N LEU A 89 7.75 -3.46 -9.36
CA LEU A 89 6.77 -2.73 -8.57
C LEU A 89 7.45 -2.01 -7.41
N VAL A 90 6.97 -0.81 -7.09
CA VAL A 90 7.53 -0.03 -6.00
C VAL A 90 6.71 -0.19 -4.73
N LEU A 91 7.38 -0.54 -3.64
CA LEU A 91 6.71 -0.72 -2.36
C LEU A 91 6.87 0.50 -1.47
N GLU A 92 5.75 1.15 -1.16
CA GLU A 92 5.77 2.35 -0.32
C GLU A 92 4.76 2.23 0.82
N TRP A 93 4.98 2.98 1.88
CA TRP A 93 4.08 2.97 3.03
C TRP A 93 3.12 4.16 3.01
N ALA A 94 1.90 3.92 2.52
CA ALA A 94 0.90 4.97 2.45
C ALA A 94 1.02 5.93 3.63
N ASP A 95 0.74 7.21 3.37
CA ASP A 95 0.81 8.22 4.42
C ASP A 95 -0.44 8.20 5.29
N SER A 96 -0.29 7.76 6.54
CA SER A 96 -1.41 7.69 7.47
C SER A 96 -1.81 9.07 7.94
N GLU A 97 -3.05 9.47 7.64
CA GLU A 97 -3.56 10.77 8.03
C GLU A 97 -3.31 11.02 9.52
N VAL A 98 -2.79 12.20 9.84
CA VAL A 98 -2.51 12.56 11.22
C VAL A 98 -3.38 13.73 11.66
N THR A 99 -4.08 13.54 12.79
CA THR A 99 -4.94 14.58 13.32
C THR A 99 -4.23 15.43 14.35
N VAL A 100 -4.13 16.73 14.08
CA VAL A 100 -3.46 17.66 14.99
C VAL A 100 -3.75 19.10 14.60
N GLN A 101 -3.84 19.96 15.61
CA GLN A 101 -4.11 21.38 15.39
C GLN A 101 -3.43 22.24 16.44
N SER A 102 -2.76 23.30 15.98
CA SER A 102 -2.06 24.20 16.89
C SER A 102 -3.03 24.93 17.80
N GLY A 103 -2.50 25.60 18.82
CA GLY A 103 -3.34 26.33 19.75
C GLY A 103 -3.72 25.50 20.96
N PRO A 104 -2.86 25.53 21.99
CA PRO A 104 -3.09 24.78 23.23
C PRO A 104 -4.25 25.34 24.05
N SER A 105 -5.08 24.44 24.57
CA SER A 105 -6.23 24.85 25.37
C SER A 105 -5.81 25.23 26.78
N SER A 106 -6.78 25.65 27.59
CA SER A 106 -6.51 26.04 28.96
C SER A 106 -7.44 25.31 29.94
N GLY A 107 -7.27 25.60 31.22
CA GLY A 107 -8.10 24.97 32.23
C GLY A 107 -9.42 25.68 32.45
N GLY A 1 39.46 16.63 15.05
CA GLY A 1 38.05 16.99 15.11
C GLY A 1 37.14 15.79 14.97
N SER A 2 35.90 15.93 15.42
CA SER A 2 34.93 14.85 15.35
C SER A 2 33.52 15.35 15.69
N SER A 3 32.53 14.81 14.99
CA SER A 3 31.15 15.19 15.23
C SER A 3 30.20 14.01 15.01
N GLY A 4 29.43 13.68 16.05
CA GLY A 4 28.50 12.58 15.96
C GLY A 4 27.52 12.56 17.11
N SER A 5 26.27 12.92 16.83
CA SER A 5 25.23 12.94 17.86
C SER A 5 23.87 13.23 17.24
N SER A 6 22.81 12.82 17.95
CA SER A 6 21.45 13.04 17.47
C SER A 6 20.50 13.25 18.63
N GLY A 7 19.25 13.61 18.32
CA GLY A 7 18.26 13.85 19.34
C GLY A 7 16.97 14.41 18.79
N GLN A 8 16.24 13.58 18.04
CA GLN A 8 14.98 14.00 17.45
C GLN A 8 14.08 12.80 17.16
N VAL A 9 12.78 12.96 17.39
CA VAL A 9 11.83 11.89 17.17
C VAL A 9 10.66 12.37 16.31
N PRO A 10 10.87 12.40 14.99
CA PRO A 10 9.84 12.83 14.03
C PRO A 10 8.69 11.85 13.94
N LYS A 11 8.99 10.56 14.11
CA LYS A 11 7.98 9.52 14.04
C LYS A 11 6.95 9.69 15.16
N LYS A 12 5.70 9.32 14.87
CA LYS A 12 4.63 9.42 15.85
C LYS A 12 3.85 8.11 15.96
N GLN A 13 3.28 7.67 14.84
CA GLN A 13 2.51 6.44 14.81
C GLN A 13 2.86 5.61 13.57
N THR A 14 2.39 4.37 13.55
CA THR A 14 2.66 3.48 12.41
C THR A 14 1.35 2.94 11.83
N THR A 15 1.22 3.03 10.51
CA THR A 15 0.02 2.55 9.83
C THR A 15 0.34 1.32 8.98
N SER A 16 -0.65 0.46 8.81
CA SER A 16 -0.48 -0.75 8.00
C SER A 16 -1.15 -0.62 6.64
N LYS A 17 -0.42 -0.04 5.70
CA LYS A 17 -0.95 0.16 4.35
C LYS A 17 0.16 0.02 3.30
N ILE A 18 0.00 -0.93 2.39
CA ILE A 18 0.98 -1.15 1.33
C ILE A 18 0.50 -0.60 0.00
N LEU A 19 1.11 0.49 -0.44
CA LEU A 19 0.75 1.11 -1.71
C LEU A 19 1.71 0.71 -2.82
N VAL A 20 1.33 -0.28 -3.62
CA VAL A 20 2.15 -0.75 -4.72
C VAL A 20 1.98 0.12 -5.96
N ARG A 21 3.01 0.88 -6.29
CA ARG A 21 2.95 1.76 -7.46
C ARG A 21 3.71 1.14 -8.63
N ASN A 22 3.48 1.68 -9.83
CA ASN A 22 4.14 1.19 -11.03
C ASN A 22 3.59 -0.18 -11.42
N ILE A 23 2.27 -0.33 -11.36
CA ILE A 23 1.62 -1.59 -11.70
C ILE A 23 1.38 -1.68 -13.21
N PRO A 24 1.71 -2.84 -13.78
CA PRO A 24 1.55 -3.10 -15.22
C PRO A 24 0.08 -3.20 -15.62
N PHE A 25 -0.17 -3.02 -16.91
CA PHE A 25 -1.54 -3.10 -17.43
C PHE A 25 -2.20 -4.42 -17.04
N GLN A 26 -1.51 -5.52 -17.31
CA GLN A 26 -2.03 -6.84 -16.99
C GLN A 26 -2.40 -6.93 -15.51
N ALA A 27 -1.49 -6.52 -14.65
CA ALA A 27 -1.73 -6.55 -13.21
C ALA A 27 -3.06 -5.91 -12.86
N ASN A 28 -4.04 -6.73 -12.48
CA ASN A 28 -5.36 -6.24 -12.12
C ASN A 28 -5.66 -6.52 -10.65
N GLN A 29 -6.86 -6.14 -10.22
CA GLN A 29 -7.28 -6.35 -8.83
C GLN A 29 -6.81 -7.72 -8.34
N ARG A 30 -7.37 -8.78 -8.91
CA ARG A 30 -7.01 -10.13 -8.51
C ARG A 30 -5.49 -10.28 -8.39
N GLU A 31 -4.78 -10.07 -9.48
CA GLU A 31 -3.32 -10.17 -9.50
C GLU A 31 -2.74 -9.71 -8.16
N ILE A 32 -3.09 -8.49 -7.76
CA ILE A 32 -2.60 -7.92 -6.51
C ILE A 32 -3.09 -8.73 -5.31
N ARG A 33 -4.41 -8.91 -5.24
CA ARG A 33 -5.02 -9.67 -4.14
C ARG A 33 -4.13 -10.84 -3.74
N GLU A 34 -3.95 -11.78 -4.66
CA GLU A 34 -3.13 -12.96 -4.39
C GLU A 34 -1.68 -12.57 -4.16
N LEU A 35 -1.14 -11.75 -5.06
CA LEU A 35 0.24 -11.29 -4.96
C LEU A 35 0.64 -11.10 -3.49
N PHE A 36 -0.25 -10.48 -2.73
CA PHE A 36 0.01 -10.23 -1.32
C PHE A 36 -0.58 -11.34 -0.45
N SER A 37 -1.79 -11.77 -0.78
CA SER A 37 -2.47 -12.82 -0.03
C SER A 37 -1.48 -13.93 0.35
N THR A 38 -0.61 -14.29 -0.59
CA THR A 38 0.37 -15.33 -0.35
C THR A 38 0.97 -15.22 1.04
N PHE A 39 1.36 -14.01 1.42
CA PHE A 39 1.95 -13.77 2.74
C PHE A 39 0.93 -14.02 3.84
N GLY A 40 -0.29 -13.54 3.62
CA GLY A 40 -1.35 -13.71 4.61
C GLY A 40 -2.67 -13.13 4.14
N GLU A 41 -3.71 -13.34 4.95
CA GLU A 41 -5.05 -12.84 4.61
C GLU A 41 -5.03 -11.32 4.48
N LEU A 42 -5.81 -10.82 3.53
CA LEU A 42 -5.90 -9.37 3.28
C LEU A 42 -7.24 -8.82 3.76
N LYS A 43 -7.25 -7.54 4.11
CA LYS A 43 -8.47 -6.89 4.57
C LYS A 43 -9.35 -6.47 3.40
N THR A 44 -8.76 -5.72 2.46
CA THR A 44 -9.49 -5.26 1.29
C THR A 44 -8.54 -4.67 0.25
N VAL A 45 -8.75 -5.04 -1.02
CA VAL A 45 -7.92 -4.55 -2.11
C VAL A 45 -8.61 -3.42 -2.85
N ARG A 46 -7.85 -2.36 -3.15
CA ARG A 46 -8.39 -1.22 -3.86
C ARG A 46 -7.51 -0.86 -5.06
N LEU A 47 -8.11 -0.84 -6.24
CA LEU A 47 -7.38 -0.52 -7.47
C LEU A 47 -8.19 0.44 -8.34
N PRO A 48 -7.49 1.35 -9.02
CA PRO A 48 -8.11 2.34 -9.89
C PRO A 48 -8.68 1.71 -11.16
N LYS A 49 -9.90 2.11 -11.52
CA LYS A 49 -10.56 1.58 -12.71
C LYS A 49 -10.99 2.70 -13.64
N LYS A 50 -10.41 2.72 -14.84
CA LYS A 50 -10.73 3.74 -15.82
C LYS A 50 -11.87 3.29 -16.74
N MET A 51 -12.55 4.25 -17.35
CA MET A 51 -13.65 3.95 -18.25
C MET A 51 -13.42 4.55 -19.63
N THR A 52 -12.76 5.71 -19.65
CA THR A 52 -12.47 6.40 -20.90
C THR A 52 -11.26 5.80 -21.60
N GLY A 53 -10.75 4.70 -21.04
CA GLY A 53 -9.59 4.04 -21.62
C GLY A 53 -9.81 2.56 -21.84
N THR A 54 -9.19 2.03 -22.90
CA THR A 54 -9.33 0.62 -23.23
C THR A 54 -8.51 -0.25 -22.29
N GLY A 55 -8.81 -0.17 -21.00
CA GLY A 55 -8.09 -0.97 -20.02
C GLY A 55 -6.79 -0.31 -19.59
N ALA A 56 -6.85 0.97 -19.28
CA ALA A 56 -5.66 1.71 -18.86
C ALA A 56 -5.86 2.32 -17.48
N HIS A 57 -5.40 1.60 -16.45
CA HIS A 57 -5.52 2.07 -15.08
C HIS A 57 -4.22 2.71 -14.60
N ARG A 58 -4.30 3.44 -13.49
CA ARG A 58 -3.12 4.11 -12.94
C ARG A 58 -2.27 3.13 -12.13
N GLY A 59 -0.97 3.18 -12.35
CA GLY A 59 -0.06 2.29 -11.64
C GLY A 59 0.02 2.60 -10.16
N PHE A 60 -1.06 2.30 -9.44
CA PHE A 60 -1.12 2.56 -8.00
C PHE A 60 -2.27 1.79 -7.36
N GLY A 61 -1.95 0.98 -6.36
CA GLY A 61 -2.97 0.21 -5.67
C GLY A 61 -2.73 0.13 -4.17
N PHE A 62 -3.81 0.09 -3.41
CA PHE A 62 -3.72 0.02 -1.95
C PHE A 62 -4.04 -1.38 -1.46
N VAL A 63 -3.14 -1.94 -0.64
CA VAL A 63 -3.34 -3.28 -0.10
C VAL A 63 -3.42 -3.24 1.42
N ASP A 64 -4.41 -3.92 1.97
CA ASP A 64 -4.61 -3.97 3.42
C ASP A 64 -4.48 -5.40 3.94
N PHE A 65 -3.87 -5.54 5.11
CA PHE A 65 -3.68 -6.86 5.71
C PHE A 65 -4.48 -6.98 7.00
N ILE A 66 -4.63 -8.21 7.48
CA ILE A 66 -5.38 -8.47 8.70
C ILE A 66 -4.54 -8.13 9.93
N THR A 67 -3.24 -8.40 9.85
CA THR A 67 -2.33 -8.13 10.96
C THR A 67 -1.06 -7.42 10.46
N LYS A 68 -0.53 -6.55 11.30
CA LYS A 68 0.68 -5.81 10.95
C LYS A 68 1.78 -6.75 10.49
N GLN A 69 2.06 -7.77 11.30
CA GLN A 69 3.09 -8.74 10.97
C GLN A 69 3.13 -9.01 9.46
N ASP A 70 2.10 -9.71 8.97
CA ASP A 70 2.01 -10.03 7.55
C ASP A 70 2.37 -8.82 6.69
N ALA A 71 1.96 -7.63 7.13
CA ALA A 71 2.25 -6.40 6.40
C ALA A 71 3.74 -6.09 6.42
N LYS A 72 4.38 -6.31 7.57
CA LYS A 72 5.80 -6.06 7.71
C LYS A 72 6.62 -7.03 6.85
N LYS A 73 6.32 -8.32 6.99
CA LYS A 73 7.03 -9.34 6.22
C LYS A 73 6.71 -9.24 4.74
N ALA A 74 5.47 -8.89 4.43
CA ALA A 74 5.03 -8.74 3.04
C ALA A 74 5.83 -7.64 2.34
N PHE A 75 5.80 -6.43 2.90
CA PHE A 75 6.52 -5.31 2.32
C PHE A 75 8.02 -5.58 2.27
N ASN A 76 8.59 -5.95 3.42
CA ASN A 76 10.01 -6.24 3.50
C ASN A 76 10.41 -7.29 2.47
N ALA A 77 9.48 -8.15 2.12
CA ALA A 77 9.74 -9.21 1.14
C ALA A 77 9.62 -8.67 -0.28
N LEU A 78 8.45 -8.11 -0.60
CA LEU A 78 8.21 -7.56 -1.93
C LEU A 78 9.14 -6.38 -2.21
N CYS A 79 9.10 -5.38 -1.34
CA CYS A 79 9.93 -4.19 -1.49
C CYS A 79 11.37 -4.58 -1.81
N HIS A 80 11.78 -5.77 -1.36
CA HIS A 80 13.13 -6.25 -1.61
C HIS A 80 13.35 -6.52 -3.09
N SER A 81 12.39 -7.17 -3.72
CA SER A 81 12.48 -7.50 -5.14
C SER A 81 11.18 -8.12 -5.64
N THR A 82 10.43 -7.37 -6.44
CA THR A 82 9.18 -7.85 -6.99
C THR A 82 9.16 -7.73 -8.51
N HIS A 83 8.89 -8.85 -9.18
CA HIS A 83 8.83 -8.87 -10.63
C HIS A 83 7.45 -9.29 -11.12
N LEU A 84 6.80 -8.41 -11.87
CA LEU A 84 5.47 -8.68 -12.40
C LEU A 84 5.37 -8.27 -13.87
N TYR A 85 5.19 -9.26 -14.74
CA TYR A 85 5.07 -9.01 -16.17
C TYR A 85 6.30 -8.24 -16.68
N GLY A 86 7.48 -8.72 -16.32
CA GLY A 86 8.71 -8.08 -16.75
C GLY A 86 8.80 -6.64 -16.28
N ARG A 87 8.31 -6.38 -15.07
CA ARG A 87 8.35 -5.04 -14.51
C ARG A 87 8.69 -5.09 -13.02
N ARG A 88 9.25 -3.98 -12.52
CA ARG A 88 9.63 -3.90 -11.11
C ARG A 88 8.68 -3.00 -10.34
N LEU A 89 7.74 -3.59 -9.62
CA LEU A 89 6.77 -2.84 -8.84
C LEU A 89 7.45 -2.02 -7.76
N VAL A 90 6.85 -0.88 -7.43
CA VAL A 90 7.40 0.01 -6.41
C VAL A 90 6.64 -0.13 -5.09
N LEU A 91 7.36 -0.48 -4.03
CA LEU A 91 6.75 -0.64 -2.72
C LEU A 91 6.95 0.62 -1.87
N GLU A 92 5.85 1.17 -1.39
CA GLU A 92 5.90 2.38 -0.57
C GLU A 92 4.73 2.41 0.41
N TRP A 93 5.04 2.67 1.68
CA TRP A 93 4.02 2.74 2.72
C TRP A 93 3.19 4.01 2.59
N ALA A 94 1.94 3.85 2.16
CA ALA A 94 1.05 4.99 2.00
C ALA A 94 1.16 5.95 3.18
N ASP A 95 0.76 7.20 2.96
CA ASP A 95 0.81 8.21 4.01
C ASP A 95 -0.59 8.52 4.54
N SER A 96 -0.73 8.51 5.86
CA SER A 96 -2.01 8.80 6.49
C SER A 96 -2.49 10.20 6.15
N GLU A 97 -3.66 10.28 5.52
CA GLU A 97 -4.23 11.58 5.14
C GLU A 97 -5.38 11.96 6.07
N VAL A 98 -5.64 13.26 6.18
CA VAL A 98 -6.70 13.76 7.04
C VAL A 98 -8.06 13.26 6.56
N THR A 99 -8.90 12.82 7.50
CA THR A 99 -10.23 12.32 7.17
C THR A 99 -11.30 13.08 7.95
N VAL A 100 -12.23 13.69 7.21
CA VAL A 100 -13.31 14.45 7.83
C VAL A 100 -14.63 13.70 7.73
N GLN A 101 -15.67 14.25 8.33
CA GLN A 101 -17.00 13.64 8.30
C GLN A 101 -18.08 14.64 8.70
N SER A 102 -18.97 14.94 7.76
CA SER A 102 -20.05 15.88 8.01
C SER A 102 -21.28 15.18 8.56
N GLY A 103 -21.67 15.52 9.79
CA GLY A 103 -22.82 14.91 10.40
C GLY A 103 -24.11 15.26 9.70
N PRO A 104 -25.06 14.31 9.67
CA PRO A 104 -26.36 14.51 9.03
C PRO A 104 -27.24 15.50 9.79
N SER A 105 -28.16 16.13 9.08
CA SER A 105 -29.07 17.11 9.69
C SER A 105 -30.39 16.45 10.06
N SER A 106 -30.94 16.87 11.20
CA SER A 106 -32.21 16.32 11.69
C SER A 106 -33.37 17.22 11.29
N GLY A 107 -34.46 16.61 10.85
CA GLY A 107 -35.63 17.37 10.45
C GLY A 107 -36.14 18.28 11.54
N GLY A 1 16.71 15.29 -5.81
CA GLY A 1 16.06 14.38 -4.88
C GLY A 1 15.56 13.12 -5.54
N SER A 2 14.25 12.97 -5.60
CA SER A 2 13.64 11.79 -6.22
C SER A 2 14.28 10.51 -5.69
N SER A 3 14.53 10.48 -4.38
CA SER A 3 15.14 9.32 -3.76
C SER A 3 14.77 9.24 -2.27
N GLY A 4 14.61 8.01 -1.78
CA GLY A 4 14.24 7.82 -0.39
C GLY A 4 12.76 8.01 -0.15
N SER A 5 12.30 9.25 -0.31
CA SER A 5 10.89 9.56 -0.10
C SER A 5 10.46 9.23 1.34
N SER A 6 11.35 9.49 2.28
CA SER A 6 11.07 9.22 3.68
C SER A 6 11.18 10.49 4.52
N GLY A 7 10.06 11.20 4.66
CA GLY A 7 10.05 12.42 5.44
C GLY A 7 9.95 12.17 6.93
N GLN A 8 9.73 13.24 7.69
CA GLN A 8 9.60 13.12 9.14
C GLN A 8 8.26 12.52 9.54
N VAL A 9 8.28 11.27 9.96
CA VAL A 9 7.06 10.58 10.37
C VAL A 9 7.17 10.08 11.81
N PRO A 10 6.04 10.15 12.53
CA PRO A 10 5.98 9.71 13.94
C PRO A 10 6.10 8.20 14.08
N LYS A 11 6.24 7.73 15.32
CA LYS A 11 6.37 6.31 15.59
C LYS A 11 5.44 5.89 16.73
N LYS A 12 4.46 6.73 17.02
CA LYS A 12 3.51 6.44 18.09
C LYS A 12 2.99 5.01 17.99
N GLN A 13 2.61 4.60 16.78
CA GLN A 13 2.10 3.26 16.54
C GLN A 13 2.51 2.75 15.16
N THR A 14 2.37 1.45 14.95
CA THR A 14 2.72 0.84 13.67
C THR A 14 1.49 0.72 12.77
N THR A 15 1.56 1.36 11.60
CA THR A 15 0.45 1.31 10.65
C THR A 15 0.68 0.24 9.60
N SER A 16 -0.40 -0.27 9.03
CA SER A 16 -0.33 -1.31 8.01
C SER A 16 -0.95 -0.83 6.70
N LYS A 17 -0.12 -0.25 5.84
CA LYS A 17 -0.59 0.25 4.55
C LYS A 17 0.45 0.01 3.46
N ILE A 18 0.14 -0.90 2.55
CA ILE A 18 1.05 -1.23 1.45
C ILE A 18 0.57 -0.61 0.13
N LEU A 19 1.35 0.33 -0.38
CA LEU A 19 1.01 1.00 -1.63
C LEU A 19 1.93 0.55 -2.76
N VAL A 20 1.40 -0.27 -3.66
CA VAL A 20 2.19 -0.77 -4.78
C VAL A 20 2.04 0.14 -6.00
N ARG A 21 3.16 0.68 -6.47
CA ARG A 21 3.17 1.57 -7.62
C ARG A 21 3.85 0.91 -8.81
N ASN A 22 3.78 1.57 -9.97
CA ASN A 22 4.40 1.05 -11.18
C ASN A 22 3.82 -0.32 -11.54
N ILE A 23 2.49 -0.44 -11.47
CA ILE A 23 1.82 -1.69 -11.78
C ILE A 23 1.52 -1.80 -13.27
N PRO A 24 1.80 -2.98 -13.85
CA PRO A 24 1.56 -3.22 -15.28
C PRO A 24 0.07 -3.29 -15.61
N PHE A 25 -0.27 -2.87 -16.82
CA PHE A 25 -1.65 -2.88 -17.28
C PHE A 25 -2.26 -4.28 -17.13
N GLN A 26 -1.46 -5.29 -17.41
CA GLN A 26 -1.92 -6.68 -17.31
C GLN A 26 -2.37 -7.00 -15.89
N ALA A 27 -1.53 -6.67 -14.91
CA ALA A 27 -1.84 -6.92 -13.51
C ALA A 27 -3.18 -6.30 -13.13
N ASN A 28 -4.08 -7.13 -12.63
CA ASN A 28 -5.41 -6.67 -12.21
C ASN A 28 -5.59 -6.80 -10.71
N GLN A 29 -6.74 -6.35 -10.22
CA GLN A 29 -7.04 -6.42 -8.79
C GLN A 29 -6.75 -7.81 -8.24
N ARG A 30 -7.30 -8.83 -8.90
CA ARG A 30 -7.09 -10.21 -8.47
C ARG A 30 -5.61 -10.52 -8.32
N GLU A 31 -4.84 -10.29 -9.38
CA GLU A 31 -3.41 -10.55 -9.36
C GLU A 31 -2.79 -10.03 -8.08
N ILE A 32 -3.06 -8.77 -7.76
CA ILE A 32 -2.53 -8.15 -6.55
C ILE A 32 -3.00 -8.88 -5.30
N ARG A 33 -4.31 -9.07 -5.20
CA ARG A 33 -4.91 -9.75 -4.05
C ARG A 33 -4.16 -11.04 -3.74
N GLU A 34 -3.93 -11.86 -4.77
CA GLU A 34 -3.22 -13.11 -4.61
C GLU A 34 -1.72 -12.88 -4.41
N LEU A 35 -1.20 -11.83 -5.04
CA LEU A 35 0.21 -11.50 -4.94
C LEU A 35 0.59 -11.24 -3.49
N PHE A 36 -0.32 -10.65 -2.73
CA PHE A 36 -0.07 -10.34 -1.32
C PHE A 36 -0.68 -11.42 -0.42
N SER A 37 -1.88 -11.87 -0.76
CA SER A 37 -2.57 -12.89 0.02
C SER A 37 -1.64 -14.04 0.35
N THR A 38 -0.94 -14.54 -0.68
CA THR A 38 -0.01 -15.65 -0.50
C THR A 38 0.76 -15.51 0.81
N PHE A 39 0.92 -14.28 1.27
CA PHE A 39 1.64 -14.00 2.51
C PHE A 39 0.71 -14.13 3.72
N GLY A 40 -0.50 -13.62 3.57
CA GLY A 40 -1.47 -13.68 4.64
C GLY A 40 -2.82 -13.10 4.25
N GLU A 41 -3.78 -13.17 5.17
CA GLU A 41 -5.12 -12.66 4.91
C GLU A 41 -5.09 -11.15 4.67
N LEU A 42 -5.80 -10.70 3.64
CA LEU A 42 -5.85 -9.28 3.32
C LEU A 42 -7.19 -8.68 3.73
N LYS A 43 -7.14 -7.48 4.30
CA LYS A 43 -8.35 -6.79 4.73
C LYS A 43 -9.21 -6.37 3.54
N THR A 44 -8.58 -5.73 2.56
CA THR A 44 -9.28 -5.29 1.37
C THR A 44 -8.30 -4.74 0.32
N VAL A 45 -8.51 -5.13 -0.93
CA VAL A 45 -7.65 -4.68 -2.02
C VAL A 45 -8.28 -3.53 -2.79
N ARG A 46 -7.50 -2.50 -3.07
CA ARG A 46 -7.98 -1.34 -3.79
C ARG A 46 -7.13 -1.08 -5.04
N LEU A 47 -7.79 -1.00 -6.19
CA LEU A 47 -7.09 -0.76 -7.45
C LEU A 47 -7.90 0.19 -8.35
N PRO A 48 -7.18 1.04 -9.09
CA PRO A 48 -7.80 2.01 -10.00
C PRO A 48 -8.45 1.34 -11.20
N LYS A 49 -9.76 1.50 -11.33
CA LYS A 49 -10.50 0.92 -12.44
C LYS A 49 -11.23 1.99 -13.23
N LYS A 50 -10.75 2.27 -14.43
CA LYS A 50 -11.36 3.28 -15.29
C LYS A 50 -12.45 2.65 -16.17
N MET A 51 -13.61 3.30 -16.21
CA MET A 51 -14.72 2.82 -17.02
C MET A 51 -14.85 3.62 -18.32
N THR A 52 -15.86 3.28 -19.11
CA THR A 52 -16.09 3.96 -20.38
C THR A 52 -14.79 4.49 -20.97
N GLY A 53 -13.73 3.69 -20.86
CA GLY A 53 -12.44 4.09 -21.38
C GLY A 53 -11.73 2.96 -22.12
N THR A 54 -10.44 3.13 -22.34
CA THR A 54 -9.65 2.11 -23.04
C THR A 54 -8.47 1.66 -22.20
N GLY A 55 -8.76 1.10 -21.03
CA GLY A 55 -7.71 0.63 -20.15
C GLY A 55 -6.87 1.76 -19.59
N ALA A 56 -7.47 2.56 -18.71
CA ALA A 56 -6.78 3.68 -18.10
C ALA A 56 -6.43 3.39 -16.64
N HIS A 57 -5.93 2.18 -16.39
CA HIS A 57 -5.56 1.77 -15.04
C HIS A 57 -4.20 2.35 -14.65
N ARG A 58 -4.20 3.31 -13.74
CA ARG A 58 -2.97 3.94 -13.29
C ARG A 58 -2.10 2.94 -12.52
N GLY A 59 -0.78 3.13 -12.60
CA GLY A 59 0.14 2.24 -11.91
C GLY A 59 0.20 2.52 -10.42
N PHE A 60 -0.90 2.23 -9.73
CA PHE A 60 -0.97 2.45 -8.29
C PHE A 60 -2.05 1.59 -7.66
N GLY A 61 -1.76 1.05 -6.47
CA GLY A 61 -2.71 0.20 -5.79
C GLY A 61 -2.47 0.16 -4.28
N PHE A 62 -3.55 -0.04 -3.53
CA PHE A 62 -3.45 -0.10 -2.07
C PHE A 62 -3.80 -1.49 -1.56
N VAL A 63 -3.04 -1.96 -0.58
CA VAL A 63 -3.26 -3.28 0.01
C VAL A 63 -3.26 -3.22 1.53
N ASP A 64 -4.34 -3.69 2.13
CA ASP A 64 -4.46 -3.70 3.59
C ASP A 64 -4.41 -5.12 4.14
N PHE A 65 -3.73 -5.29 5.28
CA PHE A 65 -3.60 -6.60 5.90
C PHE A 65 -4.38 -6.65 7.21
N ILE A 66 -4.65 -7.86 7.68
CA ILE A 66 -5.38 -8.06 8.92
C ILE A 66 -4.52 -7.71 10.14
N THR A 67 -3.27 -8.15 10.12
CA THR A 67 -2.34 -7.89 11.21
C THR A 67 -1.21 -6.97 10.76
N LYS A 68 -0.29 -6.67 11.68
CA LYS A 68 0.84 -5.81 11.37
C LYS A 68 2.01 -6.63 10.83
N GLN A 69 2.28 -7.77 11.45
CA GLN A 69 3.37 -8.65 11.03
C GLN A 69 3.27 -8.95 9.54
N ASP A 70 2.18 -9.60 9.15
CA ASP A 70 1.96 -9.96 7.75
C ASP A 70 2.21 -8.76 6.84
N ALA A 71 1.82 -7.58 7.30
CA ALA A 71 2.00 -6.35 6.53
C ALA A 71 3.48 -5.98 6.42
N LYS A 72 4.23 -6.27 7.48
CA LYS A 72 5.66 -5.97 7.50
C LYS A 72 6.44 -6.98 6.68
N LYS A 73 6.30 -8.26 7.02
CA LYS A 73 6.99 -9.34 6.32
C LYS A 73 6.70 -9.28 4.82
N ALA A 74 5.47 -8.91 4.48
CA ALA A 74 5.07 -8.81 3.08
C ALA A 74 5.67 -7.57 2.42
N PHE A 75 5.41 -6.41 3.02
CA PHE A 75 5.93 -5.15 2.49
C PHE A 75 7.39 -5.29 2.09
N ASN A 76 8.22 -5.75 3.03
CA ASN A 76 9.64 -5.92 2.77
C ASN A 76 9.88 -7.09 1.81
N ALA A 77 9.19 -8.20 2.06
CA ALA A 77 9.33 -9.38 1.21
C ALA A 77 9.28 -9.01 -0.27
N LEU A 78 8.24 -8.31 -0.67
CA LEU A 78 8.08 -7.89 -2.05
C LEU A 78 8.98 -6.70 -2.37
N CYS A 79 8.86 -5.64 -1.58
CA CYS A 79 9.66 -4.44 -1.77
C CYS A 79 11.06 -4.80 -2.28
N HIS A 80 11.73 -5.69 -1.55
CA HIS A 80 13.08 -6.12 -1.92
C HIS A 80 13.21 -6.23 -3.44
N SER A 81 12.47 -7.17 -4.03
CA SER A 81 12.51 -7.38 -5.46
C SER A 81 11.22 -8.02 -5.96
N THR A 82 10.40 -7.24 -6.66
CA THR A 82 9.13 -7.72 -7.18
C THR A 82 9.03 -7.48 -8.68
N HIS A 83 9.16 -8.54 -9.46
CA HIS A 83 9.08 -8.44 -10.92
C HIS A 83 7.76 -9.02 -11.42
N LEU A 84 6.98 -8.19 -12.10
CA LEU A 84 5.70 -8.63 -12.65
C LEU A 84 5.53 -8.16 -14.09
N TYR A 85 5.32 -9.10 -15.00
CA TYR A 85 5.14 -8.79 -16.41
C TYR A 85 6.31 -7.97 -16.93
N GLY A 86 7.50 -8.22 -16.40
CA GLY A 86 8.68 -7.51 -16.82
C GLY A 86 8.73 -6.09 -16.28
N ARG A 87 8.26 -5.92 -15.05
CA ARG A 87 8.24 -4.61 -14.40
C ARG A 87 8.59 -4.72 -12.93
N ARG A 88 9.28 -3.71 -12.41
CA ARG A 88 9.69 -3.69 -11.01
C ARG A 88 8.74 -2.84 -10.18
N LEU A 89 7.80 -3.49 -9.50
CA LEU A 89 6.83 -2.80 -8.67
C LEU A 89 7.50 -2.15 -7.47
N VAL A 90 7.00 -0.99 -7.07
CA VAL A 90 7.55 -0.26 -5.93
C VAL A 90 6.57 -0.24 -4.77
N LEU A 91 7.04 -0.69 -3.61
CA LEU A 91 6.21 -0.73 -2.40
C LEU A 91 6.57 0.40 -1.45
N GLU A 92 5.58 1.17 -1.04
CA GLU A 92 5.80 2.29 -0.12
C GLU A 92 4.68 2.37 0.91
N TRP A 93 5.03 2.79 2.12
CA TRP A 93 4.06 2.92 3.20
C TRP A 93 3.23 4.18 3.04
N ALA A 94 2.01 4.03 2.52
CA ALA A 94 1.12 5.15 2.32
C ALA A 94 1.16 6.11 3.51
N ASP A 95 1.06 7.41 3.23
CA ASP A 95 1.09 8.42 4.27
C ASP A 95 -0.24 8.47 5.02
N SER A 96 -0.17 8.46 6.35
CA SER A 96 -1.36 8.49 7.18
C SER A 96 -1.50 9.83 7.89
N GLU A 97 -2.71 10.17 8.28
CA GLU A 97 -2.98 11.44 8.96
C GLU A 97 -2.06 11.59 10.18
N VAL A 98 -1.58 12.80 10.40
CA VAL A 98 -0.70 13.09 11.53
C VAL A 98 -1.30 14.14 12.44
N THR A 99 -1.23 13.90 13.75
CA THR A 99 -1.77 14.84 14.73
C THR A 99 -0.68 15.34 15.67
N VAL A 100 0.36 14.52 15.87
CA VAL A 100 1.47 14.89 16.73
C VAL A 100 0.99 15.71 17.93
N GLN A 101 -0.12 15.28 18.52
CA GLN A 101 -0.69 15.97 19.67
C GLN A 101 0.22 15.84 20.88
N SER A 102 0.39 16.94 21.61
CA SER A 102 1.24 16.95 22.80
C SER A 102 1.07 18.25 23.59
N GLY A 103 1.39 18.20 24.88
CA GLY A 103 1.26 19.38 25.72
C GLY A 103 2.36 19.46 26.77
N PRO A 104 3.54 19.96 26.37
CA PRO A 104 4.69 20.09 27.27
C PRO A 104 4.46 21.19 28.31
N SER A 105 3.41 21.98 28.13
CA SER A 105 3.10 23.06 29.06
C SER A 105 4.37 23.74 29.55
N SER A 106 5.28 24.01 28.61
CA SER A 106 6.55 24.66 28.95
C SER A 106 7.07 25.46 27.77
N GLY A 107 6.95 26.79 27.85
CA GLY A 107 7.41 27.65 26.79
C GLY A 107 6.43 28.75 26.45
N GLY A 1 35.82 3.99 14.00
CA GLY A 1 35.22 5.17 14.61
C GLY A 1 33.74 4.97 14.91
N SER A 2 32.98 4.56 13.90
CA SER A 2 31.55 4.34 14.06
C SER A 2 31.25 2.87 14.28
N SER A 3 30.38 2.58 15.24
CA SER A 3 30.00 1.21 15.56
C SER A 3 28.89 0.72 14.62
N GLY A 4 27.83 1.52 14.51
CA GLY A 4 26.72 1.15 13.66
C GLY A 4 25.85 2.34 13.31
N SER A 5 24.54 2.10 13.25
CA SER A 5 23.59 3.16 12.92
C SER A 5 22.50 3.28 14.00
N SER A 6 22.14 4.51 14.32
CA SER A 6 21.12 4.75 15.34
C SER A 6 19.94 5.52 14.75
N GLY A 7 18.92 4.80 14.32
CA GLY A 7 17.75 5.43 13.75
C GLY A 7 16.46 4.93 14.36
N GLN A 8 15.94 5.67 15.32
CA GLN A 8 14.70 5.28 16.00
C GLN A 8 13.50 5.99 15.37
N VAL A 9 12.52 5.21 14.94
CA VAL A 9 11.32 5.76 14.32
C VAL A 9 10.12 5.65 15.25
N PRO A 10 10.00 6.60 16.19
CA PRO A 10 8.91 6.63 17.15
C PRO A 10 7.57 6.97 16.50
N LYS A 11 6.83 5.95 16.10
CA LYS A 11 5.53 6.14 15.46
C LYS A 11 4.40 5.86 16.45
N LYS A 12 3.71 6.91 16.86
CA LYS A 12 2.60 6.78 17.80
C LYS A 12 1.42 6.08 17.14
N GLN A 13 1.04 6.55 15.95
CA GLN A 13 -0.08 5.95 15.23
C GLN A 13 0.43 5.09 14.07
N THR A 14 0.96 3.91 14.41
CA THR A 14 1.47 2.99 13.40
C THR A 14 0.39 2.62 12.40
N THR A 15 0.78 2.49 11.14
CA THR A 15 -0.16 2.13 10.08
C THR A 15 0.38 0.98 9.24
N SER A 16 -0.53 0.16 8.71
CA SER A 16 -0.14 -0.98 7.90
C SER A 16 -0.86 -0.94 6.54
N LYS A 17 -0.28 -0.23 5.59
CA LYS A 17 -0.85 -0.11 4.26
C LYS A 17 0.23 -0.19 3.18
N ILE A 18 0.15 -1.21 2.35
CA ILE A 18 1.13 -1.41 1.28
C ILE A 18 0.63 -0.79 -0.03
N LEU A 19 1.29 0.29 -0.45
CA LEU A 19 0.92 0.97 -1.69
C LEU A 19 1.88 0.63 -2.81
N VAL A 20 1.47 -0.27 -3.70
CA VAL A 20 2.30 -0.68 -4.83
C VAL A 20 2.10 0.24 -6.02
N ARG A 21 3.19 0.78 -6.54
CA ARG A 21 3.14 1.67 -7.69
C ARG A 21 3.85 1.07 -8.90
N ASN A 22 3.63 1.65 -10.06
CA ASN A 22 4.25 1.16 -11.29
C ASN A 22 3.66 -0.19 -11.69
N ILE A 23 2.37 -0.38 -11.43
CA ILE A 23 1.69 -1.62 -11.76
C ILE A 23 1.40 -1.70 -13.25
N PRO A 24 1.69 -2.86 -13.85
CA PRO A 24 1.46 -3.10 -15.28
C PRO A 24 -0.03 -3.17 -15.62
N PHE A 25 -0.40 -2.58 -16.76
CA PHE A 25 -1.78 -2.58 -17.20
C PHE A 25 -2.38 -3.99 -17.12
N GLN A 26 -1.59 -4.98 -17.55
CA GLN A 26 -2.04 -6.37 -17.53
C GLN A 26 -2.49 -6.77 -16.13
N ALA A 27 -1.77 -6.30 -15.12
CA ALA A 27 -2.10 -6.61 -13.73
C ALA A 27 -3.44 -6.00 -13.33
N ASN A 28 -4.21 -6.74 -12.54
CA ASN A 28 -5.52 -6.28 -12.09
C ASN A 28 -5.68 -6.49 -10.59
N GLN A 29 -6.84 -6.11 -10.06
CA GLN A 29 -7.11 -6.26 -8.64
C GLN A 29 -6.73 -7.65 -8.15
N ARG A 30 -7.26 -8.67 -8.81
CA ARG A 30 -6.98 -10.05 -8.44
C ARG A 30 -5.48 -10.31 -8.39
N GLU A 31 -4.80 -9.99 -9.49
CA GLU A 31 -3.35 -10.18 -9.57
C GLU A 31 -2.67 -9.76 -8.29
N ILE A 32 -2.90 -8.51 -7.88
CA ILE A 32 -2.30 -7.97 -6.66
C ILE A 32 -2.78 -8.75 -5.44
N ARG A 33 -4.08 -8.96 -5.35
CA ARG A 33 -4.67 -9.68 -4.23
C ARG A 33 -3.83 -10.92 -3.88
N GLU A 34 -3.86 -11.92 -4.76
CA GLU A 34 -3.11 -13.15 -4.53
C GLU A 34 -1.64 -12.84 -4.31
N LEU A 35 -1.13 -11.83 -5.02
CA LEU A 35 0.27 -11.44 -4.90
C LEU A 35 0.68 -11.30 -3.44
N PHE A 36 -0.18 -10.67 -2.66
CA PHE A 36 0.08 -10.47 -1.23
C PHE A 36 -0.57 -11.56 -0.40
N SER A 37 -1.87 -11.77 -0.61
CA SER A 37 -2.61 -12.79 0.13
C SER A 37 -1.75 -14.02 0.38
N THR A 38 -0.84 -14.30 -0.56
CA THR A 38 0.05 -15.45 -0.43
C THR A 38 0.80 -15.42 0.88
N PHE A 39 1.40 -14.27 1.20
CA PHE A 39 2.15 -14.12 2.44
C PHE A 39 1.24 -14.26 3.65
N GLY A 40 0.07 -13.63 3.59
CA GLY A 40 -0.87 -13.70 4.70
C GLY A 40 -2.25 -13.21 4.32
N GLU A 41 -3.20 -13.35 5.23
CA GLU A 41 -4.58 -12.92 4.98
C GLU A 41 -4.64 -11.42 4.74
N LEU A 42 -5.47 -11.00 3.79
CA LEU A 42 -5.62 -9.60 3.47
C LEU A 42 -6.96 -9.07 3.98
N LYS A 43 -7.09 -7.74 4.05
CA LYS A 43 -8.31 -7.11 4.51
C LYS A 43 -9.18 -6.68 3.34
N THR A 44 -8.58 -5.97 2.40
CA THR A 44 -9.29 -5.49 1.21
C THR A 44 -8.33 -4.82 0.22
N VAL A 45 -8.44 -5.22 -1.04
CA VAL A 45 -7.59 -4.65 -2.09
C VAL A 45 -8.35 -3.64 -2.93
N ARG A 46 -7.78 -2.45 -3.06
CA ARG A 46 -8.40 -1.39 -3.84
C ARG A 46 -7.55 -1.04 -5.06
N LEU A 47 -8.16 -1.10 -6.24
CA LEU A 47 -7.45 -0.79 -7.48
C LEU A 47 -8.35 -0.01 -8.43
N PRO A 48 -7.76 0.95 -9.17
CA PRO A 48 -8.48 1.78 -10.13
C PRO A 48 -8.95 0.98 -11.35
N LYS A 49 -10.20 1.15 -11.72
CA LYS A 49 -10.78 0.46 -12.86
C LYS A 49 -10.79 1.35 -14.10
N LYS A 50 -10.30 0.83 -15.22
CA LYS A 50 -10.27 1.58 -16.47
C LYS A 50 -11.68 1.85 -16.98
N MET A 51 -11.88 3.05 -17.52
CA MET A 51 -13.18 3.44 -18.05
C MET A 51 -13.09 3.79 -19.53
N THR A 52 -14.21 3.68 -20.24
CA THR A 52 -14.25 3.98 -21.66
C THR A 52 -14.01 5.46 -21.92
N GLY A 53 -14.61 6.31 -21.09
CA GLY A 53 -14.45 7.73 -21.24
C GLY A 53 -13.23 8.26 -20.50
N THR A 54 -13.46 8.78 -19.29
CA THR A 54 -12.38 9.32 -18.48
C THR A 54 -12.10 8.45 -17.27
N GLY A 55 -10.86 8.45 -16.81
CA GLY A 55 -10.50 7.65 -15.65
C GLY A 55 -9.90 6.31 -16.04
N ALA A 56 -8.57 6.23 -16.07
CA ALA A 56 -7.88 5.00 -16.42
C ALA A 56 -7.12 4.44 -15.24
N HIS A 57 -6.83 3.13 -15.29
CA HIS A 57 -6.10 2.47 -14.21
C HIS A 57 -4.72 3.09 -14.03
N ARG A 58 -4.53 3.80 -12.92
CA ARG A 58 -3.25 4.44 -12.63
C ARG A 58 -2.23 3.42 -12.12
N GLY A 59 -0.97 3.80 -12.12
CA GLY A 59 0.08 2.91 -11.65
C GLY A 59 0.24 2.96 -10.14
N PHE A 60 -0.82 2.60 -9.42
CA PHE A 60 -0.79 2.59 -7.97
C PHE A 60 -1.93 1.75 -7.40
N GLY A 61 -1.63 0.98 -6.36
CA GLY A 61 -2.64 0.14 -5.75
C GLY A 61 -2.54 0.13 -4.23
N PHE A 62 -3.68 0.03 -3.56
CA PHE A 62 -3.72 0.02 -2.11
C PHE A 62 -4.03 -1.39 -1.59
N VAL A 63 -3.16 -1.88 -0.71
CA VAL A 63 -3.33 -3.21 -0.14
C VAL A 63 -3.37 -3.15 1.39
N ASP A 64 -4.37 -3.80 1.97
CA ASP A 64 -4.52 -3.82 3.42
C ASP A 64 -4.34 -5.23 3.96
N PHE A 65 -3.75 -5.33 5.16
CA PHE A 65 -3.51 -6.63 5.79
C PHE A 65 -4.35 -6.77 7.05
N ILE A 66 -4.53 -8.00 7.49
CA ILE A 66 -5.30 -8.29 8.70
C ILE A 66 -4.56 -7.83 9.95
N THR A 67 -3.27 -8.15 10.01
CA THR A 67 -2.44 -7.78 11.14
C THR A 67 -1.21 -7.02 10.70
N LYS A 68 -0.87 -5.96 11.44
CA LYS A 68 0.29 -5.14 11.11
C LYS A 68 1.52 -6.01 10.85
N GLN A 69 1.73 -7.01 11.72
CA GLN A 69 2.86 -7.92 11.58
C GLN A 69 2.91 -8.51 10.17
N ASP A 70 1.85 -9.20 9.79
CA ASP A 70 1.78 -9.83 8.47
C ASP A 70 2.17 -8.84 7.39
N ALA A 71 1.71 -7.60 7.52
CA ALA A 71 2.01 -6.56 6.56
C ALA A 71 3.52 -6.36 6.41
N LYS A 72 4.20 -6.18 7.53
CA LYS A 72 5.64 -5.98 7.53
C LYS A 72 6.35 -7.12 6.80
N LYS A 73 6.00 -8.35 7.16
CA LYS A 73 6.59 -9.53 6.53
C LYS A 73 6.51 -9.43 5.01
N ALA A 74 5.30 -9.31 4.48
CA ALA A 74 5.09 -9.20 3.06
C ALA A 74 5.90 -8.05 2.46
N PHE A 75 5.49 -6.82 2.77
CA PHE A 75 6.18 -5.65 2.26
C PHE A 75 7.69 -5.84 2.29
N ASN A 76 8.18 -6.46 3.36
CA ASN A 76 9.61 -6.71 3.52
C ASN A 76 10.14 -7.55 2.35
N ALA A 77 9.43 -8.62 2.03
CA ALA A 77 9.83 -9.50 0.93
C ALA A 77 9.56 -8.85 -0.42
N LEU A 78 8.32 -8.42 -0.63
CA LEU A 78 7.95 -7.79 -1.89
C LEU A 78 8.85 -6.60 -2.19
N CYS A 79 8.88 -5.63 -1.29
CA CYS A 79 9.72 -4.44 -1.47
C CYS A 79 11.09 -4.82 -2.00
N HIS A 80 11.75 -5.76 -1.33
CA HIS A 80 13.08 -6.20 -1.76
C HIS A 80 13.18 -6.24 -3.28
N SER A 81 12.28 -7.01 -3.91
CA SER A 81 12.28 -7.13 -5.36
C SER A 81 11.01 -7.84 -5.84
N THR A 82 10.17 -7.13 -6.58
CA THR A 82 8.93 -7.69 -7.09
C THR A 82 8.84 -7.52 -8.60
N HIS A 83 9.04 -8.62 -9.33
CA HIS A 83 8.98 -8.59 -10.79
C HIS A 83 7.63 -9.09 -11.29
N LEU A 84 6.89 -8.23 -11.98
CA LEU A 84 5.58 -8.58 -12.50
C LEU A 84 5.47 -8.21 -13.97
N TYR A 85 5.18 -9.20 -14.82
CA TYR A 85 5.05 -8.97 -16.25
C TYR A 85 6.26 -8.24 -16.80
N GLY A 86 7.46 -8.73 -16.48
CA GLY A 86 8.68 -8.10 -16.95
C GLY A 86 8.78 -6.65 -16.52
N ARG A 87 8.31 -6.36 -15.31
CA ARG A 87 8.35 -5.00 -14.78
C ARG A 87 8.69 -5.01 -13.29
N ARG A 88 9.26 -3.91 -12.81
CA ARG A 88 9.62 -3.79 -11.41
C ARG A 88 8.60 -2.94 -10.64
N LEU A 89 7.97 -3.53 -9.64
CA LEU A 89 6.98 -2.83 -8.83
C LEU A 89 7.65 -2.06 -7.69
N VAL A 90 6.98 -1.00 -7.23
CA VAL A 90 7.52 -0.19 -6.15
C VAL A 90 6.59 -0.24 -4.92
N LEU A 91 7.18 -0.53 -3.77
CA LEU A 91 6.41 -0.60 -2.53
C LEU A 91 6.75 0.57 -1.60
N GLU A 92 5.72 1.30 -1.17
CA GLU A 92 5.91 2.44 -0.29
C GLU A 92 4.79 2.51 0.75
N TRP A 93 5.18 2.72 2.00
CA TRP A 93 4.20 2.82 3.09
C TRP A 93 3.34 4.07 2.94
N ALA A 94 2.04 3.86 2.73
CA ALA A 94 1.11 4.97 2.57
C ALA A 94 1.23 5.95 3.74
N ASP A 95 1.04 7.23 3.45
CA ASP A 95 1.12 8.26 4.47
C ASP A 95 -0.24 8.50 5.13
N SER A 96 -0.26 8.44 6.45
CA SER A 96 -1.50 8.64 7.20
C SER A 96 -1.51 10.00 7.89
N GLU A 97 -2.66 10.66 7.85
CA GLU A 97 -2.81 11.97 8.46
C GLU A 97 -3.02 11.85 9.97
N VAL A 98 -2.20 12.56 10.73
CA VAL A 98 -2.28 12.54 12.19
C VAL A 98 -3.62 13.09 12.66
N THR A 99 -4.20 12.45 13.67
CA THR A 99 -5.49 12.86 14.22
C THR A 99 -5.29 13.56 15.56
N VAL A 100 -6.36 14.20 16.06
CA VAL A 100 -6.32 14.89 17.33
C VAL A 100 -7.02 14.09 18.41
N GLN A 101 -6.69 14.38 19.67
CA GLN A 101 -7.29 13.68 20.81
C GLN A 101 -7.79 14.68 21.84
N SER A 102 -9.09 14.91 21.84
CA SER A 102 -9.70 15.85 22.80
C SER A 102 -11.11 15.41 23.15
N GLY A 103 -11.48 15.61 24.42
CA GLY A 103 -12.82 15.23 24.87
C GLY A 103 -12.80 14.62 26.26
N PRO A 104 -12.62 15.49 27.27
CA PRO A 104 -12.58 15.07 28.68
C PRO A 104 -13.95 14.60 29.18
N SER A 105 -13.98 14.06 30.38
CA SER A 105 -15.22 13.57 30.98
C SER A 105 -15.22 13.78 32.50
N SER A 106 -16.37 14.16 33.04
CA SER A 106 -16.49 14.39 34.47
C SER A 106 -16.01 13.17 35.26
N GLY A 107 -16.47 12.00 34.86
CA GLY A 107 -16.07 10.77 35.54
C GLY A 107 -15.31 9.83 34.63
N GLY A 1 32.61 -5.98 10.78
CA GLY A 1 31.92 -4.94 11.52
C GLY A 1 31.07 -4.06 10.62
N SER A 2 30.28 -3.18 11.23
CA SER A 2 29.40 -2.30 10.48
C SER A 2 29.46 -0.88 11.04
N SER A 3 29.53 0.11 10.14
CA SER A 3 29.59 1.50 10.55
C SER A 3 28.32 1.92 11.28
N GLY A 4 27.18 1.75 10.62
CA GLY A 4 25.91 2.11 11.22
C GLY A 4 24.91 2.62 10.20
N SER A 5 23.63 2.42 10.48
CA SER A 5 22.57 2.87 9.58
C SER A 5 21.23 2.96 10.32
N SER A 6 20.55 4.09 10.15
CA SER A 6 19.27 4.32 10.79
C SER A 6 18.21 4.71 9.77
N GLY A 7 16.95 4.33 10.05
CA GLY A 7 15.87 4.67 9.15
C GLY A 7 15.07 5.87 9.61
N GLN A 8 14.28 6.44 8.71
CA GLN A 8 13.47 7.61 9.03
C GLN A 8 12.20 7.63 8.20
N VAL A 9 11.05 7.55 8.87
CA VAL A 9 9.75 7.56 8.18
C VAL A 9 9.18 8.98 8.12
N PRO A 10 8.55 9.30 6.98
CA PRO A 10 7.95 10.62 6.77
C PRO A 10 6.72 10.83 7.63
N LYS A 11 6.24 9.77 8.26
CA LYS A 11 5.06 9.85 9.11
C LYS A 11 5.39 9.38 10.53
N LYS A 12 4.80 10.05 11.52
CA LYS A 12 5.04 9.70 12.92
C LYS A 12 3.91 8.81 13.44
N GLN A 13 3.42 7.92 12.59
CA GLN A 13 2.35 7.01 12.98
C GLN A 13 2.54 5.63 12.35
N THR A 14 2.50 4.60 13.18
CA THR A 14 2.68 3.23 12.70
C THR A 14 1.40 2.70 12.07
N THR A 15 1.33 2.75 10.74
CA THR A 15 0.16 2.27 10.02
C THR A 15 0.49 1.03 9.20
N SER A 16 -0.52 0.19 8.99
CA SER A 16 -0.33 -1.05 8.23
C SER A 16 -0.99 -0.93 6.86
N LYS A 17 -0.26 -0.39 5.89
CA LYS A 17 -0.77 -0.23 4.54
C LYS A 17 0.34 -0.41 3.52
N ILE A 18 0.03 -1.10 2.42
CA ILE A 18 1.00 -1.34 1.36
C ILE A 18 0.52 -0.75 0.04
N LEU A 19 1.26 0.23 -0.46
CA LEU A 19 0.92 0.89 -1.72
C LEU A 19 1.93 0.54 -2.81
N VAL A 20 1.51 -0.29 -3.76
CA VAL A 20 2.38 -0.71 -4.85
C VAL A 20 2.20 0.20 -6.07
N ARG A 21 3.28 0.87 -6.47
CA ARG A 21 3.23 1.76 -7.62
C ARG A 21 3.94 1.14 -8.83
N ASN A 22 3.74 1.74 -9.99
CA ASN A 22 4.36 1.24 -11.21
C ASN A 22 3.76 -0.10 -11.63
N ILE A 23 2.45 -0.23 -11.46
CA ILE A 23 1.75 -1.46 -11.81
C ILE A 23 1.41 -1.50 -13.30
N PRO A 24 1.74 -2.61 -13.95
CA PRO A 24 1.47 -2.80 -15.38
C PRO A 24 -0.01 -2.96 -15.68
N PHE A 25 -0.49 -2.22 -16.68
CA PHE A 25 -1.88 -2.27 -17.07
C PHE A 25 -2.43 -3.69 -16.96
N GLN A 26 -1.67 -4.64 -17.48
CA GLN A 26 -2.09 -6.05 -17.44
C GLN A 26 -2.50 -6.45 -16.03
N ALA A 27 -1.67 -6.10 -15.05
CA ALA A 27 -1.95 -6.43 -13.66
C ALA A 27 -3.38 -6.05 -13.29
N ASN A 28 -4.03 -6.91 -12.52
CA ASN A 28 -5.41 -6.67 -12.09
C ASN A 28 -5.54 -6.87 -10.59
N GLN A 29 -6.64 -6.36 -10.03
CA GLN A 29 -6.90 -6.48 -8.60
C GLN A 29 -6.66 -7.91 -8.12
N ARG A 30 -7.01 -8.87 -8.97
CA ARG A 30 -6.84 -10.28 -8.63
C ARG A 30 -5.36 -10.63 -8.50
N GLU A 31 -4.57 -10.31 -9.52
CA GLU A 31 -3.14 -10.60 -9.52
C GLU A 31 -2.51 -10.13 -8.21
N ILE A 32 -2.79 -8.88 -7.84
CA ILE A 32 -2.25 -8.31 -6.61
C ILE A 32 -2.75 -9.05 -5.38
N ARG A 33 -4.06 -9.28 -5.34
CA ARG A 33 -4.68 -9.97 -4.21
C ARG A 33 -3.87 -11.20 -3.82
N GLU A 34 -3.71 -12.13 -4.76
CA GLU A 34 -2.95 -13.35 -4.51
C GLU A 34 -1.47 -13.04 -4.31
N LEU A 35 -1.01 -11.99 -4.97
CA LEU A 35 0.40 -11.59 -4.87
C LEU A 35 0.76 -11.28 -3.41
N PHE A 36 -0.16 -10.65 -2.70
CA PHE A 36 0.08 -10.30 -1.29
C PHE A 36 -0.49 -11.38 -0.37
N SER A 37 -1.76 -11.71 -0.57
CA SER A 37 -2.42 -12.71 0.25
C SER A 37 -1.52 -13.93 0.45
N THR A 38 -0.92 -14.41 -0.63
CA THR A 38 -0.04 -15.56 -0.57
C THR A 38 0.81 -15.54 0.70
N PHE A 39 1.18 -14.35 1.14
CA PHE A 39 1.98 -14.19 2.35
C PHE A 39 1.12 -14.35 3.60
N GLY A 40 -0.06 -13.75 3.59
CA GLY A 40 -0.95 -13.84 4.72
C GLY A 40 -2.37 -13.39 4.39
N GLU A 41 -3.19 -13.24 5.41
CA GLU A 41 -4.57 -12.82 5.22
C GLU A 41 -4.66 -11.33 4.90
N LEU A 42 -5.46 -10.99 3.90
CA LEU A 42 -5.62 -9.60 3.48
C LEU A 42 -6.98 -9.06 3.91
N LYS A 43 -7.03 -7.78 4.24
CA LYS A 43 -8.27 -7.13 4.67
C LYS A 43 -9.13 -6.77 3.46
N THR A 44 -8.51 -6.08 2.49
CA THR A 44 -9.22 -5.68 1.29
C THR A 44 -8.27 -5.06 0.27
N VAL A 45 -8.37 -5.49 -0.98
CA VAL A 45 -7.52 -4.98 -2.05
C VAL A 45 -8.24 -3.91 -2.86
N ARG A 46 -7.60 -2.75 -2.99
CA ARG A 46 -8.18 -1.64 -3.75
C ARG A 46 -7.34 -1.32 -4.99
N LEU A 47 -7.89 -1.59 -6.16
CA LEU A 47 -7.19 -1.33 -7.40
C LEU A 47 -8.14 -0.75 -8.45
N PRO A 48 -7.63 0.21 -9.24
CA PRO A 48 -8.42 0.88 -10.28
C PRO A 48 -8.72 -0.05 -11.46
N LYS A 49 -9.83 0.20 -12.13
CA LYS A 49 -10.23 -0.61 -13.27
C LYS A 49 -10.38 0.24 -14.53
N LYS A 50 -9.94 -0.30 -15.66
CA LYS A 50 -10.01 0.41 -16.93
C LYS A 50 -11.46 0.55 -17.39
N MET A 51 -11.99 1.77 -17.32
CA MET A 51 -13.36 2.03 -17.73
C MET A 51 -13.41 3.13 -18.80
N THR A 52 -12.74 4.24 -18.52
CA THR A 52 -12.70 5.36 -19.45
C THR A 52 -12.32 4.90 -20.85
N GLY A 53 -12.38 5.82 -21.81
CA GLY A 53 -12.03 5.48 -23.18
C GLY A 53 -10.78 4.62 -23.27
N THR A 54 -9.63 5.21 -22.96
CA THR A 54 -8.37 4.49 -23.01
C THR A 54 -7.42 4.97 -21.92
N GLY A 55 -6.78 4.04 -21.23
CA GLY A 55 -5.85 4.39 -20.18
C GLY A 55 -6.55 4.89 -18.94
N ALA A 56 -6.91 3.96 -18.05
CA ALA A 56 -7.59 4.31 -16.81
C ALA A 56 -6.80 3.82 -15.59
N HIS A 57 -6.69 2.50 -15.47
CA HIS A 57 -5.96 1.90 -14.35
C HIS A 57 -4.54 2.45 -14.26
N ARG A 58 -4.25 3.18 -13.19
CA ARG A 58 -2.93 3.77 -13.00
C ARG A 58 -2.02 2.79 -12.26
N GLY A 59 -0.71 2.99 -12.41
CA GLY A 59 0.26 2.13 -11.76
C GLY A 59 0.35 2.40 -10.26
N PHE A 60 -0.76 2.20 -9.56
CA PHE A 60 -0.80 2.42 -8.12
C PHE A 60 -1.95 1.66 -7.48
N GLY A 61 -1.65 0.88 -6.45
CA GLY A 61 -2.67 0.11 -5.78
C GLY A 61 -2.49 0.09 -4.27
N PHE A 62 -3.60 0.10 -3.54
CA PHE A 62 -3.55 0.09 -2.08
C PHE A 62 -3.99 -1.27 -1.53
N VAL A 63 -3.18 -1.80 -0.62
CA VAL A 63 -3.48 -3.10 -0.02
C VAL A 63 -3.55 -3.00 1.51
N ASP A 64 -4.59 -3.56 2.10
CA ASP A 64 -4.76 -3.53 3.55
C ASP A 64 -4.61 -4.93 4.14
N PHE A 65 -3.85 -5.03 5.22
CA PHE A 65 -3.63 -6.30 5.89
C PHE A 65 -4.39 -6.38 7.21
N ILE A 66 -4.54 -7.59 7.73
CA ILE A 66 -5.26 -7.79 8.99
C ILE A 66 -4.50 -7.17 10.15
N THR A 67 -3.18 -7.35 10.17
CA THR A 67 -2.35 -6.80 11.22
C THR A 67 -1.01 -6.32 10.68
N LYS A 68 -0.38 -5.40 11.40
CA LYS A 68 0.91 -4.85 10.98
C LYS A 68 1.95 -5.96 10.82
N GLN A 69 1.87 -6.96 11.70
CA GLN A 69 2.81 -8.08 11.65
C GLN A 69 2.86 -8.69 10.25
N ASP A 70 1.68 -8.95 9.68
CA ASP A 70 1.59 -9.52 8.34
C ASP A 70 2.03 -8.53 7.29
N ALA A 71 1.38 -7.37 7.26
CA ALA A 71 1.72 -6.33 6.28
C ALA A 71 3.21 -6.01 6.31
N LYS A 72 3.84 -6.24 7.46
CA LYS A 72 5.27 -5.98 7.61
C LYS A 72 6.09 -7.05 6.90
N LYS A 73 5.91 -8.31 7.33
CA LYS A 73 6.64 -9.42 6.73
C LYS A 73 6.42 -9.47 5.22
N ALA A 74 5.16 -9.28 4.81
CA ALA A 74 4.82 -9.31 3.39
C ALA A 74 5.56 -8.21 2.63
N PHE A 75 5.44 -6.98 3.11
CA PHE A 75 6.09 -5.85 2.47
C PHE A 75 7.60 -6.05 2.43
N ASN A 76 8.15 -6.61 3.49
CA ASN A 76 9.58 -6.85 3.59
C ASN A 76 10.00 -7.97 2.63
N ALA A 77 9.08 -8.89 2.35
CA ALA A 77 9.36 -9.99 1.46
C ALA A 77 9.08 -9.61 0.01
N LEU A 78 8.27 -8.57 -0.19
CA LEU A 78 7.92 -8.12 -1.53
C LEU A 78 8.78 -6.93 -1.93
N CYS A 79 8.72 -5.86 -1.14
CA CYS A 79 9.50 -4.65 -1.41
C CYS A 79 10.91 -5.02 -1.89
N HIS A 80 11.39 -6.18 -1.46
CA HIS A 80 12.72 -6.63 -1.84
C HIS A 80 12.91 -6.55 -3.34
N SER A 81 12.09 -7.29 -4.09
CA SER A 81 12.18 -7.30 -5.55
C SER A 81 10.98 -8.03 -6.15
N THR A 82 10.09 -7.27 -6.80
CA THR A 82 8.91 -7.84 -7.42
C THR A 82 8.92 -7.62 -8.93
N HIS A 83 8.83 -8.72 -9.67
CA HIS A 83 8.83 -8.65 -11.13
C HIS A 83 7.48 -9.08 -11.70
N LEU A 84 6.85 -8.19 -12.46
CA LEU A 84 5.56 -8.48 -13.06
C LEU A 84 5.47 -7.91 -14.48
N TYR A 85 5.20 -8.79 -15.44
CA TYR A 85 5.09 -8.37 -16.83
C TYR A 85 6.32 -7.56 -17.25
N GLY A 86 7.49 -8.00 -16.82
CA GLY A 86 8.72 -7.30 -17.16
C GLY A 86 8.77 -5.90 -16.58
N ARG A 87 8.24 -5.75 -15.37
CA ARG A 87 8.23 -4.45 -14.70
C ARG A 87 8.58 -4.60 -13.21
N ARG A 88 9.37 -3.66 -12.70
CA ARG A 88 9.77 -3.70 -11.30
C ARG A 88 8.84 -2.83 -10.45
N LEU A 89 7.91 -3.47 -9.76
CA LEU A 89 6.96 -2.76 -8.91
C LEU A 89 7.68 -2.07 -7.75
N VAL A 90 7.15 -0.93 -7.34
CA VAL A 90 7.74 -0.17 -6.25
C VAL A 90 6.79 -0.10 -5.05
N LEU A 91 7.19 -0.74 -3.95
CA LEU A 91 6.36 -0.76 -2.74
C LEU A 91 6.74 0.41 -1.82
N GLU A 92 5.72 1.11 -1.33
CA GLU A 92 5.93 2.25 -0.44
C GLU A 92 4.83 2.33 0.61
N TRP A 93 5.22 2.60 1.84
CA TRP A 93 4.27 2.71 2.95
C TRP A 93 3.40 3.94 2.80
N ALA A 94 2.13 3.74 2.49
CA ALA A 94 1.20 4.85 2.33
C ALA A 94 1.31 5.84 3.47
N ASP A 95 1.56 7.10 3.13
CA ASP A 95 1.70 8.15 4.13
C ASP A 95 0.40 8.94 4.27
N SER A 96 -0.46 8.50 5.19
CA SER A 96 -1.74 9.16 5.42
C SER A 96 -1.54 10.52 6.11
N GLU A 97 -1.98 11.58 5.45
CA GLU A 97 -1.84 12.92 5.99
C GLU A 97 -2.66 13.07 7.28
N VAL A 98 -2.08 13.76 8.26
CA VAL A 98 -2.75 13.97 9.54
C VAL A 98 -3.90 14.97 9.39
N THR A 99 -5.10 14.53 9.76
CA THR A 99 -6.28 15.38 9.67
C THR A 99 -6.99 15.45 11.01
N VAL A 100 -7.18 16.67 11.51
CA VAL A 100 -7.85 16.89 12.79
C VAL A 100 -9.30 17.32 12.57
N GLN A 101 -10.20 16.83 13.42
CA GLN A 101 -11.61 17.17 13.33
C GLN A 101 -12.24 17.21 14.72
N SER A 102 -13.15 18.17 14.90
CA SER A 102 -13.84 18.33 16.19
C SER A 102 -15.35 18.37 15.99
N GLY A 103 -16.04 17.44 16.66
CA GLY A 103 -17.49 17.40 16.55
C GLY A 103 -18.18 17.60 17.89
N PRO A 104 -19.32 18.31 17.87
CA PRO A 104 -20.10 18.60 19.07
C PRO A 104 -20.78 17.36 19.64
N SER A 105 -21.07 17.38 20.93
CA SER A 105 -21.71 16.25 21.59
C SER A 105 -23.05 16.65 22.18
N SER A 106 -24.08 15.85 21.92
CA SER A 106 -25.42 16.13 22.42
C SER A 106 -25.88 15.04 23.38
N GLY A 107 -24.98 14.62 24.26
CA GLY A 107 -25.31 13.58 25.22
C GLY A 107 -24.08 12.95 25.84
N GLY A 1 35.48 14.91 26.98
CA GLY A 1 34.65 13.82 26.47
C GLY A 1 33.33 14.32 25.91
N SER A 2 32.63 13.44 25.21
CA SER A 2 31.34 13.78 24.60
C SER A 2 30.46 12.55 24.44
N SER A 3 29.45 12.44 25.29
CA SER A 3 28.52 11.31 25.24
C SER A 3 27.15 11.74 24.76
N GLY A 4 26.42 10.81 24.14
CA GLY A 4 25.10 11.12 23.64
C GLY A 4 24.39 9.89 23.09
N SER A 5 23.07 9.97 22.99
CA SER A 5 22.27 8.85 22.48
C SER A 5 20.88 9.33 22.06
N SER A 6 20.52 9.04 20.81
CA SER A 6 19.22 9.44 20.29
C SER A 6 18.42 8.22 19.86
N GLY A 7 17.47 7.83 20.70
CA GLY A 7 16.64 6.67 20.39
C GLY A 7 15.16 6.98 20.50
N GLN A 8 14.77 8.17 20.05
CA GLN A 8 13.37 8.57 20.11
C GLN A 8 12.45 7.45 19.66
N VAL A 9 11.18 7.51 20.09
CA VAL A 9 10.21 6.50 19.72
C VAL A 9 8.80 7.09 19.63
N PRO A 10 8.01 6.58 18.67
CA PRO A 10 6.63 7.03 18.46
C PRO A 10 5.70 6.64 19.61
N LYS A 11 4.46 7.10 19.54
CA LYS A 11 3.47 6.79 20.56
C LYS A 11 2.21 6.20 19.94
N LYS A 12 2.39 5.26 19.01
CA LYS A 12 1.28 4.61 18.35
C LYS A 12 1.75 3.44 17.50
N GLN A 13 0.81 2.59 17.08
CA GLN A 13 1.14 1.44 16.26
C GLN A 13 1.49 1.86 14.84
N THR A 14 2.37 1.09 14.19
CA THR A 14 2.79 1.39 12.83
C THR A 14 1.67 1.12 11.84
N THR A 15 1.16 2.18 11.21
CA THR A 15 0.09 2.06 10.24
C THR A 15 0.30 0.86 9.33
N SER A 16 -0.73 0.04 9.18
CA SER A 16 -0.65 -1.14 8.33
C SER A 16 -1.23 -0.87 6.95
N LYS A 17 -0.40 -0.33 6.06
CA LYS A 17 -0.83 -0.03 4.70
C LYS A 17 0.30 -0.22 3.71
N ILE A 18 0.02 -0.91 2.61
CA ILE A 18 1.01 -1.17 1.58
C ILE A 18 0.58 -0.61 0.24
N LEU A 19 1.22 0.48 -0.19
CA LEU A 19 0.90 1.12 -1.46
C LEU A 19 1.86 0.67 -2.55
N VAL A 20 1.36 -0.14 -3.48
CA VAL A 20 2.17 -0.63 -4.59
C VAL A 20 2.04 0.25 -5.81
N ARG A 21 3.17 0.55 -6.45
CA ARG A 21 3.17 1.39 -7.65
C ARG A 21 3.87 0.69 -8.81
N ASN A 22 3.90 1.34 -9.95
CA ASN A 22 4.53 0.78 -11.15
C ASN A 22 3.91 -0.57 -11.49
N ILE A 23 2.59 -0.68 -11.36
CA ILE A 23 1.90 -1.91 -11.67
C ILE A 23 1.61 -2.04 -13.16
N PRO A 24 1.88 -3.23 -13.71
CA PRO A 24 1.66 -3.50 -15.14
C PRO A 24 0.18 -3.55 -15.50
N PHE A 25 -0.16 -2.97 -16.65
CA PHE A 25 -1.54 -2.95 -17.11
C PHE A 25 -2.18 -4.33 -17.01
N GLN A 26 -1.40 -5.36 -17.32
CA GLN A 26 -1.89 -6.73 -17.26
C GLN A 26 -2.38 -7.07 -15.86
N ALA A 27 -1.63 -6.65 -14.86
CA ALA A 27 -1.99 -6.91 -13.47
C ALA A 27 -3.29 -6.20 -13.10
N ASN A 28 -4.24 -6.97 -12.57
CA ASN A 28 -5.53 -6.42 -12.18
C ASN A 28 -5.75 -6.55 -10.67
N GLN A 29 -6.82 -5.95 -10.17
CA GLN A 29 -7.14 -6.00 -8.74
C GLN A 29 -6.86 -7.40 -8.18
N ARG A 30 -7.29 -8.42 -8.90
CA ARG A 30 -7.09 -9.80 -8.48
C ARG A 30 -5.61 -10.15 -8.44
N GLU A 31 -4.89 -9.75 -9.49
CA GLU A 31 -3.46 -10.02 -9.58
C GLU A 31 -2.75 -9.61 -8.29
N ILE A 32 -2.98 -8.38 -7.86
CA ILE A 32 -2.37 -7.87 -6.63
C ILE A 32 -2.86 -8.63 -5.40
N ARG A 33 -4.16 -8.89 -5.37
CA ARG A 33 -4.77 -9.60 -4.24
C ARG A 33 -3.95 -10.84 -3.89
N GLU A 34 -3.93 -11.81 -4.79
CA GLU A 34 -3.18 -13.05 -4.57
C GLU A 34 -1.69 -12.76 -4.39
N LEU A 35 -1.19 -11.78 -5.13
CA LEU A 35 0.22 -11.40 -5.04
C LEU A 35 0.66 -11.26 -3.58
N PHE A 36 -0.05 -10.40 -2.84
CA PHE A 36 0.27 -10.17 -1.44
C PHE A 36 -0.38 -11.24 -0.56
N SER A 37 -1.66 -11.49 -0.79
CA SER A 37 -2.40 -12.48 -0.01
C SER A 37 -1.55 -13.73 0.22
N THR A 38 -0.61 -13.98 -0.69
CA THR A 38 0.27 -15.14 -0.60
C THR A 38 0.97 -15.19 0.76
N PHE A 39 1.44 -14.04 1.21
CA PHE A 39 2.14 -13.94 2.50
C PHE A 39 1.16 -14.13 3.66
N GLY A 40 -0.01 -13.51 3.54
CA GLY A 40 -1.01 -13.62 4.58
C GLY A 40 -2.37 -13.09 4.15
N GLU A 41 -3.39 -13.36 4.95
CA GLU A 41 -4.74 -12.92 4.64
C GLU A 41 -4.81 -11.39 4.54
N LEU A 42 -5.53 -10.90 3.54
CA LEU A 42 -5.67 -9.47 3.33
C LEU A 42 -7.03 -8.98 3.81
N LYS A 43 -7.11 -7.70 4.15
CA LYS A 43 -8.36 -7.10 4.62
C LYS A 43 -9.21 -6.63 3.45
N THR A 44 -8.58 -5.91 2.52
CA THR A 44 -9.27 -5.40 1.35
C THR A 44 -8.30 -4.78 0.36
N VAL A 45 -8.45 -5.12 -0.91
CA VAL A 45 -7.59 -4.58 -1.96
C VAL A 45 -8.30 -3.49 -2.75
N ARG A 46 -7.75 -2.27 -2.69
CA ARG A 46 -8.33 -1.14 -3.40
C ARG A 46 -7.47 -0.76 -4.60
N LEU A 47 -8.06 -0.86 -5.79
CA LEU A 47 -7.36 -0.53 -7.03
C LEU A 47 -8.23 0.31 -7.95
N PRO A 48 -7.61 1.29 -8.64
CA PRO A 48 -8.31 2.18 -9.56
C PRO A 48 -8.78 1.45 -10.82
N LYS A 49 -10.09 1.49 -11.07
CA LYS A 49 -10.66 0.84 -12.24
C LYS A 49 -11.47 1.84 -13.08
N LYS A 50 -11.22 1.84 -14.38
CA LYS A 50 -11.92 2.73 -15.30
C LYS A 50 -13.20 2.10 -15.81
N MET A 51 -14.28 2.86 -15.80
CA MET A 51 -15.57 2.37 -16.27
C MET A 51 -15.56 2.14 -17.78
N THR A 52 -15.08 3.12 -18.53
CA THR A 52 -15.00 3.02 -19.98
C THR A 52 -13.63 3.46 -20.48
N GLY A 53 -13.28 3.01 -21.69
CA GLY A 53 -12.01 3.37 -22.27
C GLY A 53 -10.97 2.28 -22.11
N THR A 54 -9.84 2.42 -22.81
CA THR A 54 -8.77 1.44 -22.75
C THR A 54 -7.48 2.07 -22.24
N GLY A 55 -6.76 1.33 -21.41
CA GLY A 55 -5.51 1.83 -20.87
C GLY A 55 -5.71 3.09 -20.04
N ALA A 56 -6.37 2.95 -18.90
CA ALA A 56 -6.63 4.08 -18.02
C ALA A 56 -6.03 3.84 -16.64
N HIS A 57 -6.15 2.62 -16.14
CA HIS A 57 -5.62 2.26 -14.83
C HIS A 57 -4.12 2.56 -14.76
N ARG A 58 -3.72 3.21 -13.67
CA ARG A 58 -2.31 3.57 -13.48
C ARG A 58 -1.64 2.59 -12.52
N GLY A 59 -0.31 2.66 -12.43
CA GLY A 59 0.44 1.79 -11.55
C GLY A 59 0.37 2.23 -10.10
N PHE A 60 -0.76 1.98 -9.46
CA PHE A 60 -0.94 2.36 -8.07
C PHE A 60 -2.11 1.61 -7.44
N GLY A 61 -1.95 1.20 -6.20
CA GLY A 61 -3.00 0.46 -5.50
C GLY A 61 -2.74 0.34 -4.02
N PHE A 62 -3.81 0.15 -3.25
CA PHE A 62 -3.69 0.01 -1.81
C PHE A 62 -3.92 -1.44 -1.37
N VAL A 63 -3.13 -1.89 -0.39
CA VAL A 63 -3.25 -3.25 0.11
C VAL A 63 -3.27 -3.27 1.64
N ASP A 64 -4.26 -3.96 2.19
CA ASP A 64 -4.40 -4.06 3.64
C ASP A 64 -4.25 -5.51 4.10
N PHE A 65 -3.67 -5.68 5.29
CA PHE A 65 -3.46 -7.01 5.85
C PHE A 65 -4.21 -7.18 7.17
N ILE A 66 -4.78 -8.36 7.38
CA ILE A 66 -5.53 -8.65 8.59
C ILE A 66 -4.73 -8.25 9.84
N THR A 67 -3.44 -8.53 9.81
CA THR A 67 -2.56 -8.20 10.93
C THR A 67 -1.35 -7.40 10.47
N LYS A 68 -0.84 -6.54 11.35
CA LYS A 68 0.33 -5.73 11.03
C LYS A 68 1.53 -6.59 10.72
N GLN A 69 1.80 -7.58 11.57
CA GLN A 69 2.92 -8.47 11.38
C GLN A 69 3.04 -8.91 9.92
N ASP A 70 1.90 -9.22 9.32
CA ASP A 70 1.87 -9.64 7.92
C ASP A 70 2.24 -8.49 6.99
N ALA A 71 1.64 -7.33 7.23
CA ALA A 71 1.90 -6.16 6.41
C ALA A 71 3.40 -5.93 6.24
N LYS A 72 4.13 -5.88 7.35
CA LYS A 72 5.57 -5.68 7.32
C LYS A 72 6.26 -6.83 6.62
N LYS A 73 5.85 -8.05 6.95
CA LYS A 73 6.45 -9.24 6.35
C LYS A 73 6.36 -9.18 4.82
N ALA A 74 5.14 -9.05 4.30
CA ALA A 74 4.92 -8.97 2.86
C ALA A 74 5.58 -7.74 2.28
N PHE A 75 5.31 -6.58 2.89
CA PHE A 75 5.88 -5.32 2.42
C PHE A 75 7.37 -5.47 2.13
N ASN A 76 8.15 -5.74 3.16
CA ASN A 76 9.60 -5.91 3.02
C ASN A 76 9.91 -7.04 2.05
N ALA A 77 9.19 -8.15 2.18
CA ALA A 77 9.41 -9.30 1.31
C ALA A 77 9.39 -8.89 -0.16
N LEU A 78 8.34 -8.20 -0.57
CA LEU A 78 8.21 -7.74 -1.95
C LEU A 78 9.17 -6.61 -2.24
N CYS A 79 9.12 -5.56 -1.41
CA CYS A 79 9.99 -4.41 -1.57
C CYS A 79 11.35 -4.82 -2.11
N HIS A 80 11.98 -5.77 -1.43
CA HIS A 80 13.30 -6.26 -1.83
C HIS A 80 13.42 -6.28 -3.35
N SER A 81 12.54 -7.04 -4.01
CA SER A 81 12.55 -7.15 -5.46
C SER A 81 11.32 -7.90 -5.95
N THR A 82 10.40 -7.17 -6.59
CA THR A 82 9.18 -7.77 -7.12
C THR A 82 9.05 -7.52 -8.61
N HIS A 83 9.17 -8.58 -9.40
CA HIS A 83 9.05 -8.47 -10.85
C HIS A 83 7.77 -9.13 -11.34
N LEU A 84 6.91 -8.33 -11.97
CA LEU A 84 5.64 -8.82 -12.48
C LEU A 84 5.45 -8.42 -13.94
N TYR A 85 5.10 -9.39 -14.78
CA TYR A 85 4.90 -9.15 -16.20
C TYR A 85 6.08 -8.38 -16.79
N GLY A 86 7.26 -8.57 -16.20
CA GLY A 86 8.44 -7.89 -16.68
C GLY A 86 8.54 -6.45 -16.21
N ARG A 87 7.97 -6.18 -15.03
CA ARG A 87 7.99 -4.83 -14.48
C ARG A 87 8.36 -4.86 -13.00
N ARG A 88 9.26 -3.99 -12.60
CA ARG A 88 9.70 -3.92 -11.21
C ARG A 88 8.76 -3.04 -10.38
N LEU A 89 7.86 -3.68 -9.66
CA LEU A 89 6.90 -2.97 -8.83
C LEU A 89 7.61 -2.18 -7.74
N VAL A 90 6.93 -1.16 -7.21
CA VAL A 90 7.49 -0.32 -6.16
C VAL A 90 6.69 -0.44 -4.87
N LEU A 91 7.39 -0.66 -3.77
CA LEU A 91 6.74 -0.79 -2.46
C LEU A 91 6.86 0.50 -1.67
N GLU A 92 5.72 1.15 -1.43
CA GLU A 92 5.69 2.39 -0.68
C GLU A 92 4.65 2.33 0.44
N TRP A 93 5.00 2.87 1.60
CA TRP A 93 4.10 2.87 2.75
C TRP A 93 3.01 3.93 2.58
N ALA A 94 1.79 3.48 2.28
CA ALA A 94 0.67 4.39 2.09
C ALA A 94 0.70 5.52 3.13
N ASP A 95 0.68 6.75 2.64
CA ASP A 95 0.70 7.93 3.52
C ASP A 95 -0.69 8.21 4.08
N SER A 96 -0.77 8.45 5.38
CA SER A 96 -2.03 8.75 6.03
C SER A 96 -2.11 10.20 6.46
N GLU A 97 -3.02 10.95 5.85
CA GLU A 97 -3.19 12.36 6.16
C GLU A 97 -3.87 12.53 7.52
N VAL A 98 -3.28 13.38 8.37
CA VAL A 98 -3.83 13.63 9.70
C VAL A 98 -4.83 14.78 9.67
N THR A 99 -6.11 14.45 9.67
CA THR A 99 -7.17 15.45 9.63
C THR A 99 -7.12 16.34 10.88
N VAL A 100 -7.32 15.73 12.04
CA VAL A 100 -7.30 16.47 13.30
C VAL A 100 -6.48 15.73 14.35
N GLN A 101 -5.46 16.40 14.86
CA GLN A 101 -4.59 15.81 15.87
C GLN A 101 -5.18 15.97 17.27
N SER A 102 -4.98 14.98 18.12
CA SER A 102 -5.50 15.00 19.49
C SER A 102 -4.45 14.53 20.48
N GLY A 103 -4.31 15.29 21.57
CA GLY A 103 -3.33 14.93 22.59
C GLY A 103 -3.75 15.38 23.97
N PRO A 104 -3.55 16.68 24.26
CA PRO A 104 -3.91 17.26 25.57
C PRO A 104 -5.42 17.34 25.77
N SER A 105 -5.93 16.51 26.67
CA SER A 105 -7.36 16.49 26.96
C SER A 105 -7.65 17.08 28.33
N SER A 106 -8.59 18.02 28.39
CA SER A 106 -8.95 18.67 29.65
C SER A 106 -9.87 17.77 30.47
N GLY A 107 -9.54 17.63 31.75
CA GLY A 107 -10.34 16.80 32.64
C GLY A 107 -9.60 15.56 33.10
N GLY A 1 -7.30 28.39 8.14
CA GLY A 1 -7.38 27.58 9.35
C GLY A 1 -6.37 27.99 10.39
N SER A 2 -6.15 27.13 11.39
CA SER A 2 -5.22 27.41 12.46
C SER A 2 -3.88 26.71 12.21
N SER A 3 -2.83 27.51 12.02
CA SER A 3 -1.50 26.96 11.77
C SER A 3 -0.89 26.40 13.06
N GLY A 4 -0.15 25.30 12.91
CA GLY A 4 0.47 24.68 14.07
C GLY A 4 -0.43 24.68 15.28
N SER A 5 -1.57 24.01 15.17
CA SER A 5 -2.53 23.93 16.26
C SER A 5 -2.04 22.97 17.34
N SER A 6 -1.80 21.72 16.96
CA SER A 6 -1.33 20.69 17.89
C SER A 6 -0.14 21.19 18.68
N GLY A 7 -0.22 21.06 20.00
CA GLY A 7 0.87 21.51 20.86
C GLY A 7 2.20 20.86 20.50
N GLN A 8 2.66 19.96 21.37
CA GLN A 8 3.92 19.27 21.13
C GLN A 8 3.87 17.84 21.67
N VAL A 9 3.94 16.87 20.77
CA VAL A 9 3.90 15.47 21.16
C VAL A 9 4.44 14.57 20.04
N PRO A 10 5.39 13.69 20.39
CA PRO A 10 6.00 12.76 19.44
C PRO A 10 5.01 11.68 18.97
N LYS A 11 3.80 11.73 19.50
CA LYS A 11 2.77 10.77 19.13
C LYS A 11 2.91 10.33 17.68
N LYS A 12 3.01 9.03 17.46
CA LYS A 12 3.14 8.50 16.10
C LYS A 12 2.30 7.23 15.94
N GLN A 13 1.25 7.33 15.13
CA GLN A 13 0.37 6.19 14.87
C GLN A 13 0.93 5.30 13.78
N THR A 14 1.42 4.12 14.18
CA THR A 14 1.99 3.17 13.22
C THR A 14 0.90 2.49 12.41
N THR A 15 0.93 2.70 11.10
CA THR A 15 -0.06 2.10 10.21
C THR A 15 0.57 1.06 9.30
N SER A 16 -0.18 0.01 8.99
CA SER A 16 0.32 -1.06 8.14
C SER A 16 -0.45 -1.10 6.82
N LYS A 17 0.01 -0.30 5.86
CA LYS A 17 -0.63 -0.24 4.55
C LYS A 17 0.40 -0.34 3.43
N ILE A 18 0.31 -1.40 2.65
CA ILE A 18 1.25 -1.61 1.54
C ILE A 18 0.73 -0.97 0.26
N LEU A 19 1.36 0.13 -0.14
CA LEU A 19 0.97 0.84 -1.35
C LEU A 19 1.93 0.54 -2.50
N VAL A 20 1.49 -0.30 -3.43
CA VAL A 20 2.32 -0.67 -4.58
C VAL A 20 2.19 0.37 -5.69
N ARG A 21 3.25 0.53 -6.46
CA ARG A 21 3.27 1.49 -7.56
C ARG A 21 3.98 0.90 -8.78
N ASN A 22 3.92 1.63 -9.89
CA ASN A 22 4.56 1.18 -11.13
C ASN A 22 3.97 -0.15 -11.59
N ILE A 23 2.66 -0.32 -11.37
CA ILE A 23 1.98 -1.55 -11.78
C ILE A 23 1.63 -1.52 -13.26
N PRO A 24 1.83 -2.67 -13.93
CA PRO A 24 1.54 -2.81 -15.36
C PRO A 24 0.05 -2.78 -15.65
N PHE A 25 -0.31 -2.84 -16.93
CA PHE A 25 -1.70 -2.82 -17.34
C PHE A 25 -2.37 -4.16 -17.01
N GLN A 26 -1.82 -5.24 -17.55
CA GLN A 26 -2.37 -6.57 -17.32
C GLN A 26 -2.64 -6.79 -15.83
N ALA A 27 -1.78 -6.25 -14.98
CA ALA A 27 -1.92 -6.38 -13.54
C ALA A 27 -3.32 -5.97 -13.09
N ASN A 28 -4.08 -6.91 -12.54
CA ASN A 28 -5.43 -6.64 -12.07
C ASN A 28 -5.52 -6.85 -10.56
N GLN A 29 -6.67 -6.46 -10.01
CA GLN A 29 -6.89 -6.60 -8.56
C GLN A 29 -6.63 -8.03 -8.11
N ARG A 30 -7.01 -8.99 -8.94
CA ARG A 30 -6.82 -10.40 -8.63
C ARG A 30 -5.34 -10.74 -8.51
N GLU A 31 -4.54 -10.21 -9.43
CA GLU A 31 -3.10 -10.45 -9.44
C GLU A 31 -2.46 -9.95 -8.15
N ILE A 32 -2.86 -8.74 -7.74
CA ILE A 32 -2.32 -8.14 -6.52
C ILE A 32 -2.84 -8.86 -5.28
N ARG A 33 -4.17 -8.95 -5.17
CA ARG A 33 -4.79 -9.62 -4.02
C ARG A 33 -4.05 -10.90 -3.67
N GLU A 34 -3.86 -11.77 -4.65
CA GLU A 34 -3.17 -13.03 -4.44
C GLU A 34 -1.68 -12.80 -4.18
N LEU A 35 -1.09 -11.89 -4.95
CA LEU A 35 0.33 -11.58 -4.80
C LEU A 35 0.70 -11.40 -3.33
N PHE A 36 -0.18 -10.75 -2.59
CA PHE A 36 0.05 -10.51 -1.17
C PHE A 36 -0.61 -11.59 -0.32
N SER A 37 -1.85 -11.91 -0.64
CA SER A 37 -2.60 -12.93 0.10
C SER A 37 -1.68 -14.08 0.51
N THR A 38 -0.77 -14.46 -0.40
CA THR A 38 0.16 -15.55 -0.14
C THR A 38 0.82 -15.39 1.22
N PHE A 39 1.36 -14.20 1.48
CA PHE A 39 2.03 -13.91 2.74
C PHE A 39 1.04 -13.99 3.91
N GLY A 40 -0.15 -13.43 3.70
CA GLY A 40 -1.16 -13.46 4.74
C GLY A 40 -2.50 -12.94 4.25
N GLU A 41 -3.54 -13.13 5.06
CA GLU A 41 -4.88 -12.69 4.70
C GLU A 41 -4.91 -11.17 4.52
N LEU A 42 -5.66 -10.72 3.52
CA LEU A 42 -5.78 -9.28 3.24
C LEU A 42 -7.12 -8.75 3.72
N LYS A 43 -7.15 -7.46 4.05
CA LYS A 43 -8.37 -6.82 4.53
C LYS A 43 -9.21 -6.30 3.36
N THR A 44 -8.53 -5.76 2.35
CA THR A 44 -9.20 -5.23 1.17
C THR A 44 -8.20 -4.81 0.11
N VAL A 45 -8.59 -4.95 -1.16
CA VAL A 45 -7.73 -4.59 -2.27
C VAL A 45 -8.36 -3.48 -3.11
N ARG A 46 -7.76 -2.30 -3.07
CA ARG A 46 -8.26 -1.16 -3.83
C ARG A 46 -7.39 -0.90 -5.06
N LEU A 47 -8.01 -0.98 -6.24
CA LEU A 47 -7.30 -0.75 -7.49
C LEU A 47 -8.16 0.02 -8.48
N PRO A 48 -7.52 0.91 -9.26
CA PRO A 48 -8.20 1.72 -10.26
C PRO A 48 -8.71 0.90 -11.44
N LYS A 49 -10.03 0.89 -11.63
CA LYS A 49 -10.64 0.14 -12.73
C LYS A 49 -10.92 1.05 -13.91
N LYS A 50 -10.54 0.60 -15.11
CA LYS A 50 -10.77 1.37 -16.32
C LYS A 50 -12.25 1.66 -16.52
N MET A 51 -12.62 2.94 -16.43
CA MET A 51 -14.00 3.33 -16.61
C MET A 51 -14.16 4.20 -17.86
N THR A 52 -13.21 5.11 -18.06
CA THR A 52 -13.25 6.00 -19.22
C THR A 52 -11.87 6.61 -19.48
N GLY A 53 -11.48 6.65 -20.74
CA GLY A 53 -10.20 7.21 -21.10
C GLY A 53 -9.10 6.16 -21.20
N THR A 54 -8.49 6.06 -22.38
CA THR A 54 -7.43 5.08 -22.60
C THR A 54 -6.41 5.11 -21.46
N GLY A 55 -6.06 3.93 -20.96
CA GLY A 55 -5.09 3.84 -19.88
C GLY A 55 -5.54 4.59 -18.65
N ALA A 56 -6.70 4.21 -18.11
CA ALA A 56 -7.23 4.85 -16.92
C ALA A 56 -6.63 4.25 -15.65
N HIS A 57 -6.52 2.92 -15.62
CA HIS A 57 -5.95 2.23 -14.47
C HIS A 57 -4.56 2.76 -14.15
N ARG A 58 -4.43 3.39 -12.99
CA ARG A 58 -3.13 3.94 -12.57
C ARG A 58 -2.22 2.83 -12.06
N GLY A 59 -0.92 3.00 -12.28
CA GLY A 59 0.04 2.01 -11.84
C GLY A 59 0.26 2.04 -10.34
N PHE A 60 -0.78 1.77 -9.58
CA PHE A 60 -0.70 1.77 -8.13
C PHE A 60 -1.84 0.97 -7.51
N GLY A 61 -1.76 0.75 -6.20
CA GLY A 61 -2.81 0.00 -5.51
C GLY A 61 -2.60 -0.02 -4.01
N PHE A 62 -3.70 -0.01 -3.26
CA PHE A 62 -3.64 -0.04 -1.81
C PHE A 62 -4.01 -1.42 -1.27
N VAL A 63 -3.06 -2.06 -0.59
CA VAL A 63 -3.30 -3.38 -0.02
C VAL A 63 -3.27 -3.34 1.50
N ASP A 64 -4.28 -3.93 2.12
CA ASP A 64 -4.38 -3.95 3.58
C ASP A 64 -4.26 -5.38 4.10
N PHE A 65 -3.69 -5.53 5.30
CA PHE A 65 -3.53 -6.84 5.91
C PHE A 65 -4.30 -6.93 7.22
N ILE A 66 -4.83 -8.12 7.50
CA ILE A 66 -5.60 -8.34 8.72
C ILE A 66 -4.78 -7.97 9.96
N THR A 67 -3.51 -8.37 9.95
CA THR A 67 -2.62 -8.09 11.07
C THR A 67 -1.43 -7.25 10.63
N LYS A 68 -1.11 -6.22 11.40
CA LYS A 68 0.00 -5.34 11.10
C LYS A 68 1.26 -6.14 10.75
N GLN A 69 1.59 -7.10 11.61
CA GLN A 69 2.77 -7.94 11.40
C GLN A 69 2.85 -8.38 9.94
N ASP A 70 1.84 -9.11 9.48
CA ASP A 70 1.80 -9.60 8.11
C ASP A 70 2.29 -8.52 7.14
N ALA A 71 1.63 -7.36 7.18
CA ALA A 71 1.99 -6.26 6.30
C ALA A 71 3.48 -5.98 6.34
N LYS A 72 4.06 -6.07 7.53
CA LYS A 72 5.49 -5.83 7.70
C LYS A 72 6.31 -6.84 6.92
N LYS A 73 6.20 -8.11 7.30
CA LYS A 73 6.93 -9.18 6.63
C LYS A 73 6.84 -9.03 5.11
N ALA A 74 5.63 -9.12 4.58
CA ALA A 74 5.41 -8.99 3.15
C ALA A 74 6.09 -7.74 2.60
N PHE A 75 5.62 -6.58 3.03
CA PHE A 75 6.19 -5.31 2.58
C PHE A 75 7.69 -5.43 2.36
N ASN A 76 8.36 -6.11 3.29
CA ASN A 76 9.81 -6.30 3.20
C ASN A 76 10.17 -7.18 2.01
N ALA A 77 9.67 -8.42 2.04
CA ALA A 77 9.94 -9.37 0.97
C ALA A 77 9.54 -8.80 -0.39
N LEU A 78 8.29 -8.39 -0.52
CA LEU A 78 7.78 -7.82 -1.76
C LEU A 78 8.71 -6.70 -2.25
N CYS A 79 8.96 -5.73 -1.39
CA CYS A 79 9.83 -4.61 -1.73
C CYS A 79 11.17 -5.10 -2.25
N HIS A 80 11.66 -6.21 -1.70
CA HIS A 80 12.93 -6.78 -2.10
C HIS A 80 13.07 -6.78 -3.62
N SER A 81 12.19 -7.52 -4.29
CA SER A 81 12.21 -7.61 -5.75
C SER A 81 10.98 -8.33 -6.27
N THR A 82 10.05 -7.56 -6.84
CA THR A 82 8.83 -8.13 -7.38
C THR A 82 8.65 -7.77 -8.85
N HIS A 83 9.02 -8.70 -9.72
CA HIS A 83 8.91 -8.48 -11.17
C HIS A 83 7.59 -9.03 -11.69
N LEU A 84 6.78 -8.16 -12.29
CA LEU A 84 5.49 -8.55 -12.84
C LEU A 84 5.33 -8.06 -14.28
N TYR A 85 5.22 -8.99 -15.21
CA TYR A 85 5.06 -8.64 -16.63
C TYR A 85 6.27 -7.86 -17.13
N GLY A 86 7.44 -8.18 -16.58
CA GLY A 86 8.66 -7.51 -16.99
C GLY A 86 8.72 -6.06 -16.52
N ARG A 87 8.10 -5.79 -15.38
CA ARG A 87 8.08 -4.45 -14.82
C ARG A 87 8.32 -4.48 -13.31
N ARG A 88 9.31 -3.71 -12.86
CA ARG A 88 9.64 -3.66 -11.44
C ARG A 88 8.62 -2.82 -10.67
N LEU A 89 8.02 -3.43 -9.65
CA LEU A 89 7.02 -2.74 -8.84
C LEU A 89 7.67 -2.04 -7.65
N VAL A 90 7.02 -0.99 -7.16
CA VAL A 90 7.53 -0.24 -6.03
C VAL A 90 6.60 -0.35 -4.83
N LEU A 91 7.18 -0.51 -3.64
CA LEU A 91 6.39 -0.63 -2.41
C LEU A 91 6.75 0.48 -1.43
N GLU A 92 5.72 1.16 -0.92
CA GLU A 92 5.93 2.24 0.03
C GLU A 92 4.78 2.30 1.04
N TRP A 93 5.10 2.67 2.27
CA TRP A 93 4.11 2.77 3.32
C TRP A 93 3.17 3.95 3.08
N ALA A 94 1.92 3.66 2.75
CA ALA A 94 0.93 4.70 2.49
C ALA A 94 0.81 5.64 3.68
N ASP A 95 0.30 6.84 3.42
CA ASP A 95 0.14 7.84 4.46
C ASP A 95 -1.21 7.68 5.16
N SER A 96 -1.21 7.82 6.49
CA SER A 96 -2.43 7.68 7.27
C SER A 96 -2.99 9.05 7.65
N GLU A 97 -4.24 9.30 7.24
CA GLU A 97 -4.88 10.57 7.54
C GLU A 97 -5.79 10.45 8.77
N VAL A 98 -5.35 11.04 9.87
CA VAL A 98 -6.11 11.00 11.11
C VAL A 98 -6.81 12.34 11.38
N THR A 99 -8.12 12.35 11.21
CA THR A 99 -8.91 13.56 11.43
C THR A 99 -9.39 13.65 12.88
N VAL A 100 -9.39 12.52 13.57
CA VAL A 100 -9.83 12.47 14.96
C VAL A 100 -8.69 12.85 15.91
N GLN A 101 -9.05 13.55 16.98
CA GLN A 101 -8.06 13.98 17.97
C GLN A 101 -7.59 12.80 18.82
N SER A 102 -6.29 12.73 19.06
CA SER A 102 -5.72 11.65 19.86
C SER A 102 -6.49 11.49 21.17
N GLY A 103 -6.66 10.25 21.60
CA GLY A 103 -7.37 9.98 22.83
C GLY A 103 -7.13 8.57 23.35
N PRO A 104 -5.91 8.32 23.84
CA PRO A 104 -5.53 7.01 24.37
C PRO A 104 -6.23 6.68 25.69
N SER A 105 -6.06 5.46 26.16
CA SER A 105 -6.69 5.03 27.41
C SER A 105 -6.21 5.88 28.58
N SER A 106 -7.15 6.55 29.24
CA SER A 106 -6.83 7.41 30.38
C SER A 106 -7.68 7.04 31.59
N GLY A 107 -7.03 6.89 32.73
CA GLY A 107 -7.75 6.54 33.95
C GLY A 107 -8.62 5.32 33.78
N GLY A 1 15.28 5.71 -15.53
CA GLY A 1 14.12 6.30 -14.89
C GLY A 1 14.48 7.05 -13.61
N SER A 2 13.49 7.26 -12.76
CA SER A 2 13.69 7.98 -11.51
C SER A 2 12.79 7.43 -10.41
N SER A 3 13.20 7.63 -9.16
CA SER A 3 12.43 7.14 -8.01
C SER A 3 12.88 7.84 -6.74
N GLY A 4 12.18 7.56 -5.63
CA GLY A 4 12.52 8.16 -4.36
C GLY A 4 11.35 8.13 -3.39
N SER A 5 11.67 8.21 -2.10
CA SER A 5 10.64 8.18 -1.06
C SER A 5 11.25 8.47 0.31
N SER A 6 10.67 9.44 1.02
CA SER A 6 11.16 9.82 2.33
C SER A 6 10.00 10.00 3.31
N GLY A 7 10.31 9.99 4.60
CA GLY A 7 9.28 10.15 5.62
C GLY A 7 9.21 8.97 6.56
N GLN A 8 10.16 8.91 7.50
CA GLN A 8 10.21 7.82 8.47
C GLN A 8 9.96 8.35 9.88
N VAL A 9 8.71 8.25 10.32
CA VAL A 9 8.33 8.71 11.65
C VAL A 9 8.36 7.56 12.67
N PRO A 10 8.90 7.85 13.86
CA PRO A 10 9.01 6.86 14.93
C PRO A 10 7.65 6.49 15.52
N LYS A 11 6.60 7.07 14.96
CA LYS A 11 5.24 6.81 15.43
C LYS A 11 5.10 5.37 15.90
N LYS A 12 4.77 5.20 17.18
CA LYS A 12 4.60 3.88 17.76
C LYS A 12 3.54 3.08 17.00
N GLN A 13 2.30 3.52 17.08
CA GLN A 13 1.20 2.85 16.40
C GLN A 13 1.53 2.63 14.92
N THR A 14 2.20 1.52 14.63
CA THR A 14 2.58 1.20 13.26
C THR A 14 1.34 0.97 12.40
N THR A 15 1.36 1.52 11.18
CA THR A 15 0.25 1.38 10.26
C THR A 15 0.49 0.23 9.28
N SER A 16 -0.60 -0.37 8.81
CA SER A 16 -0.50 -1.49 7.87
C SER A 16 -1.12 -1.12 6.53
N LYS A 17 -0.32 -0.53 5.65
CA LYS A 17 -0.79 -0.13 4.33
C LYS A 17 0.32 -0.27 3.29
N ILE A 18 0.11 -1.17 2.33
CA ILE A 18 1.09 -1.40 1.27
C ILE A 18 0.61 -0.81 -0.06
N LEU A 19 1.30 0.23 -0.50
CA LEU A 19 0.95 0.88 -1.76
C LEU A 19 1.89 0.44 -2.89
N VAL A 20 1.38 -0.37 -3.80
CA VAL A 20 2.17 -0.86 -4.92
C VAL A 20 2.05 0.06 -6.12
N ARG A 21 3.14 0.75 -6.45
CA ARG A 21 3.16 1.66 -7.58
C ARG A 21 3.82 1.02 -8.80
N ASN A 22 3.59 1.61 -9.97
CA ASN A 22 4.17 1.10 -11.20
C ASN A 22 3.57 -0.26 -11.56
N ILE A 23 2.25 -0.35 -11.51
CA ILE A 23 1.55 -1.59 -11.82
C ILE A 23 1.30 -1.70 -13.33
N PRO A 24 1.70 -2.85 -13.91
CA PRO A 24 1.52 -3.11 -15.34
C PRO A 24 0.05 -3.31 -15.71
N PHE A 25 -0.36 -2.72 -16.82
CA PHE A 25 -1.74 -2.82 -17.30
C PHE A 25 -2.24 -4.25 -17.14
N GLN A 26 -1.47 -5.21 -17.65
CA GLN A 26 -1.84 -6.62 -17.57
C GLN A 26 -2.33 -6.97 -16.17
N ALA A 27 -1.57 -6.56 -15.15
CA ALA A 27 -1.93 -6.83 -13.77
C ALA A 27 -3.34 -6.36 -13.46
N ASN A 28 -4.06 -7.13 -12.66
CA ASN A 28 -5.43 -6.80 -12.29
C ASN A 28 -5.63 -6.92 -10.78
N GLN A 29 -6.71 -6.31 -10.28
CA GLN A 29 -7.01 -6.36 -8.86
C GLN A 29 -6.78 -7.75 -8.29
N ARG A 30 -7.36 -8.76 -8.94
CA ARG A 30 -7.20 -10.14 -8.50
C ARG A 30 -5.73 -10.52 -8.42
N GLU A 31 -4.97 -10.15 -9.44
CA GLU A 31 -3.54 -10.47 -9.48
C GLU A 31 -2.85 -10.02 -8.20
N ILE A 32 -3.12 -8.78 -7.79
CA ILE A 32 -2.52 -8.22 -6.58
C ILE A 32 -3.02 -8.95 -5.34
N ARG A 33 -4.34 -9.01 -5.20
CA ARG A 33 -4.95 -9.68 -4.05
C ARG A 33 -4.22 -10.98 -3.72
N GLU A 34 -4.09 -11.84 -4.72
CA GLU A 34 -3.41 -13.12 -4.54
C GLU A 34 -1.93 -12.91 -4.27
N LEU A 35 -1.34 -11.92 -4.93
CA LEU A 35 0.07 -11.62 -4.77
C LEU A 35 0.43 -11.48 -3.30
N PHE A 36 -0.32 -10.65 -2.59
CA PHE A 36 -0.07 -10.43 -1.16
C PHE A 36 -0.76 -11.51 -0.32
N SER A 37 -2.02 -11.78 -0.64
CA SER A 37 -2.79 -12.78 0.08
C SER A 37 -1.94 -14.01 0.38
N THR A 38 -1.03 -14.32 -0.53
CA THR A 38 -0.15 -15.48 -0.36
C THR A 38 0.59 -15.42 0.97
N PHE A 39 1.18 -14.27 1.26
CA PHE A 39 1.92 -14.08 2.51
C PHE A 39 1.00 -14.18 3.71
N GLY A 40 -0.17 -13.53 3.60
CA GLY A 40 -1.13 -13.56 4.69
C GLY A 40 -2.49 -13.02 4.27
N GLU A 41 -3.47 -13.15 5.16
CA GLU A 41 -4.82 -12.68 4.88
C GLU A 41 -4.84 -11.17 4.70
N LEU A 42 -5.59 -10.70 3.71
CA LEU A 42 -5.71 -9.27 3.43
C LEU A 42 -7.07 -8.74 3.85
N LYS A 43 -7.10 -7.51 4.36
CA LYS A 43 -8.33 -6.88 4.78
C LYS A 43 -9.17 -6.45 3.59
N THR A 44 -8.51 -5.84 2.61
CA THR A 44 -9.19 -5.37 1.40
C THR A 44 -8.20 -4.87 0.37
N VAL A 45 -8.56 -5.00 -0.91
CA VAL A 45 -7.70 -4.56 -2.00
C VAL A 45 -8.38 -3.50 -2.85
N ARG A 46 -7.74 -2.34 -2.96
CA ARG A 46 -8.28 -1.23 -3.74
C ARG A 46 -7.40 -0.92 -4.94
N LEU A 47 -7.98 -1.00 -6.13
CA LEU A 47 -7.24 -0.73 -7.36
C LEU A 47 -8.03 0.20 -8.28
N PRO A 48 -7.31 1.07 -8.99
CA PRO A 48 -7.93 2.03 -9.93
C PRO A 48 -8.50 1.35 -11.16
N LYS A 49 -9.78 1.58 -11.42
CA LYS A 49 -10.45 0.99 -12.57
C LYS A 49 -11.09 2.05 -13.45
N LYS A 50 -10.76 2.03 -14.74
CA LYS A 50 -11.31 3.01 -15.68
C LYS A 50 -12.70 2.59 -16.14
N MET A 51 -13.46 3.57 -16.64
CA MET A 51 -14.82 3.30 -17.12
C MET A 51 -14.80 2.81 -18.56
N THR A 52 -15.31 1.61 -18.79
CA THR A 52 -15.36 1.03 -20.12
C THR A 52 -14.10 1.41 -20.92
N GLY A 53 -12.95 1.28 -20.29
CA GLY A 53 -11.70 1.60 -20.95
C GLY A 53 -11.04 0.38 -21.56
N THR A 54 -10.08 0.62 -22.46
CA THR A 54 -9.37 -0.47 -23.12
C THR A 54 -8.25 -1.00 -22.24
N GLY A 55 -8.51 -1.12 -20.94
CA GLY A 55 -7.52 -1.61 -20.02
C GLY A 55 -6.43 -0.60 -19.74
N ALA A 56 -6.83 0.64 -19.46
CA ALA A 56 -5.88 1.70 -19.17
C ALA A 56 -6.11 2.29 -17.78
N HIS A 57 -5.58 1.64 -16.77
CA HIS A 57 -5.73 2.09 -15.39
C HIS A 57 -4.43 2.70 -14.87
N ARG A 58 -4.49 3.29 -13.68
CA ARG A 58 -3.32 3.91 -13.07
C ARG A 58 -2.36 2.85 -12.53
N GLY A 59 -1.08 3.20 -12.47
CA GLY A 59 -0.08 2.27 -11.98
C GLY A 59 0.12 2.40 -10.47
N PHE A 60 -0.92 2.12 -9.71
CA PHE A 60 -0.85 2.20 -8.26
C PHE A 60 -1.99 1.42 -7.61
N GLY A 61 -1.70 0.76 -6.49
CA GLY A 61 -2.71 -0.01 -5.79
C GLY A 61 -2.52 0.00 -4.29
N PHE A 62 -3.61 -0.06 -3.55
CA PHE A 62 -3.55 -0.04 -2.10
C PHE A 62 -3.97 -1.41 -1.53
N VAL A 63 -3.12 -1.97 -0.68
CA VAL A 63 -3.39 -3.26 -0.07
C VAL A 63 -3.35 -3.17 1.46
N ASP A 64 -4.28 -3.85 2.11
CA ASP A 64 -4.35 -3.84 3.57
C ASP A 64 -4.18 -5.26 4.12
N PHE A 65 -3.67 -5.35 5.34
CA PHE A 65 -3.45 -6.64 5.98
C PHE A 65 -4.21 -6.71 7.31
N ILE A 66 -4.65 -7.92 7.66
CA ILE A 66 -5.39 -8.13 8.89
C ILE A 66 -4.61 -7.59 10.10
N THR A 67 -3.31 -7.87 10.13
CA THR A 67 -2.46 -7.42 11.22
C THR A 67 -1.18 -6.78 10.68
N LYS A 68 -0.37 -6.25 11.58
CA LYS A 68 0.89 -5.60 11.20
C LYS A 68 1.97 -6.64 10.93
N GLN A 69 1.95 -7.73 11.68
CA GLN A 69 2.93 -8.79 11.52
C GLN A 69 3.09 -9.16 10.04
N ASP A 70 2.00 -9.63 9.44
CA ASP A 70 2.02 -10.02 8.03
C ASP A 70 2.36 -8.83 7.14
N ALA A 71 1.75 -7.69 7.43
CA ALA A 71 1.98 -6.47 6.67
C ALA A 71 3.47 -6.23 6.47
N LYS A 72 4.19 -6.06 7.58
CA LYS A 72 5.62 -5.82 7.54
C LYS A 72 6.34 -6.93 6.77
N LYS A 73 6.13 -8.17 7.18
CA LYS A 73 6.75 -9.31 6.53
C LYS A 73 6.57 -9.23 5.02
N ALA A 74 5.36 -9.45 4.56
CA ALA A 74 5.05 -9.39 3.12
C ALA A 74 5.81 -8.25 2.45
N PHE A 75 5.45 -7.02 2.81
CA PHE A 75 6.09 -5.85 2.24
C PHE A 75 7.60 -6.03 2.16
N ASN A 76 8.21 -6.31 3.31
CA ASN A 76 9.65 -6.51 3.38
C ASN A 76 10.13 -7.42 2.26
N ALA A 77 9.29 -8.39 1.89
CA ALA A 77 9.63 -9.33 0.83
C ALA A 77 9.35 -8.73 -0.55
N LEU A 78 8.16 -8.15 -0.71
CA LEU A 78 7.77 -7.55 -1.97
C LEU A 78 8.71 -6.41 -2.35
N CYS A 79 8.81 -5.41 -1.47
CA CYS A 79 9.68 -4.27 -1.71
C CYS A 79 11.09 -4.73 -2.10
N HIS A 80 11.62 -5.70 -1.36
CA HIS A 80 12.95 -6.22 -1.63
C HIS A 80 13.21 -6.29 -3.13
N SER A 81 12.34 -6.99 -3.84
CA SER A 81 12.48 -7.14 -5.29
C SER A 81 11.29 -7.88 -5.88
N THR A 82 10.42 -7.12 -6.56
CA THR A 82 9.23 -7.70 -7.17
C THR A 82 9.16 -7.37 -8.65
N HIS A 83 9.14 -8.39 -9.49
CA HIS A 83 9.07 -8.21 -10.94
C HIS A 83 7.82 -8.85 -11.52
N LEU A 84 6.94 -8.02 -12.09
CA LEU A 84 5.70 -8.51 -12.68
C LEU A 84 5.58 -8.07 -14.13
N TYR A 85 5.46 -9.05 -15.03
CA TYR A 85 5.34 -8.76 -16.45
C TYR A 85 6.54 -7.97 -16.96
N GLY A 86 7.70 -8.23 -16.36
CA GLY A 86 8.90 -7.53 -16.76
C GLY A 86 8.94 -6.10 -16.26
N ARG A 87 8.34 -5.86 -15.10
CA ARG A 87 8.30 -4.52 -14.52
C ARG A 87 8.55 -4.58 -13.01
N ARG A 88 9.55 -3.83 -12.56
CA ARG A 88 9.89 -3.79 -11.14
C ARG A 88 8.92 -2.91 -10.37
N LEU A 89 8.02 -3.53 -9.63
CA LEU A 89 7.03 -2.79 -8.84
C LEU A 89 7.69 -2.05 -7.69
N VAL A 90 7.13 -0.90 -7.34
CA VAL A 90 7.67 -0.09 -6.25
C VAL A 90 6.71 -0.07 -5.06
N LEU A 91 7.19 -0.56 -3.93
CA LEU A 91 6.37 -0.59 -2.71
C LEU A 91 6.72 0.58 -1.79
N GLU A 92 5.69 1.23 -1.27
CA GLU A 92 5.89 2.36 -0.37
C GLU A 92 4.79 2.43 0.69
N TRP A 93 5.17 2.70 1.92
CA TRP A 93 4.23 2.79 3.02
C TRP A 93 3.41 4.07 2.93
N ALA A 94 2.21 3.97 2.38
CA ALA A 94 1.33 5.12 2.23
C ALA A 94 1.35 6.00 3.48
N ASP A 95 1.86 7.22 3.34
CA ASP A 95 1.94 8.14 4.46
C ASP A 95 0.75 9.10 4.47
N SER A 96 -0.34 8.70 5.11
CA SER A 96 -1.54 9.53 5.18
C SER A 96 -1.40 10.59 6.27
N GLU A 97 -2.19 11.65 6.14
CA GLU A 97 -2.17 12.74 7.11
C GLU A 97 -2.52 12.24 8.50
N VAL A 98 -1.86 12.78 9.52
CA VAL A 98 -2.11 12.38 10.90
C VAL A 98 -3.42 12.98 11.41
N THR A 99 -4.40 12.11 11.66
CA THR A 99 -5.69 12.56 12.15
C THR A 99 -5.56 13.30 13.48
N VAL A 100 -6.20 14.47 13.57
CA VAL A 100 -6.14 15.28 14.78
C VAL A 100 -7.50 15.29 15.48
N GLN A 101 -7.47 15.33 16.81
CA GLN A 101 -8.69 15.36 17.60
C GLN A 101 -9.03 16.77 18.04
N SER A 102 -8.06 17.45 18.64
CA SER A 102 -8.26 18.82 19.11
C SER A 102 -9.67 19.01 19.65
N GLY A 103 -10.10 18.08 20.49
CA GLY A 103 -11.43 18.16 21.06
C GLY A 103 -11.95 16.81 21.53
N PRO A 104 -11.53 16.41 22.74
CA PRO A 104 -11.93 15.13 23.33
C PRO A 104 -13.40 15.12 23.73
N SER A 105 -13.98 16.30 23.88
CA SER A 105 -15.39 16.44 24.26
C SER A 105 -15.70 15.54 25.45
N SER A 106 -14.93 15.69 26.52
CA SER A 106 -15.12 14.89 27.73
C SER A 106 -16.36 15.36 28.49
N GLY A 107 -17.42 14.56 28.41
CA GLY A 107 -18.66 14.91 29.10
C GLY A 107 -18.74 14.30 30.48
N GLY A 1 24.24 12.30 6.72
CA GLY A 1 22.87 12.61 7.05
C GLY A 1 22.51 12.23 8.48
N SER A 2 21.82 13.13 9.17
CA SER A 2 21.43 12.89 10.55
C SER A 2 20.14 13.64 10.89
N SER A 3 19.33 13.04 11.76
CA SER A 3 18.06 13.65 12.16
C SER A 3 18.26 14.63 13.31
N GLY A 4 17.26 15.46 13.57
CA GLY A 4 17.35 16.43 14.64
C GLY A 4 15.98 16.89 15.12
N SER A 5 15.08 15.94 15.33
CA SER A 5 13.73 16.25 15.78
C SER A 5 13.27 15.27 16.85
N SER A 6 12.63 15.78 17.88
CA SER A 6 12.14 14.95 18.98
C SER A 6 11.39 13.73 18.44
N GLY A 7 10.31 13.98 17.72
CA GLY A 7 9.52 12.90 17.15
C GLY A 7 8.98 11.97 18.21
N GLN A 8 8.42 12.55 19.28
CA GLN A 8 7.86 11.76 20.36
C GLN A 8 6.36 11.98 20.48
N VAL A 9 5.59 10.96 20.10
CA VAL A 9 4.12 11.04 20.15
C VAL A 9 3.55 9.87 20.94
N PRO A 10 2.40 10.11 21.58
CA PRO A 10 1.71 9.08 22.37
C PRO A 10 1.11 7.98 21.49
N LYS A 11 1.33 8.08 20.19
CA LYS A 11 0.81 7.10 19.24
C LYS A 11 1.76 5.91 19.12
N LYS A 12 3.05 6.21 18.89
CA LYS A 12 4.05 5.16 18.75
C LYS A 12 3.47 3.91 18.11
N GLN A 13 2.63 4.10 17.10
CA GLN A 13 2.01 2.99 16.40
C GLN A 13 2.42 2.95 14.93
N THR A 14 2.77 1.76 14.45
CA THR A 14 3.19 1.59 13.07
C THR A 14 2.01 1.23 12.17
N THR A 15 1.63 2.15 11.31
CA THR A 15 0.51 1.94 10.39
C THR A 15 0.76 0.72 9.51
N SER A 16 -0.32 0.13 9.02
CA SER A 16 -0.22 -1.06 8.17
C SER A 16 -0.90 -0.81 6.82
N LYS A 17 -0.14 -0.29 5.86
CA LYS A 17 -0.67 0.00 4.54
C LYS A 17 0.41 -0.20 3.48
N ILE A 18 0.12 -1.09 2.52
CA ILE A 18 1.06 -1.38 1.44
C ILE A 18 0.55 -0.84 0.11
N LEU A 19 1.18 0.23 -0.37
CA LEU A 19 0.79 0.84 -1.63
C LEU A 19 1.80 0.52 -2.73
N VAL A 20 1.36 -0.24 -3.72
CA VAL A 20 2.22 -0.63 -4.84
C VAL A 20 2.06 0.32 -6.01
N ARG A 21 3.18 0.78 -6.56
CA ARG A 21 3.17 1.69 -7.69
C ARG A 21 3.90 1.10 -8.89
N ASN A 22 3.71 1.71 -10.06
CA ASN A 22 4.35 1.24 -11.27
C ASN A 22 3.80 -0.12 -11.69
N ILE A 23 2.49 -0.29 -11.52
CA ILE A 23 1.83 -1.55 -11.89
C ILE A 23 1.48 -1.57 -13.37
N PRO A 24 1.81 -2.70 -14.04
CA PRO A 24 1.54 -2.87 -15.47
C PRO A 24 0.05 -3.01 -15.76
N PHE A 25 -0.37 -2.49 -16.90
CA PHE A 25 -1.78 -2.56 -17.31
C PHE A 25 -2.31 -3.98 -17.18
N GLN A 26 -1.47 -4.96 -17.47
CA GLN A 26 -1.86 -6.36 -17.38
C GLN A 26 -2.33 -6.71 -15.97
N ALA A 27 -1.58 -6.24 -14.98
CA ALA A 27 -1.92 -6.50 -13.58
C ALA A 27 -3.40 -6.24 -13.32
N ASN A 28 -4.00 -7.08 -12.48
CA ASN A 28 -5.42 -6.95 -12.14
C ASN A 28 -5.63 -7.02 -10.64
N GLN A 29 -6.70 -6.39 -10.17
CA GLN A 29 -7.02 -6.39 -8.74
C GLN A 29 -6.70 -7.74 -8.11
N ARG A 30 -7.11 -8.82 -8.76
CA ARG A 30 -6.87 -10.16 -8.26
C ARG A 30 -5.37 -10.47 -8.24
N GLU A 31 -4.68 -10.12 -9.32
CA GLU A 31 -3.25 -10.37 -9.42
C GLU A 31 -2.52 -9.88 -8.17
N ILE A 32 -2.78 -8.63 -7.80
CA ILE A 32 -2.16 -8.05 -6.61
C ILE A 32 -2.65 -8.72 -5.34
N ARG A 33 -3.97 -8.79 -5.18
CA ARG A 33 -4.57 -9.40 -4.01
C ARG A 33 -3.84 -10.69 -3.63
N GLU A 34 -3.89 -11.67 -4.53
CA GLU A 34 -3.24 -12.95 -4.29
C GLU A 34 -1.74 -12.76 -4.07
N LEU A 35 -1.11 -11.96 -4.92
CA LEU A 35 0.32 -11.70 -4.82
C LEU A 35 0.73 -11.51 -3.36
N PHE A 36 -0.07 -10.78 -2.61
CA PHE A 36 0.20 -10.53 -1.20
C PHE A 36 -0.48 -11.59 -0.31
N SER A 37 -1.63 -12.07 -0.76
CA SER A 37 -2.38 -13.07 -0.01
C SER A 37 -1.50 -14.27 0.31
N THR A 38 -0.49 -14.50 -0.52
CA THR A 38 0.42 -15.62 -0.32
C THR A 38 1.18 -15.49 1.00
N PHE A 39 1.45 -14.25 1.39
CA PHE A 39 2.16 -13.99 2.65
C PHE A 39 1.22 -14.10 3.85
N GLY A 40 0.01 -13.57 3.68
CA GLY A 40 -0.96 -13.62 4.76
C GLY A 40 -2.35 -13.20 4.31
N GLU A 41 -3.26 -13.04 5.26
CA GLU A 41 -4.62 -12.64 4.95
C GLU A 41 -4.71 -11.14 4.69
N LEU A 42 -5.46 -10.76 3.67
CA LEU A 42 -5.64 -9.35 3.32
C LEU A 42 -7.01 -8.85 3.72
N LYS A 43 -7.08 -7.60 4.16
CA LYS A 43 -8.34 -7.00 4.57
C LYS A 43 -9.19 -6.63 3.37
N THR A 44 -8.62 -5.83 2.46
CA THR A 44 -9.33 -5.41 1.26
C THR A 44 -8.37 -4.84 0.23
N VAL A 45 -8.61 -5.15 -1.04
CA VAL A 45 -7.77 -4.65 -2.12
C VAL A 45 -8.46 -3.55 -2.90
N ARG A 46 -7.72 -2.49 -3.20
CA ARG A 46 -8.27 -1.36 -3.94
C ARG A 46 -7.39 -1.01 -5.13
N LEU A 47 -7.98 -1.01 -6.32
CA LEU A 47 -7.25 -0.69 -7.54
C LEU A 47 -8.06 0.24 -8.44
N PRO A 48 -7.35 1.09 -9.20
CA PRO A 48 -7.98 2.04 -10.12
C PRO A 48 -8.64 1.35 -11.32
N LYS A 49 -9.95 1.53 -11.46
CA LYS A 49 -10.68 0.93 -12.55
C LYS A 49 -11.13 1.99 -13.56
N LYS A 50 -10.90 1.71 -14.84
CA LYS A 50 -11.28 2.65 -15.90
C LYS A 50 -12.73 3.09 -15.74
N MET A 51 -12.98 4.39 -15.94
CA MET A 51 -14.31 4.94 -15.82
C MET A 51 -14.77 5.54 -17.15
N THR A 52 -16.08 5.66 -17.31
CA THR A 52 -16.65 6.22 -18.53
C THR A 52 -16.11 7.62 -18.80
N GLY A 53 -15.49 7.80 -19.96
CA GLY A 53 -14.94 9.09 -20.31
C GLY A 53 -13.43 9.08 -20.36
N THR A 54 -12.80 9.68 -19.35
CA THR A 54 -11.35 9.73 -19.28
C THR A 54 -10.84 9.22 -17.93
N GLY A 55 -9.66 8.63 -17.94
CA GLY A 55 -9.07 8.10 -16.71
C GLY A 55 -9.06 6.58 -16.69
N ALA A 56 -7.88 6.01 -16.90
CA ALA A 56 -7.73 4.56 -16.90
C ALA A 56 -7.00 4.08 -15.65
N HIS A 57 -6.82 2.76 -15.54
CA HIS A 57 -6.15 2.18 -14.39
C HIS A 57 -4.73 2.73 -14.26
N ARG A 58 -4.51 3.54 -13.22
CA ARG A 58 -3.20 4.14 -12.99
C ARG A 58 -2.26 3.13 -12.34
N GLY A 59 -0.96 3.43 -12.40
CA GLY A 59 0.02 2.54 -11.81
C GLY A 59 0.13 2.69 -10.31
N PHE A 60 -0.96 2.41 -9.61
CA PHE A 60 -0.99 2.53 -8.15
C PHE A 60 -2.09 1.66 -7.56
N GLY A 61 -1.75 0.91 -6.52
CA GLY A 61 -2.72 0.05 -5.87
C GLY A 61 -2.54 0.00 -4.38
N PHE A 62 -3.66 -0.04 -3.65
CA PHE A 62 -3.63 -0.09 -2.19
C PHE A 62 -3.96 -1.49 -1.69
N VAL A 63 -3.20 -1.95 -0.70
CA VAL A 63 -3.40 -3.28 -0.13
C VAL A 63 -3.46 -3.21 1.40
N ASP A 64 -4.56 -3.68 1.96
CA ASP A 64 -4.74 -3.68 3.41
C ASP A 64 -4.51 -5.07 3.98
N PHE A 65 -3.98 -5.13 5.20
CA PHE A 65 -3.73 -6.40 5.86
C PHE A 65 -4.52 -6.52 7.16
N ILE A 66 -4.74 -7.75 7.60
CA ILE A 66 -5.49 -8.00 8.82
C ILE A 66 -4.74 -7.49 10.05
N THR A 67 -3.47 -7.85 10.16
CA THR A 67 -2.65 -7.43 11.28
C THR A 67 -1.39 -6.71 10.80
N LYS A 68 -0.64 -6.15 11.73
CA LYS A 68 0.59 -5.45 11.40
C LYS A 68 1.71 -6.42 11.04
N GLN A 69 2.02 -7.32 11.97
CA GLN A 69 3.06 -8.31 11.75
C GLN A 69 3.04 -8.83 10.31
N ASP A 70 1.92 -9.39 9.92
CA ASP A 70 1.75 -9.92 8.56
C ASP A 70 2.21 -8.91 7.53
N ALA A 71 1.64 -7.70 7.60
CA ALA A 71 1.98 -6.64 6.67
C ALA A 71 3.50 -6.44 6.59
N LYS A 72 4.11 -6.16 7.73
CA LYS A 72 5.56 -5.96 7.79
C LYS A 72 6.29 -7.02 6.99
N LYS A 73 6.14 -8.27 7.40
CA LYS A 73 6.79 -9.38 6.71
C LYS A 73 6.57 -9.29 5.20
N ALA A 74 5.32 -9.43 4.78
CA ALA A 74 4.98 -9.37 3.36
C ALA A 74 5.78 -8.28 2.65
N PHE A 75 5.51 -7.03 3.01
CA PHE A 75 6.21 -5.90 2.40
C PHE A 75 7.70 -6.15 2.34
N ASN A 76 8.32 -6.28 3.51
CA ASN A 76 9.76 -6.53 3.59
C ASN A 76 10.19 -7.56 2.55
N ALA A 77 9.28 -8.46 2.20
CA ALA A 77 9.57 -9.50 1.22
C ALA A 77 9.27 -9.00 -0.20
N LEU A 78 8.22 -8.21 -0.33
CA LEU A 78 7.82 -7.67 -1.63
C LEU A 78 8.80 -6.59 -2.09
N CYS A 79 8.98 -5.57 -1.26
CA CYS A 79 9.89 -4.48 -1.58
C CYS A 79 11.23 -5.00 -2.07
N HIS A 80 11.63 -6.17 -1.56
CA HIS A 80 12.89 -6.78 -1.94
C HIS A 80 13.02 -6.85 -3.45
N SER A 81 12.08 -7.51 -4.11
CA SER A 81 12.08 -7.64 -5.55
C SER A 81 10.74 -8.16 -6.06
N THR A 82 9.97 -7.26 -6.68
CA THR A 82 8.67 -7.62 -7.22
C THR A 82 8.58 -7.33 -8.71
N HIS A 83 8.85 -8.34 -9.52
CA HIS A 83 8.80 -8.19 -10.97
C HIS A 83 7.51 -8.77 -11.54
N LEU A 84 6.89 -8.03 -12.45
CA LEU A 84 5.64 -8.47 -13.06
C LEU A 84 5.54 -7.99 -14.51
N TYR A 85 5.29 -8.91 -15.42
CA TYR A 85 5.18 -8.58 -16.84
C TYR A 85 6.39 -7.79 -17.32
N GLY A 86 7.54 -8.06 -16.70
CA GLY A 86 8.77 -7.36 -17.07
C GLY A 86 8.85 -5.98 -16.46
N ARG A 87 8.08 -5.75 -15.40
CA ARG A 87 8.07 -4.47 -14.71
C ARG A 87 8.24 -4.64 -13.21
N ARG A 88 9.26 -4.01 -12.65
CA ARG A 88 9.53 -4.10 -11.22
C ARG A 88 8.68 -3.10 -10.45
N LEU A 89 7.64 -3.61 -9.79
CA LEU A 89 6.75 -2.77 -9.00
C LEU A 89 7.50 -2.08 -7.86
N VAL A 90 6.91 -1.02 -7.33
CA VAL A 90 7.52 -0.27 -6.24
C VAL A 90 6.70 -0.40 -4.96
N LEU A 91 7.37 -0.74 -3.86
CA LEU A 91 6.70 -0.89 -2.58
C LEU A 91 6.86 0.37 -1.72
N GLU A 92 5.74 1.01 -1.40
CA GLU A 92 5.76 2.22 -0.59
C GLU A 92 4.63 2.20 0.43
N TRP A 93 4.95 2.56 1.67
CA TRP A 93 3.97 2.58 2.74
C TRP A 93 3.07 3.81 2.62
N ALA A 94 1.83 3.68 3.06
CA ALA A 94 0.88 4.79 3.01
C ALA A 94 0.37 5.14 4.41
N ASP A 95 0.73 6.34 4.87
CA ASP A 95 0.31 6.80 6.20
C ASP A 95 -0.98 7.61 6.11
N SER A 96 -1.84 7.44 7.10
CA SER A 96 -3.11 8.16 7.13
C SER A 96 -2.99 9.46 7.91
N GLU A 97 -3.35 10.56 7.26
CA GLU A 97 -3.28 11.87 7.89
C GLU A 97 -4.40 12.06 8.91
N VAL A 98 -4.05 12.55 10.08
CA VAL A 98 -5.04 12.78 11.14
C VAL A 98 -6.08 13.81 10.71
N THR A 99 -7.34 13.41 10.75
CA THR A 99 -8.44 14.30 10.37
C THR A 99 -8.74 15.30 11.49
N VAL A 100 -8.83 16.57 11.11
CA VAL A 100 -9.11 17.64 12.06
C VAL A 100 -10.50 17.45 12.69
N GLN A 101 -10.52 17.17 13.99
CA GLN A 101 -11.77 16.96 14.70
C GLN A 101 -12.10 18.17 15.57
N SER A 102 -13.16 18.88 15.22
CA SER A 102 -13.58 20.06 15.96
C SER A 102 -13.73 19.73 17.45
N GLY A 103 -13.30 20.66 18.29
CA GLY A 103 -13.40 20.46 19.73
C GLY A 103 -12.21 19.71 20.29
N PRO A 104 -12.37 19.18 21.51
CA PRO A 104 -11.32 18.42 22.19
C PRO A 104 -11.05 17.07 21.53
N SER A 105 -10.23 16.25 22.18
CA SER A 105 -9.89 14.93 21.65
C SER A 105 -10.94 13.90 22.08
N SER A 106 -12.04 14.37 22.65
CA SER A 106 -13.10 13.49 23.11
C SER A 106 -14.41 14.26 23.27
N GLY A 107 -15.43 13.85 22.52
CA GLY A 107 -16.72 14.50 22.59
C GLY A 107 -17.54 14.06 23.80
N GLY A 1 18.13 30.88 17.15
CA GLY A 1 17.52 29.91 16.27
C GLY A 1 17.33 28.56 16.93
N SER A 2 16.10 28.05 16.90
CA SER A 2 15.78 26.76 17.51
C SER A 2 14.62 26.10 16.78
N SER A 3 14.32 24.86 17.18
CA SER A 3 13.24 24.10 16.56
C SER A 3 12.41 23.38 17.62
N GLY A 4 11.25 22.88 17.21
CA GLY A 4 10.37 22.18 18.14
C GLY A 4 8.92 22.59 17.99
N SER A 5 8.18 21.85 17.17
CA SER A 5 6.77 22.15 16.94
C SER A 5 5.91 20.96 17.31
N SER A 6 4.67 21.24 17.74
CA SER A 6 3.74 20.19 18.14
C SER A 6 3.15 19.50 16.91
N GLY A 7 3.78 18.38 16.52
CA GLY A 7 3.30 17.63 15.37
C GLY A 7 2.16 16.70 15.72
N GLN A 8 2.14 15.54 15.05
CA GLN A 8 1.09 14.55 15.30
C GLN A 8 1.69 13.24 15.81
N VAL A 9 1.07 12.69 16.84
CA VAL A 9 1.55 11.43 17.42
C VAL A 9 0.77 10.24 16.86
N PRO A 10 1.51 9.15 16.56
CA PRO A 10 0.91 7.93 16.00
C PRO A 10 0.05 7.19 17.03
N LYS A 11 -0.59 6.11 16.59
CA LYS A 11 -1.44 5.32 17.46
C LYS A 11 -0.75 4.03 17.87
N LYS A 12 -1.21 3.43 18.97
CA LYS A 12 -0.63 2.19 19.46
C LYS A 12 -0.17 1.30 18.30
N GLN A 13 -1.13 0.73 17.58
CA GLN A 13 -0.82 -0.12 16.44
C GLN A 13 -0.14 0.65 15.33
N THR A 14 0.93 0.09 14.78
CA THR A 14 1.68 0.74 13.71
C THR A 14 0.89 0.73 12.41
N THR A 15 0.91 1.85 11.69
CA THR A 15 0.20 1.97 10.43
C THR A 15 0.62 0.89 9.45
N SER A 16 -0.34 0.08 9.00
CA SER A 16 -0.07 -1.00 8.06
C SER A 16 -0.78 -0.77 6.73
N LYS A 17 -0.08 -0.16 5.79
CA LYS A 17 -0.64 0.12 4.48
C LYS A 17 0.39 -0.11 3.38
N ILE A 18 0.09 -1.05 2.48
CA ILE A 18 1.00 -1.36 1.38
C ILE A 18 0.51 -0.74 0.08
N LEU A 19 1.25 0.25 -0.42
CA LEU A 19 0.89 0.94 -1.66
C LEU A 19 1.87 0.57 -2.77
N VAL A 20 1.46 -0.36 -3.64
CA VAL A 20 2.29 -0.79 -4.75
C VAL A 20 2.14 0.14 -5.94
N ARG A 21 3.26 0.68 -6.41
CA ARG A 21 3.24 1.59 -7.56
C ARG A 21 3.91 0.95 -8.77
N ASN A 22 3.80 1.61 -9.92
CA ASN A 22 4.39 1.10 -11.15
C ASN A 22 3.77 -0.24 -11.55
N ILE A 23 2.46 -0.37 -11.29
CA ILE A 23 1.75 -1.60 -11.61
C ILE A 23 1.50 -1.71 -13.12
N PRO A 24 1.85 -2.87 -13.69
CA PRO A 24 1.67 -3.13 -15.12
C PRO A 24 0.21 -3.26 -15.52
N PHE A 25 -0.13 -2.80 -16.72
CA PHE A 25 -1.49 -2.87 -17.21
C PHE A 25 -1.97 -4.31 -17.30
N GLN A 26 -1.04 -5.25 -17.19
CA GLN A 26 -1.36 -6.67 -17.26
C GLN A 26 -1.74 -7.20 -15.88
N ALA A 27 -1.50 -6.40 -14.85
CA ALA A 27 -1.81 -6.79 -13.48
C ALA A 27 -3.15 -6.21 -13.04
N ASN A 28 -4.06 -7.08 -12.62
CA ASN A 28 -5.39 -6.66 -12.17
C ASN A 28 -5.54 -6.89 -10.68
N GLN A 29 -6.64 -6.37 -10.12
CA GLN A 29 -6.92 -6.51 -8.70
C GLN A 29 -6.66 -7.94 -8.23
N ARG A 30 -7.18 -8.91 -8.99
CA ARG A 30 -6.99 -10.32 -8.65
C ARG A 30 -5.52 -10.65 -8.47
N GLU A 31 -4.70 -10.26 -9.45
CA GLU A 31 -3.26 -10.51 -9.39
C GLU A 31 -2.67 -10.02 -8.08
N ILE A 32 -2.91 -8.75 -7.77
CA ILE A 32 -2.40 -8.15 -6.54
C ILE A 32 -2.94 -8.88 -5.31
N ARG A 33 -4.24 -9.11 -5.29
CA ARG A 33 -4.88 -9.81 -4.17
C ARG A 33 -4.09 -11.06 -3.79
N GLU A 34 -3.89 -11.95 -4.75
CA GLU A 34 -3.15 -13.18 -4.50
C GLU A 34 -1.67 -12.89 -4.28
N LEU A 35 -1.16 -11.88 -4.96
CA LEU A 35 0.25 -11.51 -4.83
C LEU A 35 0.62 -11.29 -3.37
N PHE A 36 -0.29 -10.66 -2.62
CA PHE A 36 -0.05 -10.39 -1.20
C PHE A 36 -0.68 -11.48 -0.34
N SER A 37 -1.92 -11.84 -0.66
CA SER A 37 -2.63 -12.87 0.10
C SER A 37 -1.70 -14.01 0.49
N THR A 38 -0.99 -14.54 -0.51
CA THR A 38 -0.05 -15.63 -0.27
C THR A 38 0.68 -15.47 1.05
N PHE A 39 1.08 -14.24 1.35
CA PHE A 39 1.79 -13.94 2.59
C PHE A 39 0.86 -14.08 3.80
N GLY A 40 -0.39 -13.63 3.62
CA GLY A 40 -1.36 -13.71 4.70
C GLY A 40 -2.70 -13.15 4.31
N GLU A 41 -3.66 -13.19 5.23
CA GLU A 41 -5.00 -12.69 4.97
C GLU A 41 -4.98 -11.18 4.76
N LEU A 42 -5.73 -10.72 3.76
CA LEU A 42 -5.80 -9.29 3.45
C LEU A 42 -7.13 -8.70 3.91
N LYS A 43 -7.14 -7.38 4.12
CA LYS A 43 -8.35 -6.69 4.56
C LYS A 43 -9.22 -6.31 3.37
N THR A 44 -8.60 -5.65 2.39
CA THR A 44 -9.32 -5.21 1.20
C THR A 44 -8.35 -4.73 0.12
N VAL A 45 -8.58 -5.17 -1.12
CA VAL A 45 -7.73 -4.78 -2.23
C VAL A 45 -8.35 -3.63 -3.02
N ARG A 46 -7.71 -2.46 -2.96
CA ARG A 46 -8.20 -1.28 -3.66
C ARG A 46 -7.30 -0.93 -4.83
N LEU A 47 -7.86 -0.96 -6.03
CA LEU A 47 -7.11 -0.65 -7.24
C LEU A 47 -7.85 0.37 -8.10
N PRO A 48 -7.09 1.25 -8.77
CA PRO A 48 -7.66 2.29 -9.64
C PRO A 48 -8.27 1.70 -10.91
N LYS A 49 -9.44 2.19 -11.28
CA LYS A 49 -10.13 1.72 -12.46
C LYS A 49 -10.44 2.88 -13.41
N LYS A 50 -10.05 2.73 -14.68
CA LYS A 50 -10.29 3.77 -15.67
C LYS A 50 -11.79 3.93 -15.93
N MET A 51 -12.16 5.11 -16.45
CA MET A 51 -13.56 5.39 -16.75
C MET A 51 -13.86 5.19 -18.23
N THR A 52 -13.08 5.86 -19.08
CA THR A 52 -13.27 5.75 -20.53
C THR A 52 -13.59 4.32 -20.93
N GLY A 53 -12.78 3.38 -20.47
CA GLY A 53 -12.99 1.99 -20.80
C GLY A 53 -12.46 1.05 -19.73
N THR A 54 -11.35 0.38 -20.02
CA THR A 54 -10.74 -0.55 -19.08
C THR A 54 -9.35 -0.95 -19.54
N GLY A 55 -8.40 -1.01 -18.59
CA GLY A 55 -7.04 -1.38 -18.92
C GLY A 55 -6.06 -0.25 -18.70
N ALA A 56 -6.48 0.96 -19.02
CA ALA A 56 -5.63 2.14 -18.86
C ALA A 56 -5.83 2.77 -17.48
N HIS A 57 -5.48 2.04 -16.43
CA HIS A 57 -5.62 2.54 -15.07
C HIS A 57 -4.35 3.21 -14.60
N ARG A 58 -4.33 3.62 -13.33
CA ARG A 58 -3.16 4.29 -12.76
C ARG A 58 -2.21 3.26 -12.13
N GLY A 59 -0.91 3.49 -12.29
CA GLY A 59 0.07 2.59 -11.74
C GLY A 59 0.20 2.71 -10.23
N PHE A 60 -0.84 2.32 -9.51
CA PHE A 60 -0.84 2.40 -8.05
C PHE A 60 -1.96 1.54 -7.46
N GLY A 61 -1.63 0.83 -6.38
CA GLY A 61 -2.62 -0.02 -5.74
C GLY A 61 -2.52 0.01 -4.23
N PHE A 62 -3.66 0.13 -3.56
CA PHE A 62 -3.70 0.18 -2.10
C PHE A 62 -4.09 -1.17 -1.52
N VAL A 63 -3.17 -1.78 -0.79
CA VAL A 63 -3.42 -3.08 -0.17
C VAL A 63 -3.41 -2.98 1.35
N ASP A 64 -4.34 -3.69 1.99
CA ASP A 64 -4.43 -3.69 3.45
C ASP A 64 -4.32 -5.10 4.01
N PHE A 65 -3.73 -5.21 5.19
CA PHE A 65 -3.56 -6.51 5.83
C PHE A 65 -4.30 -6.56 7.17
N ILE A 66 -4.75 -7.75 7.54
CA ILE A 66 -5.48 -7.94 8.79
C ILE A 66 -4.63 -7.56 9.99
N THR A 67 -3.36 -7.98 9.96
CA THR A 67 -2.43 -7.68 11.03
C THR A 67 -1.25 -6.85 10.54
N LYS A 68 -0.36 -6.50 11.46
CA LYS A 68 0.82 -5.70 11.11
C LYS A 68 1.96 -6.60 10.65
N GLN A 69 2.12 -7.75 11.30
CA GLN A 69 3.17 -8.70 10.96
C GLN A 69 3.18 -8.99 9.47
N ASP A 70 2.15 -9.69 9.00
CA ASP A 70 2.03 -10.03 7.60
C ASP A 70 2.32 -8.82 6.71
N ALA A 71 1.80 -7.67 7.11
CA ALA A 71 1.99 -6.43 6.37
C ALA A 71 3.48 -6.13 6.20
N LYS A 72 4.19 -6.06 7.32
CA LYS A 72 5.62 -5.77 7.30
C LYS A 72 6.38 -6.83 6.50
N LYS A 73 6.21 -8.09 6.91
CA LYS A 73 6.88 -9.20 6.24
C LYS A 73 6.70 -9.11 4.73
N ALA A 74 5.46 -9.10 4.28
CA ALA A 74 5.15 -9.01 2.85
C ALA A 74 5.71 -7.71 2.26
N PHE A 75 5.68 -6.65 3.04
CA PHE A 75 6.18 -5.35 2.60
C PHE A 75 7.65 -5.44 2.19
N ASN A 76 8.49 -5.83 3.14
CA ASN A 76 9.92 -5.96 2.89
C ASN A 76 10.20 -7.11 1.94
N ALA A 77 9.56 -8.25 2.18
CA ALA A 77 9.74 -9.43 1.34
C ALA A 77 9.60 -9.07 -0.13
N LEU A 78 8.48 -8.48 -0.49
CA LEU A 78 8.22 -8.09 -1.88
C LEU A 78 9.06 -6.88 -2.27
N CYS A 79 8.97 -5.82 -1.47
CA CYS A 79 9.73 -4.60 -1.72
C CYS A 79 11.10 -4.92 -2.30
N HIS A 80 11.80 -5.87 -1.66
CA HIS A 80 13.13 -6.26 -2.11
C HIS A 80 13.19 -6.37 -3.63
N SER A 81 12.51 -7.38 -4.17
CA SER A 81 12.48 -7.60 -5.61
C SER A 81 11.15 -8.17 -6.05
N THR A 82 10.33 -7.34 -6.69
CA THR A 82 9.01 -7.76 -7.16
C THR A 82 8.87 -7.53 -8.66
N HIS A 83 9.12 -8.58 -9.44
CA HIS A 83 9.01 -8.50 -10.89
C HIS A 83 7.67 -9.05 -11.37
N LEU A 84 6.88 -8.18 -12.00
CA LEU A 84 5.57 -8.57 -12.50
C LEU A 84 5.37 -8.09 -13.94
N TYR A 85 5.26 -9.04 -14.86
CA TYR A 85 5.07 -8.71 -16.27
C TYR A 85 6.20 -7.83 -16.78
N GLY A 86 7.44 -8.21 -16.45
CA GLY A 86 8.59 -7.44 -16.89
C GLY A 86 8.58 -6.02 -16.35
N ARG A 87 7.85 -5.81 -15.25
CA ARG A 87 7.76 -4.50 -14.64
C ARG A 87 7.91 -4.59 -13.12
N ARG A 88 8.86 -3.83 -12.59
CA ARG A 88 9.11 -3.82 -11.15
C ARG A 88 8.03 -3.03 -10.41
N LEU A 89 7.72 -3.46 -9.19
CA LEU A 89 6.71 -2.79 -8.39
C LEU A 89 7.35 -2.07 -7.19
N VAL A 90 6.91 -0.84 -6.96
CA VAL A 90 7.45 -0.05 -5.85
C VAL A 90 6.51 -0.08 -4.65
N LEU A 91 6.94 -0.76 -3.59
CA LEU A 91 6.14 -0.87 -2.38
C LEU A 91 6.49 0.24 -1.39
N GLU A 92 5.48 1.04 -1.04
CA GLU A 92 5.68 2.14 -0.09
C GLU A 92 4.54 2.20 0.91
N TRP A 93 4.82 2.80 2.07
CA TRP A 93 3.82 2.93 3.12
C TRP A 93 2.90 4.11 2.87
N ALA A 94 1.63 3.95 3.20
CA ALA A 94 0.64 5.01 3.01
C ALA A 94 -0.01 5.39 4.33
N ASP A 95 -0.29 6.67 4.50
CA ASP A 95 -0.93 7.17 5.71
C ASP A 95 -2.42 7.39 5.50
N SER A 96 -3.21 7.16 6.55
CA SER A 96 -4.66 7.33 6.47
C SER A 96 -5.04 8.80 6.65
N GLU A 97 -6.11 9.21 5.97
CA GLU A 97 -6.58 10.59 6.05
C GLU A 97 -7.67 10.73 7.11
N VAL A 98 -7.45 11.65 8.05
CA VAL A 98 -8.40 11.89 9.12
C VAL A 98 -8.99 13.30 9.04
N THR A 99 -10.28 13.37 8.78
CA THR A 99 -10.96 14.65 8.67
C THR A 99 -11.81 14.93 9.91
N VAL A 100 -11.34 15.83 10.76
CA VAL A 100 -12.04 16.20 11.98
C VAL A 100 -12.37 17.69 12.01
N GLN A 101 -13.48 18.03 12.65
CA GLN A 101 -13.90 19.42 12.74
C GLN A 101 -13.75 19.94 14.18
N SER A 102 -12.90 20.94 14.35
CA SER A 102 -12.66 21.52 15.66
C SER A 102 -12.94 23.02 15.65
N GLY A 103 -12.81 23.65 16.83
CA GLY A 103 -13.07 25.07 16.94
C GLY A 103 -12.71 25.61 18.30
N PRO A 104 -12.68 26.96 18.42
CA PRO A 104 -12.36 27.63 19.68
C PRO A 104 -13.45 27.46 20.73
N SER A 105 -13.09 27.67 22.00
CA SER A 105 -14.04 27.54 23.09
C SER A 105 -14.48 28.92 23.60
N SER A 106 -13.51 29.78 23.85
CA SER A 106 -13.80 31.12 24.34
C SER A 106 -14.56 31.06 25.66
N GLY A 107 -14.16 30.14 26.54
CA GLY A 107 -14.82 30.00 27.82
C GLY A 107 -14.11 30.76 28.92
N GLY A 1 20.47 -4.99 -6.64
CA GLY A 1 20.82 -3.67 -6.17
C GLY A 1 19.66 -2.93 -5.54
N SER A 2 19.88 -2.37 -4.36
CA SER A 2 18.83 -1.63 -3.66
C SER A 2 19.44 -0.60 -2.72
N SER A 3 18.83 0.59 -2.69
CA SER A 3 19.31 1.67 -1.84
C SER A 3 18.19 2.66 -1.54
N GLY A 4 18.50 3.67 -0.73
CA GLY A 4 17.51 4.67 -0.38
C GLY A 4 17.45 4.94 1.11
N SER A 5 18.24 5.91 1.57
CA SER A 5 18.29 6.26 2.99
C SER A 5 17.70 7.64 3.22
N SER A 6 16.55 7.69 3.90
CA SER A 6 15.89 8.95 4.20
C SER A 6 14.69 8.74 5.12
N GLY A 7 14.76 9.32 6.31
CA GLY A 7 13.67 9.19 7.26
C GLY A 7 12.66 10.30 7.16
N GLN A 8 11.85 10.27 6.10
CA GLN A 8 10.84 11.30 5.89
C GLN A 8 9.44 10.68 5.88
N VAL A 9 8.98 10.25 7.04
CA VAL A 9 7.66 9.64 7.16
C VAL A 9 7.23 9.55 8.63
N PRO A 10 6.01 10.02 8.92
CA PRO A 10 5.45 10.00 10.27
C PRO A 10 5.13 8.59 10.74
N LYS A 11 5.69 8.21 11.89
CA LYS A 11 5.45 6.89 12.46
C LYS A 11 3.97 6.55 12.49
N LYS A 12 3.17 7.49 13.01
CA LYS A 12 1.72 7.30 13.09
C LYS A 12 1.39 5.92 13.65
N GLN A 13 1.95 5.60 14.81
CA GLN A 13 1.72 4.31 15.46
C GLN A 13 2.09 3.16 14.53
N THR A 14 3.28 3.25 13.94
CA THR A 14 3.75 2.22 13.03
C THR A 14 2.61 1.62 12.23
N THR A 15 1.83 2.49 11.59
CA THR A 15 0.69 2.04 10.79
C THR A 15 1.08 0.86 9.90
N SER A 16 0.08 0.22 9.30
CA SER A 16 0.31 -0.92 8.43
C SER A 16 -0.47 -0.77 7.13
N LYS A 17 0.19 -0.21 6.11
CA LYS A 17 -0.44 -0.02 4.80
C LYS A 17 0.56 -0.25 3.68
N ILE A 18 0.19 -1.12 2.74
CA ILE A 18 1.05 -1.43 1.61
C ILE A 18 0.51 -0.82 0.32
N LEU A 19 1.27 0.10 -0.25
CA LEU A 19 0.87 0.77 -1.48
C LEU A 19 1.80 0.39 -2.64
N VAL A 20 1.30 -0.45 -3.53
CA VAL A 20 2.09 -0.88 -4.68
C VAL A 20 1.91 0.06 -5.87
N ARG A 21 3.03 0.58 -6.37
CA ARG A 21 3.01 1.50 -7.50
C ARG A 21 3.68 0.89 -8.72
N ASN A 22 3.58 1.57 -9.86
CA ASN A 22 4.19 1.09 -11.09
C ASN A 22 3.64 -0.27 -11.48
N ILE A 23 2.32 -0.42 -11.36
CA ILE A 23 1.66 -1.68 -11.70
C ILE A 23 1.40 -1.77 -13.20
N PRO A 24 1.74 -2.92 -13.79
CA PRO A 24 1.56 -3.17 -15.23
C PRO A 24 0.08 -3.30 -15.59
N PHE A 25 -0.26 -2.88 -16.80
CA PHE A 25 -1.64 -2.95 -17.29
C PHE A 25 -2.16 -4.38 -17.20
N GLN A 26 -1.32 -5.34 -17.57
CA GLN A 26 -1.69 -6.75 -17.54
C GLN A 26 -2.20 -7.15 -16.16
N ALA A 27 -1.55 -6.62 -15.12
CA ALA A 27 -1.93 -6.92 -13.75
C ALA A 27 -3.33 -6.41 -13.44
N ASN A 28 -4.08 -7.18 -12.67
CA ASN A 28 -5.45 -6.80 -12.31
C ASN A 28 -5.65 -6.88 -10.79
N GLN A 29 -6.74 -6.29 -10.31
CA GLN A 29 -7.05 -6.30 -8.89
C GLN A 29 -6.81 -7.68 -8.29
N ARG A 30 -7.41 -8.70 -8.90
CA ARG A 30 -7.27 -10.07 -8.43
C ARG A 30 -5.80 -10.45 -8.30
N GLU A 31 -5.03 -10.18 -9.36
CA GLU A 31 -3.61 -10.50 -9.36
C GLU A 31 -2.91 -9.92 -8.14
N ILE A 32 -3.22 -8.65 -7.83
CA ILE A 32 -2.62 -7.99 -6.68
C ILE A 32 -3.07 -8.64 -5.38
N ARG A 33 -4.37 -8.88 -5.26
CA ARG A 33 -4.92 -9.49 -4.05
C ARG A 33 -4.18 -10.79 -3.72
N GLU A 34 -4.10 -11.68 -4.70
CA GLU A 34 -3.42 -12.96 -4.50
C GLU A 34 -1.92 -12.76 -4.31
N LEU A 35 -1.38 -11.74 -4.98
CA LEU A 35 0.04 -11.44 -4.90
C LEU A 35 0.47 -11.27 -3.44
N PHE A 36 -0.33 -10.54 -2.67
CA PHE A 36 -0.03 -10.30 -1.26
C PHE A 36 -0.68 -11.37 -0.38
N SER A 37 -1.88 -11.80 -0.77
CA SER A 37 -2.60 -12.81 -0.01
C SER A 37 -1.74 -14.06 0.20
N THR A 38 -0.92 -14.38 -0.81
CA THR A 38 -0.05 -15.55 -0.74
C THR A 38 0.89 -15.46 0.46
N PHE A 39 1.00 -14.26 1.03
CA PHE A 39 1.87 -14.05 2.18
C PHE A 39 1.07 -14.09 3.48
N GLY A 40 -0.10 -13.45 3.46
CA GLY A 40 -0.95 -13.42 4.64
C GLY A 40 -2.37 -13.01 4.33
N GLU A 41 -3.19 -12.91 5.36
CA GLU A 41 -4.59 -12.52 5.18
C GLU A 41 -4.71 -11.05 4.79
N LEU A 42 -5.55 -10.77 3.79
CA LEU A 42 -5.74 -9.40 3.33
C LEU A 42 -7.06 -8.83 3.83
N LYS A 43 -7.08 -7.53 4.09
CA LYS A 43 -8.29 -6.86 4.57
C LYS A 43 -9.15 -6.38 3.41
N THR A 44 -8.51 -5.72 2.43
CA THR A 44 -9.23 -5.21 1.27
C THR A 44 -8.26 -4.62 0.25
N VAL A 45 -8.51 -4.90 -1.02
CA VAL A 45 -7.66 -4.40 -2.10
C VAL A 45 -8.40 -3.38 -2.96
N ARG A 46 -7.75 -2.26 -3.23
CA ARG A 46 -8.35 -1.19 -4.04
C ARG A 46 -7.49 -0.90 -5.26
N LEU A 47 -8.08 -1.07 -6.44
CA LEU A 47 -7.38 -0.82 -7.69
C LEU A 47 -8.29 -0.14 -8.71
N PRO A 48 -7.70 0.77 -9.52
CA PRO A 48 -8.45 1.51 -10.53
C PRO A 48 -8.87 0.61 -11.70
N LYS A 49 -10.09 0.82 -12.18
CA LYS A 49 -10.62 0.02 -13.29
C LYS A 49 -10.67 0.85 -14.57
N LYS A 50 -10.22 0.25 -15.68
CA LYS A 50 -10.21 0.93 -16.97
C LYS A 50 -11.60 0.94 -17.59
N MET A 51 -12.22 2.12 -17.62
CA MET A 51 -13.56 2.26 -18.18
C MET A 51 -13.53 3.12 -19.45
N THR A 52 -12.99 4.33 -19.31
CA THR A 52 -12.90 5.25 -20.44
C THR A 52 -11.85 4.79 -21.44
N GLY A 53 -10.67 4.45 -20.95
CA GLY A 53 -9.59 3.99 -21.81
C GLY A 53 -8.40 4.92 -21.79
N THR A 54 -7.60 4.88 -22.85
CA THR A 54 -6.41 5.72 -22.95
C THR A 54 -5.60 5.66 -21.67
N GLY A 55 -5.43 4.46 -21.13
CA GLY A 55 -4.67 4.31 -19.90
C GLY A 55 -5.36 4.91 -18.70
N ALA A 56 -6.35 4.22 -18.18
CA ALA A 56 -7.10 4.70 -17.02
C ALA A 56 -6.54 4.10 -15.73
N HIS A 57 -6.38 2.79 -15.71
CA HIS A 57 -5.85 2.11 -14.54
C HIS A 57 -4.50 2.66 -14.13
N ARG A 58 -4.50 3.51 -13.10
CA ARG A 58 -3.27 4.13 -12.62
C ARG A 58 -2.30 3.07 -12.08
N GLY A 59 -1.01 3.36 -12.18
CA GLY A 59 -0.01 2.42 -11.71
C GLY A 59 0.15 2.45 -10.21
N PHE A 60 -0.97 2.34 -9.49
CA PHE A 60 -0.96 2.35 -8.04
C PHE A 60 -2.09 1.49 -7.48
N GLY A 61 -1.82 0.84 -6.35
CA GLY A 61 -2.82 0.00 -5.72
C GLY A 61 -2.69 -0.05 -4.22
N PHE A 62 -3.82 -0.07 -3.52
CA PHE A 62 -3.83 -0.11 -2.07
C PHE A 62 -4.05 -1.52 -1.56
N VAL A 63 -3.17 -1.98 -0.68
CA VAL A 63 -3.28 -3.32 -0.11
C VAL A 63 -3.23 -3.27 1.41
N ASP A 64 -4.33 -3.69 2.04
CA ASP A 64 -4.42 -3.70 3.49
C ASP A 64 -4.32 -5.13 4.03
N PHE A 65 -3.76 -5.27 5.23
CA PHE A 65 -3.61 -6.58 5.86
C PHE A 65 -4.39 -6.65 7.16
N ILE A 66 -4.69 -7.87 7.59
CA ILE A 66 -5.44 -8.08 8.82
C ILE A 66 -4.62 -7.70 10.04
N THR A 67 -3.34 -8.07 10.02
CA THR A 67 -2.45 -7.77 11.13
C THR A 67 -1.29 -6.89 10.67
N LYS A 68 -0.42 -6.52 11.62
CA LYS A 68 0.74 -5.68 11.31
C LYS A 68 1.92 -6.54 10.89
N GLN A 69 2.30 -7.48 11.76
CA GLN A 69 3.43 -8.37 11.49
C GLN A 69 3.38 -8.87 10.05
N ASP A 70 2.20 -9.32 9.62
CA ASP A 70 2.03 -9.83 8.26
C ASP A 70 2.27 -8.74 7.24
N ALA A 71 1.78 -7.54 7.52
CA ALA A 71 1.96 -6.40 6.62
C ALA A 71 3.44 -6.10 6.40
N LYS A 72 4.24 -6.32 7.43
CA LYS A 72 5.67 -6.07 7.35
C LYS A 72 6.37 -7.16 6.55
N LYS A 73 6.39 -8.38 7.10
CA LYS A 73 7.02 -9.51 6.43
C LYS A 73 6.74 -9.49 4.94
N ALA A 74 5.52 -9.14 4.56
CA ALA A 74 5.13 -9.08 3.16
C ALA A 74 5.78 -7.87 2.47
N PHE A 75 5.46 -6.68 2.95
CA PHE A 75 6.00 -5.45 2.39
C PHE A 75 7.49 -5.63 2.03
N ASN A 76 8.26 -6.11 3.00
CA ASN A 76 9.68 -6.32 2.79
C ASN A 76 9.93 -7.45 1.79
N ALA A 77 9.21 -8.55 1.97
CA ALA A 77 9.34 -9.71 1.09
C ALA A 77 9.34 -9.29 -0.37
N LEU A 78 8.34 -8.50 -0.75
CA LEU A 78 8.22 -8.02 -2.13
C LEU A 78 9.14 -6.84 -2.37
N CYS A 79 9.02 -5.81 -1.54
CA CYS A 79 9.84 -4.61 -1.66
C CYS A 79 11.26 -4.97 -2.12
N HIS A 80 11.91 -5.85 -1.37
CA HIS A 80 13.27 -6.28 -1.70
C HIS A 80 13.45 -6.38 -3.21
N SER A 81 12.63 -7.21 -3.85
CA SER A 81 12.70 -7.39 -5.29
C SER A 81 11.43 -8.05 -5.83
N THR A 82 10.61 -7.26 -6.50
CA THR A 82 9.35 -7.76 -7.05
C THR A 82 9.25 -7.45 -8.55
N HIS A 83 9.31 -8.49 -9.37
CA HIS A 83 9.23 -8.33 -10.82
C HIS A 83 7.94 -8.95 -11.35
N LEU A 84 7.08 -8.12 -11.95
CA LEU A 84 5.82 -8.59 -12.50
C LEU A 84 5.70 -8.21 -13.97
N TYR A 85 5.36 -9.19 -14.81
CA TYR A 85 5.21 -8.96 -16.24
C TYR A 85 6.37 -8.11 -16.78
N GLY A 86 7.56 -8.34 -16.24
CA GLY A 86 8.73 -7.59 -16.68
C GLY A 86 8.69 -6.15 -16.21
N ARG A 87 8.09 -5.92 -15.05
CA ARG A 87 8.00 -4.58 -14.48
C ARG A 87 8.35 -4.58 -13.00
N ARG A 88 9.13 -3.59 -12.58
CA ARG A 88 9.53 -3.48 -11.18
C ARG A 88 8.52 -2.67 -10.38
N LEU A 89 7.80 -3.35 -9.50
CA LEU A 89 6.79 -2.71 -8.66
C LEU A 89 7.45 -1.94 -7.52
N VAL A 90 6.90 -0.77 -7.20
CA VAL A 90 7.42 0.05 -6.12
C VAL A 90 6.52 -0.01 -4.90
N LEU A 91 7.05 -0.54 -3.80
CA LEU A 91 6.29 -0.66 -2.56
C LEU A 91 6.66 0.46 -1.59
N GLU A 92 5.64 1.10 -1.02
CA GLU A 92 5.86 2.19 -0.07
C GLU A 92 4.82 2.16 1.04
N TRP A 93 5.06 2.93 2.09
CA TRP A 93 4.15 2.99 3.23
C TRP A 93 3.23 4.20 3.13
N ALA A 94 2.03 4.01 2.60
CA ALA A 94 1.07 5.09 2.46
C ALA A 94 0.80 5.76 3.80
N ASP A 95 0.75 7.10 3.78
CA ASP A 95 0.50 7.86 5.00
C ASP A 95 -0.89 8.49 4.97
N SER A 96 -1.90 7.68 5.27
CA SER A 96 -3.27 8.15 5.27
C SER A 96 -3.74 8.46 6.69
N GLU A 97 -4.48 9.56 6.84
CA GLU A 97 -4.98 9.97 8.14
C GLU A 97 -5.92 8.92 8.72
N VAL A 98 -6.19 9.01 10.02
CA VAL A 98 -7.07 8.06 10.69
C VAL A 98 -8.32 8.76 11.22
N THR A 99 -9.46 8.07 11.14
CA THR A 99 -10.72 8.62 11.62
C THR A 99 -10.73 8.73 13.14
N VAL A 100 -10.92 9.96 13.64
CA VAL A 100 -10.95 10.19 15.08
C VAL A 100 -12.34 9.92 15.64
N GLN A 101 -12.42 9.77 16.96
CA GLN A 101 -13.70 9.52 17.62
C GLN A 101 -13.56 9.66 19.14
N SER A 102 -14.43 10.46 19.73
CA SER A 102 -14.42 10.68 21.17
C SER A 102 -15.09 9.53 21.92
N GLY A 103 -14.84 9.45 23.22
CA GLY A 103 -15.43 8.39 24.02
C GLY A 103 -14.68 8.15 25.31
N PRO A 104 -14.96 8.95 26.34
CA PRO A 104 -14.30 8.84 27.64
C PRO A 104 -14.72 7.57 28.39
N SER A 105 -13.81 7.05 29.21
CA SER A 105 -14.09 5.84 29.97
C SER A 105 -14.80 6.18 31.28
N SER A 106 -15.60 5.24 31.77
CA SER A 106 -16.35 5.44 33.02
C SER A 106 -16.48 4.12 33.78
N GLY A 107 -16.03 4.12 35.03
CA GLY A 107 -16.12 2.92 35.85
C GLY A 107 -14.90 2.04 35.70
N GLY A 1 29.05 21.92 11.96
CA GLY A 1 27.76 21.27 11.88
C GLY A 1 27.75 19.91 12.55
N SER A 2 26.62 19.54 13.13
CA SER A 2 26.49 18.25 13.80
C SER A 2 25.17 17.58 13.46
N SER A 3 25.03 16.31 13.85
CA SER A 3 23.81 15.56 13.57
C SER A 3 22.94 15.45 14.82
N GLY A 4 21.63 15.35 14.62
CA GLY A 4 20.71 15.24 15.73
C GLY A 4 19.85 14.00 15.66
N SER A 5 19.04 13.78 16.68
CA SER A 5 18.16 12.61 16.73
C SER A 5 16.73 13.00 16.34
N SER A 6 16.13 12.20 15.45
CA SER A 6 14.77 12.45 15.00
C SER A 6 13.85 12.73 16.17
N GLY A 7 13.89 11.84 17.17
CA GLY A 7 13.05 12.01 18.34
C GLY A 7 12.02 10.91 18.47
N GLN A 8 11.96 10.28 19.64
CA GLN A 8 11.02 9.20 19.89
C GLN A 8 9.59 9.74 20.00
N VAL A 9 8.63 8.93 19.58
CA VAL A 9 7.23 9.32 19.64
C VAL A 9 6.59 8.93 20.96
N PRO A 10 5.81 9.85 21.54
CA PRO A 10 5.13 9.62 22.82
C PRO A 10 4.01 8.59 22.70
N LYS A 11 3.84 8.04 21.52
CA LYS A 11 2.81 7.04 21.27
C LYS A 11 3.31 5.94 20.34
N LYS A 12 2.75 4.75 20.48
CA LYS A 12 3.15 3.61 19.65
C LYS A 12 2.02 3.21 18.72
N GLN A 13 2.13 3.60 17.45
CA GLN A 13 1.12 3.27 16.45
C GLN A 13 1.76 2.76 15.17
N THR A 14 1.35 1.57 14.74
CA THR A 14 1.87 0.97 13.52
C THR A 14 0.79 0.79 12.48
N THR A 15 0.89 1.53 11.38
CA THR A 15 -0.08 1.45 10.29
C THR A 15 0.29 0.35 9.31
N SER A 16 -0.72 -0.20 8.64
CA SER A 16 -0.50 -1.26 7.67
C SER A 16 -1.17 -0.92 6.33
N LYS A 17 -0.42 -0.24 5.47
CA LYS A 17 -0.92 0.15 4.17
C LYS A 17 0.16 0.02 3.10
N ILE A 18 0.05 -1.02 2.28
CA ILE A 18 1.02 -1.26 1.22
C ILE A 18 0.54 -0.68 -0.11
N LEU A 19 1.19 0.39 -0.56
CA LEU A 19 0.83 1.04 -1.81
C LEU A 19 1.83 0.69 -2.91
N VAL A 20 1.47 -0.27 -3.75
CA VAL A 20 2.32 -0.69 -4.86
C VAL A 20 2.12 0.17 -6.08
N ARG A 21 3.19 0.82 -6.53
CA ARG A 21 3.13 1.69 -7.71
C ARG A 21 3.88 1.07 -8.88
N ASN A 22 3.77 1.70 -10.05
CA ASN A 22 4.45 1.22 -11.24
C ASN A 22 3.94 -0.16 -11.63
N ILE A 23 2.62 -0.36 -11.55
CA ILE A 23 2.01 -1.64 -11.89
C ILE A 23 1.66 -1.69 -13.37
N PRO A 24 1.96 -2.84 -14.00
CA PRO A 24 1.69 -3.04 -15.43
C PRO A 24 0.19 -3.17 -15.72
N PHE A 25 -0.24 -2.62 -16.85
CA PHE A 25 -1.64 -2.66 -17.24
C PHE A 25 -2.21 -4.07 -17.05
N GLN A 26 -1.44 -5.07 -17.44
CA GLN A 26 -1.86 -6.46 -17.32
C GLN A 26 -2.29 -6.77 -15.89
N ALA A 27 -1.52 -6.28 -14.92
CA ALA A 27 -1.82 -6.51 -13.52
C ALA A 27 -3.28 -6.21 -13.21
N ASN A 28 -3.95 -7.16 -12.57
CA ASN A 28 -5.36 -7.00 -12.22
C ASN A 28 -5.58 -7.26 -10.73
N GLN A 29 -6.73 -6.81 -10.22
CA GLN A 29 -7.05 -6.98 -8.81
C GLN A 29 -6.66 -8.38 -8.33
N ARG A 30 -7.35 -9.40 -8.86
CA ARG A 30 -7.08 -10.77 -8.49
C ARG A 30 -5.58 -11.03 -8.42
N GLU A 31 -4.83 -10.35 -9.29
CA GLU A 31 -3.38 -10.52 -9.33
C GLU A 31 -2.75 -10.05 -8.03
N ILE A 32 -3.04 -8.82 -7.64
CA ILE A 32 -2.50 -8.25 -6.41
C ILE A 32 -3.08 -8.94 -5.18
N ARG A 33 -4.36 -9.27 -5.25
CA ARG A 33 -5.04 -9.94 -4.15
C ARG A 33 -4.25 -11.17 -3.70
N GLU A 34 -4.05 -12.11 -4.63
CA GLU A 34 -3.32 -13.33 -4.32
C GLU A 34 -1.83 -13.05 -4.11
N LEU A 35 -1.33 -12.02 -4.78
CA LEU A 35 0.07 -11.64 -4.67
C LEU A 35 0.44 -11.35 -3.21
N PHE A 36 -0.44 -10.65 -2.51
CA PHE A 36 -0.20 -10.31 -1.11
C PHE A 36 -0.85 -11.34 -0.18
N SER A 37 -2.10 -11.69 -0.49
CA SER A 37 -2.84 -12.66 0.31
C SER A 37 -1.96 -13.85 0.66
N THR A 38 -1.11 -14.25 -0.29
CA THR A 38 -0.22 -15.39 -0.08
C THR A 38 0.45 -15.33 1.29
N PHE A 39 0.89 -14.14 1.69
CA PHE A 39 1.53 -13.95 2.98
C PHE A 39 0.54 -14.15 4.11
N GLY A 40 -0.71 -13.73 3.89
CA GLY A 40 -1.74 -13.85 4.90
C GLY A 40 -3.04 -13.20 4.50
N GLU A 41 -4.03 -13.27 5.37
CA GLU A 41 -5.33 -12.67 5.11
C GLU A 41 -5.21 -11.17 4.88
N LEU A 42 -6.00 -10.66 3.95
CA LEU A 42 -5.99 -9.23 3.63
C LEU A 42 -7.25 -8.54 4.16
N LYS A 43 -7.15 -7.23 4.36
CA LYS A 43 -8.28 -6.45 4.86
C LYS A 43 -9.16 -5.98 3.71
N THR A 44 -8.55 -5.46 2.66
CA THR A 44 -9.28 -4.98 1.49
C THR A 44 -8.32 -4.66 0.34
N VAL A 45 -8.68 -5.13 -0.85
CA VAL A 45 -7.87 -4.90 -2.03
C VAL A 45 -8.49 -3.82 -2.92
N ARG A 46 -7.89 -2.63 -2.90
CA ARG A 46 -8.38 -1.51 -3.70
C ARG A 46 -7.49 -1.28 -4.92
N LEU A 47 -8.11 -1.16 -6.09
CA LEU A 47 -7.37 -0.94 -7.33
C LEU A 47 -8.08 0.07 -8.21
N PRO A 48 -7.29 0.90 -8.90
CA PRO A 48 -7.82 1.94 -9.81
C PRO A 48 -8.48 1.34 -11.05
N LYS A 49 -9.78 1.56 -11.19
CA LYS A 49 -10.52 1.05 -12.34
C LYS A 49 -11.21 2.18 -13.09
N LYS A 50 -10.64 2.55 -14.23
CA LYS A 50 -11.20 3.62 -15.05
C LYS A 50 -12.17 3.06 -16.09
N MET A 51 -13.44 3.43 -15.96
CA MET A 51 -14.47 2.97 -16.90
C MET A 51 -14.31 3.64 -18.25
N THR A 52 -14.19 4.96 -18.23
CA THR A 52 -14.05 5.73 -19.46
C THR A 52 -12.57 6.02 -19.76
N GLY A 53 -12.05 5.37 -20.81
CA GLY A 53 -10.67 5.56 -21.17
C GLY A 53 -9.98 4.27 -21.55
N THR A 54 -10.66 3.46 -22.37
CA THR A 54 -10.11 2.18 -22.81
C THR A 54 -9.33 1.51 -21.68
N GLY A 55 -9.88 1.56 -20.47
CA GLY A 55 -9.23 0.95 -19.34
C GLY A 55 -8.01 1.72 -18.87
N ALA A 56 -8.24 2.88 -18.25
CA ALA A 56 -7.16 3.71 -17.76
C ALA A 56 -6.81 3.37 -16.31
N HIS A 57 -6.03 2.31 -16.13
CA HIS A 57 -5.63 1.88 -14.80
C HIS A 57 -4.27 2.47 -14.42
N ARG A 58 -4.29 3.41 -13.48
CA ARG A 58 -3.05 4.06 -13.04
C ARG A 58 -2.13 3.05 -12.35
N GLY A 59 -0.83 3.29 -12.47
CA GLY A 59 0.14 2.40 -11.85
C GLY A 59 0.24 2.58 -10.35
N PHE A 60 -0.83 2.25 -9.64
CA PHE A 60 -0.87 2.38 -8.20
C PHE A 60 -1.99 1.55 -7.59
N GLY A 61 -1.68 0.83 -6.52
CA GLY A 61 -2.68 0.00 -5.87
C GLY A 61 -2.57 0.02 -4.36
N PHE A 62 -3.69 -0.03 -3.67
CA PHE A 62 -3.71 -0.02 -2.21
C PHE A 62 -4.02 -1.41 -1.66
N VAL A 63 -3.08 -1.94 -0.89
CA VAL A 63 -3.25 -3.26 -0.29
C VAL A 63 -3.16 -3.20 1.23
N ASP A 64 -4.17 -3.73 1.91
CA ASP A 64 -4.20 -3.73 3.36
C ASP A 64 -4.23 -5.15 3.90
N PHE A 65 -3.63 -5.34 5.07
CA PHE A 65 -3.58 -6.66 5.70
C PHE A 65 -4.38 -6.67 7.01
N ILE A 66 -4.53 -7.86 7.59
CA ILE A 66 -5.26 -8.01 8.84
C ILE A 66 -4.36 -7.70 10.03
N THR A 67 -3.14 -8.23 10.01
CA THR A 67 -2.18 -8.01 11.09
C THR A 67 -0.94 -7.32 10.58
N LYS A 68 -0.40 -6.41 11.40
CA LYS A 68 0.81 -5.67 11.04
C LYS A 68 1.89 -6.61 10.53
N GLN A 69 2.32 -7.54 11.38
CA GLN A 69 3.34 -8.50 11.00
C GLN A 69 3.17 -8.97 9.57
N ASP A 70 2.00 -9.52 9.27
CA ASP A 70 1.70 -10.01 7.93
C ASP A 70 2.06 -8.97 6.89
N ALA A 71 1.75 -7.71 7.18
CA ALA A 71 2.04 -6.61 6.26
C ALA A 71 3.55 -6.33 6.20
N LYS A 72 4.20 -6.39 7.36
CA LYS A 72 5.63 -6.15 7.44
C LYS A 72 6.42 -7.20 6.65
N LYS A 73 6.04 -8.47 6.84
CA LYS A 73 6.70 -9.56 6.15
C LYS A 73 6.43 -9.50 4.64
N ALA A 74 5.21 -9.13 4.28
CA ALA A 74 4.84 -9.03 2.88
C ALA A 74 5.48 -7.82 2.22
N PHE A 75 5.67 -6.75 2.99
CA PHE A 75 6.27 -5.53 2.49
C PHE A 75 7.76 -5.72 2.24
N ASN A 76 8.49 -6.09 3.29
CA ASN A 76 9.93 -6.32 3.18
C ASN A 76 10.24 -7.38 2.14
N ALA A 77 9.40 -8.41 2.09
CA ALA A 77 9.59 -9.50 1.14
C ALA A 77 9.46 -8.99 -0.30
N LEU A 78 8.36 -8.30 -0.59
CA LEU A 78 8.12 -7.77 -1.92
C LEU A 78 9.11 -6.65 -2.25
N CYS A 79 9.09 -5.60 -1.43
CA CYS A 79 9.98 -4.46 -1.63
C CYS A 79 11.37 -4.93 -2.05
N HIS A 80 11.84 -6.00 -1.42
CA HIS A 80 13.16 -6.55 -1.73
C HIS A 80 13.36 -6.66 -3.24
N SER A 81 12.39 -7.27 -3.91
CA SER A 81 12.47 -7.45 -5.36
C SER A 81 11.16 -8.00 -5.91
N THR A 82 10.39 -7.15 -6.58
CA THR A 82 9.11 -7.56 -7.15
C THR A 82 9.05 -7.25 -8.64
N HIS A 83 9.08 -8.30 -9.46
CA HIS A 83 9.04 -8.14 -10.91
C HIS A 83 7.79 -8.81 -11.49
N LEU A 84 6.98 -8.03 -12.18
CA LEU A 84 5.75 -8.53 -12.79
C LEU A 84 5.64 -8.09 -14.24
N TYR A 85 5.43 -9.05 -15.13
CA TYR A 85 5.29 -8.76 -16.55
C TYR A 85 6.48 -7.94 -17.06
N GLY A 86 7.63 -8.12 -16.41
CA GLY A 86 8.82 -7.40 -16.80
C GLY A 86 8.80 -5.95 -16.35
N ARG A 87 8.26 -5.72 -15.16
CA ARG A 87 8.18 -4.37 -14.61
C ARG A 87 8.66 -4.33 -13.17
N ARG A 88 9.18 -3.19 -12.75
CA ARG A 88 9.69 -3.03 -11.39
C ARG A 88 8.67 -2.30 -10.51
N LEU A 89 7.94 -3.06 -9.72
CA LEU A 89 6.93 -2.49 -8.83
C LEU A 89 7.58 -1.82 -7.63
N VAL A 90 7.07 -0.65 -7.26
CA VAL A 90 7.59 0.10 -6.13
C VAL A 90 6.68 -0.04 -4.92
N LEU A 91 7.26 -0.42 -3.78
CA LEU A 91 6.51 -0.59 -2.54
C LEU A 91 6.84 0.51 -1.55
N GLU A 92 5.84 1.32 -1.20
CA GLU A 92 6.03 2.41 -0.25
C GLU A 92 4.83 2.53 0.69
N TRP A 93 5.12 2.74 1.97
CA TRP A 93 4.06 2.87 2.96
C TRP A 93 3.26 4.15 2.75
N ALA A 94 2.03 4.01 2.28
CA ALA A 94 1.16 5.16 2.03
C ALA A 94 1.19 6.13 3.21
N ASP A 95 1.46 7.38 2.92
CA ASP A 95 1.52 8.41 3.96
C ASP A 95 0.32 9.35 3.85
N SER A 96 -0.55 9.30 4.86
CA SER A 96 -1.74 10.13 4.88
C SER A 96 -1.38 11.58 5.19
N GLU A 97 -2.05 12.51 4.51
CA GLU A 97 -1.80 13.93 4.72
C GLU A 97 -2.72 14.50 5.79
N VAL A 98 -2.23 15.49 6.53
CA VAL A 98 -3.01 16.12 7.59
C VAL A 98 -3.61 17.44 7.12
N THR A 99 -4.92 17.59 7.30
CA THR A 99 -5.62 18.81 6.89
C THR A 99 -4.84 20.05 7.31
N VAL A 100 -5.09 21.16 6.62
CA VAL A 100 -4.41 22.41 6.91
C VAL A 100 -5.41 23.55 7.05
N GLN A 101 -5.66 23.97 8.30
CA GLN A 101 -6.59 25.05 8.58
C GLN A 101 -6.22 25.77 9.88
N SER A 102 -6.18 27.09 9.82
CA SER A 102 -5.83 27.89 10.99
C SER A 102 -6.88 27.73 12.08
N GLY A 103 -6.43 27.76 13.34
CA GLY A 103 -7.34 27.61 14.46
C GLY A 103 -7.74 28.95 15.06
N PRO A 104 -8.19 28.92 16.32
CA PRO A 104 -8.61 30.13 17.04
C PRO A 104 -7.44 31.05 17.37
N SER A 105 -7.55 32.31 16.97
CA SER A 105 -6.50 33.28 17.22
C SER A 105 -6.80 34.09 18.48
N SER A 106 -5.85 34.94 18.87
CA SER A 106 -6.00 35.76 20.07
C SER A 106 -6.87 36.99 19.77
N GLY A 107 -7.73 37.34 20.72
CA GLY A 107 -8.59 38.48 20.53
C GLY A 107 -10.05 38.09 20.36
#